data_5CNK
#
_entry.id   5CNK
#
_cell.length_a   138.344
_cell.length_b   80.004
_cell.length_c   206.861
_cell.angle_alpha   90.00
_cell.angle_beta   130.73
_cell.angle_gamma   90.00
#
_symmetry.space_group_name_H-M   'C 1 2 1'
#
loop_
_entity.id
_entity.type
_entity.pdbx_description
1 polymer 'Metabotropic glutamate receptor 3'
2 non-polymer 'GLUTAMIC ACID'
3 non-polymer 'IODIDE ION'
4 water water
#
_entity_poly.entity_id   1
_entity_poly.type   'polypeptide(L)'
_entity_poly.pdbx_seq_one_letter_code
;MALKMLTRLQVLTLALFSKGFLLSLGDHNFLRREIKIEGDLVLGGLFPINEKGTGTEECGRINEDRGIQRLEAMLFAIDE
INKDDYLLPGVKLGVHILDTCSRDTYALEQSLEFVRASLTKVDEAEYMCPDGSYAIQENIPLLIAGVIGGSYSSVSIQVA
NLLRLFQIPQISYASTSAKLSDKSRYDYFARTVPPDFYQAKAMAEILRFFNWTYVSTVASEGDYGETGIEAFEQEARLRN
ISIATAEKVGRSNIRKSYDSVIRELLQKPNARVVVLFMRSDDSRELIAAASRANASFTWVASDGWGAQESIIKGSEHVAY
GAITLELASQPVRQFDRYFQSLNPYNNHRNPWFRDFWEQKFQCSLQNKRNHRRVCDKHLAIDSSNYEQESKIMFVVNAVY
AMAHALHKMQRTLCPNTTKLCDAMKILDGKKLYKDYLLKINFTAPFNPNKDADSIVKFDTFGDGMGRYNVFNFQNVGGKY
SYLKVGHWAETLSLDVNSIHWSRNSVPTSEGHHHHHH
;
_entity_poly.pdbx_strand_id   A,B,C
#
loop_
_chem_comp.id
_chem_comp.type
_chem_comp.name
_chem_comp.formula
IOD non-polymer 'IODIDE ION' 'I -1'
#
# COMPACT_ATOMS: atom_id res chain seq x y z
N ARG A 32 -24.34 -6.62 2.12
CA ARG A 32 -24.85 -7.69 1.25
C ARG A 32 -24.82 -7.21 -0.18
N ARG A 33 -24.35 -8.07 -1.11
CA ARG A 33 -24.18 -7.72 -2.54
C ARG A 33 -24.43 -8.92 -3.43
N GLU A 34 -24.77 -8.66 -4.72
CA GLU A 34 -25.02 -9.71 -5.71
C GLU A 34 -24.92 -9.22 -7.15
N ILE A 35 -24.85 -10.18 -8.08
CA ILE A 35 -24.82 -9.92 -9.52
C ILE A 35 -26.03 -10.61 -10.12
N LYS A 36 -27.01 -9.82 -10.56
CA LYS A 36 -28.21 -10.33 -11.22
C LYS A 36 -28.26 -9.79 -12.61
N ILE A 37 -28.02 -10.65 -13.59
CA ILE A 37 -28.09 -10.31 -15.00
C ILE A 37 -29.22 -11.19 -15.52
N GLU A 38 -30.30 -10.57 -15.99
CA GLU A 38 -31.45 -11.33 -16.49
C GLU A 38 -31.16 -11.88 -17.88
N GLY A 39 -31.67 -13.09 -18.11
CA GLY A 39 -31.52 -13.84 -19.36
C GLY A 39 -32.66 -14.80 -19.52
N ASP A 40 -32.71 -15.49 -20.65
CA ASP A 40 -33.76 -16.48 -20.95
C ASP A 40 -33.64 -17.66 -20.00
N LEU A 41 -32.39 -18.05 -19.69
CA LEU A 41 -32.01 -19.06 -18.71
C LEU A 41 -30.93 -18.42 -17.82
N VAL A 42 -31.06 -18.56 -16.50
CA VAL A 42 -30.13 -17.96 -15.54
C VAL A 42 -29.29 -19.03 -14.84
N LEU A 43 -27.98 -18.77 -14.73
CA LEU A 43 -27.07 -19.65 -14.02
C LEU A 43 -26.69 -19.03 -12.69
N GLY A 44 -26.76 -19.84 -11.64
CA GLY A 44 -26.34 -19.46 -10.31
C GLY A 44 -24.84 -19.60 -10.24
N GLY A 45 -24.22 -18.79 -9.38
CA GLY A 45 -22.79 -18.78 -9.20
C GLY A 45 -22.45 -18.52 -7.75
N LEU A 46 -21.41 -19.23 -7.23
CA LEU A 46 -20.94 -19.11 -5.84
C LEU A 46 -19.43 -19.05 -5.80
N PHE A 47 -18.87 -17.94 -5.32
CA PHE A 47 -17.40 -17.74 -5.30
C PHE A 47 -16.96 -17.20 -3.96
N PRO A 48 -15.78 -17.58 -3.42
CA PRO A 48 -15.37 -16.98 -2.15
C PRO A 48 -14.72 -15.61 -2.40
N ILE A 49 -15.54 -14.61 -2.73
CA ILE A 49 -15.10 -13.25 -3.05
C ILE A 49 -14.30 -12.63 -1.90
N ASN A 50 -14.79 -12.88 -0.68
CA ASN A 50 -14.16 -12.45 0.55
C ASN A 50 -13.70 -13.63 1.36
N GLU A 51 -12.66 -13.43 2.15
CA GLU A 51 -12.17 -14.44 3.08
C GLU A 51 -13.17 -14.52 4.25
N LYS A 52 -13.02 -15.51 5.18
CA LYS A 52 -13.84 -15.57 6.40
C LYS A 52 -13.40 -14.35 7.23
N GLY A 53 -14.31 -13.73 7.96
CA GLY A 53 -14.00 -12.58 8.80
C GLY A 53 -13.36 -13.00 10.11
N THR A 54 -12.47 -12.16 10.65
CA THR A 54 -11.77 -12.43 11.93
C THR A 54 -12.71 -12.26 13.14
N GLY A 55 -12.51 -13.10 14.15
CA GLY A 55 -13.30 -13.07 15.38
C GLY A 55 -14.73 -13.49 15.19
N THR A 56 -15.60 -12.53 14.81
CA THR A 56 -17.05 -12.76 14.62
C THR A 56 -17.56 -12.44 13.21
N GLU A 57 -17.11 -11.29 12.62
CA GLU A 57 -17.53 -10.82 11.29
C GLU A 57 -17.54 -11.93 10.22
N GLU A 58 -18.66 -12.02 9.46
CA GLU A 58 -18.89 -13.05 8.42
C GLU A 58 -17.89 -12.94 7.30
N CYS A 59 -17.57 -11.69 6.88
CA CYS A 59 -16.69 -11.45 5.73
C CYS A 59 -15.49 -10.58 6.05
N GLY A 60 -14.34 -10.97 5.49
CA GLY A 60 -13.07 -10.27 5.68
C GLY A 60 -12.56 -9.60 4.41
N ARG A 61 -11.25 -9.68 4.20
CA ARG A 61 -10.54 -9.15 3.02
C ARG A 61 -11.09 -9.77 1.75
N ILE A 62 -10.80 -9.13 0.63
CA ILE A 62 -11.17 -9.65 -0.68
C ILE A 62 -10.16 -10.77 -0.97
N ASN A 63 -10.64 -11.89 -1.56
CA ASN A 63 -9.82 -13.00 -2.04
C ASN A 63 -9.61 -12.66 -3.53
N GLU A 64 -8.44 -12.06 -3.86
CA GLU A 64 -8.12 -11.53 -5.17
C GLU A 64 -8.07 -12.59 -6.28
N ASP A 65 -7.25 -13.64 -6.12
CA ASP A 65 -7.05 -14.70 -7.10
C ASP A 65 -8.11 -15.80 -7.14
N ARG A 66 -8.49 -16.35 -6.00
CA ARG A 66 -9.49 -17.40 -5.96
C ARG A 66 -10.93 -16.89 -5.77
N GLY A 67 -11.09 -15.59 -5.58
CA GLY A 67 -12.41 -14.98 -5.43
C GLY A 67 -12.81 -14.21 -6.67
N ILE A 68 -12.26 -12.99 -6.80
CA ILE A 68 -12.51 -12.01 -7.87
C ILE A 68 -12.20 -12.56 -9.28
N GLN A 69 -11.00 -13.13 -9.50
CA GLN A 69 -10.61 -13.67 -10.80
C GLN A 69 -11.60 -14.74 -11.29
N ARG A 70 -11.94 -15.69 -10.40
CA ARG A 70 -12.87 -16.80 -10.69
C ARG A 70 -14.26 -16.30 -11.02
N LEU A 71 -14.74 -15.30 -10.26
CA LEU A 71 -16.03 -14.62 -10.47
C LEU A 71 -16.01 -14.10 -11.90
N GLU A 72 -14.97 -13.32 -12.25
CA GLU A 72 -14.79 -12.70 -13.55
C GLU A 72 -14.66 -13.72 -14.67
N ALA A 73 -14.05 -14.92 -14.39
CA ALA A 73 -13.96 -15.99 -15.38
C ALA A 73 -15.35 -16.53 -15.74
N MET A 74 -16.31 -16.50 -14.78
CA MET A 74 -17.67 -16.93 -15.06
C MET A 74 -18.36 -15.89 -15.93
N LEU A 75 -18.19 -14.60 -15.59
CA LEU A 75 -18.76 -13.48 -16.33
C LEU A 75 -18.23 -13.46 -17.76
N PHE A 76 -16.93 -13.68 -17.92
CA PHE A 76 -16.24 -13.77 -19.21
C PHE A 76 -16.81 -14.92 -20.04
N ALA A 77 -16.96 -16.13 -19.44
CA ALA A 77 -17.52 -17.30 -20.14
C ALA A 77 -18.95 -17.01 -20.58
N ILE A 78 -19.78 -16.39 -19.72
CA ILE A 78 -21.18 -16.04 -20.01
C ILE A 78 -21.23 -15.07 -21.21
N ASP A 79 -20.32 -14.06 -21.23
CA ASP A 79 -20.19 -13.08 -22.31
C ASP A 79 -19.85 -13.78 -23.64
N GLU A 80 -18.85 -14.70 -23.62
CA GLU A 80 -18.43 -15.47 -24.79
C GLU A 80 -19.55 -16.36 -25.33
N ILE A 81 -20.28 -17.07 -24.44
CA ILE A 81 -21.41 -17.93 -24.85
C ILE A 81 -22.50 -17.07 -25.48
N ASN A 82 -22.78 -15.88 -24.92
CA ASN A 82 -23.79 -14.96 -25.44
C ASN A 82 -23.41 -14.31 -26.77
N LYS A 83 -22.14 -14.48 -27.22
CA LYS A 83 -21.61 -14.00 -28.49
C LYS A 83 -21.50 -15.17 -29.49
N ASP A 84 -21.59 -16.42 -28.98
CA ASP A 84 -21.48 -17.66 -29.76
C ASP A 84 -22.77 -17.94 -30.53
N ASP A 85 -22.64 -18.04 -31.87
CA ASP A 85 -23.77 -18.34 -32.75
C ASP A 85 -23.99 -19.84 -32.91
N TYR A 86 -23.05 -20.66 -32.39
CA TYR A 86 -23.14 -22.12 -32.47
C TYR A 86 -23.57 -22.77 -31.14
N LEU A 87 -23.48 -22.01 -30.03
CA LEU A 87 -23.84 -22.48 -28.70
C LEU A 87 -24.87 -21.53 -28.14
N LEU A 88 -26.09 -22.04 -27.94
CA LEU A 88 -27.29 -21.32 -27.47
C LEU A 88 -27.63 -20.04 -28.26
N PRO A 89 -27.68 -20.05 -29.63
CA PRO A 89 -28.14 -18.84 -30.32
C PRO A 89 -29.65 -18.77 -30.07
N GLY A 90 -30.17 -17.57 -29.84
CA GLY A 90 -31.59 -17.40 -29.51
C GLY A 90 -31.89 -17.59 -28.04
N VAL A 91 -30.93 -18.12 -27.24
CA VAL A 91 -31.07 -18.32 -25.79
C VAL A 91 -29.96 -17.54 -25.05
N LYS A 92 -30.33 -16.37 -24.48
CA LYS A 92 -29.42 -15.53 -23.71
C LYS A 92 -29.23 -16.08 -22.28
N LEU A 93 -27.96 -16.24 -21.87
CA LEU A 93 -27.63 -16.72 -20.52
C LEU A 93 -27.46 -15.58 -19.52
N GLY A 94 -28.32 -15.57 -18.53
CA GLY A 94 -28.26 -14.62 -17.43
C GLY A 94 -27.54 -15.24 -16.26
N VAL A 95 -27.23 -14.44 -15.23
CA VAL A 95 -26.52 -14.96 -14.04
C VAL A 95 -27.12 -14.47 -12.73
N HIS A 96 -26.79 -15.18 -11.65
CA HIS A 96 -27.11 -14.80 -10.27
C HIS A 96 -25.95 -15.28 -9.44
N ILE A 97 -24.99 -14.37 -9.27
CA ILE A 97 -23.74 -14.68 -8.59
C ILE A 97 -23.70 -14.10 -7.21
N LEU A 98 -23.37 -14.95 -6.21
CA LEU A 98 -23.30 -14.60 -4.81
C LEU A 98 -21.95 -14.95 -4.16
N ASP A 99 -21.62 -14.22 -3.11
CA ASP A 99 -20.41 -14.39 -2.30
C ASP A 99 -20.71 -15.41 -1.21
N THR A 100 -19.74 -16.28 -0.95
CA THR A 100 -19.87 -17.31 0.07
C THR A 100 -19.10 -16.89 1.32
N CYS A 101 -18.24 -15.85 1.22
CA CYS A 101 -17.35 -15.34 2.28
C CYS A 101 -16.50 -16.44 2.88
N SER A 102 -16.20 -17.44 2.03
CA SER A 102 -15.40 -18.64 2.32
C SER A 102 -15.98 -19.50 3.47
N ARG A 103 -17.31 -19.33 3.79
CA ARG A 103 -18.04 -20.06 4.86
C ARG A 103 -19.20 -20.87 4.30
N ASP A 104 -19.38 -22.13 4.74
CA ASP A 104 -20.50 -23.01 4.31
C ASP A 104 -21.83 -22.56 4.87
N THR A 105 -21.79 -21.97 6.06
CA THR A 105 -22.97 -21.42 6.75
C THR A 105 -23.51 -20.22 6.00
N TYR A 106 -22.59 -19.33 5.56
CA TYR A 106 -22.91 -18.14 4.79
C TYR A 106 -23.44 -18.55 3.40
N ALA A 107 -22.85 -19.58 2.79
CA ALA A 107 -23.20 -20.08 1.46
C ALA A 107 -24.61 -20.67 1.42
N LEU A 108 -25.05 -21.31 2.51
CA LEU A 108 -26.39 -21.88 2.60
C LEU A 108 -27.46 -20.78 2.61
N GLU A 109 -27.20 -19.70 3.35
CA GLU A 109 -28.10 -18.56 3.42
C GLU A 109 -28.25 -17.96 2.02
N GLN A 110 -27.11 -17.76 1.31
CA GLN A 110 -27.06 -17.22 -0.04
C GLN A 110 -27.77 -18.15 -1.03
N SER A 111 -27.58 -19.48 -0.87
CA SER A 111 -28.20 -20.49 -1.76
C SER A 111 -29.72 -20.56 -1.68
N LEU A 112 -30.31 -20.04 -0.61
CA LEU A 112 -31.75 -19.96 -0.41
C LEU A 112 -32.37 -19.09 -1.51
N GLU A 113 -31.64 -18.06 -1.94
CA GLU A 113 -32.05 -17.15 -3.01
C GLU A 113 -32.23 -17.88 -4.34
N PHE A 114 -31.47 -18.95 -4.59
CA PHE A 114 -31.59 -19.74 -5.82
C PHE A 114 -32.85 -20.61 -5.83
N VAL A 115 -33.40 -20.93 -4.64
CA VAL A 115 -34.55 -21.84 -4.51
C VAL A 115 -35.87 -21.13 -4.11
N ARG A 116 -35.78 -19.84 -3.74
CA ARG A 116 -36.90 -18.99 -3.33
C ARG A 116 -38.00 -18.95 -4.42
N ALA A 117 -37.60 -18.80 -5.71
CA ALA A 117 -38.50 -18.75 -6.86
C ALA A 117 -39.23 -20.08 -7.11
N SER A 118 -38.83 -21.17 -6.43
CA SER A 118 -39.47 -22.48 -6.53
C SER A 118 -40.35 -22.73 -5.31
N LEU A 119 -40.22 -21.87 -4.27
CA LEU A 119 -40.98 -21.92 -3.02
C LEU A 119 -42.00 -20.79 -2.96
N ILE A 140 -38.76 -10.54 -7.64
CA ILE A 140 -37.50 -10.54 -6.91
C ILE A 140 -36.71 -11.87 -7.15
N PRO A 141 -37.16 -13.08 -6.70
CA PRO A 141 -36.34 -14.28 -6.98
C PRO A 141 -36.57 -14.85 -8.37
N LEU A 142 -35.46 -15.06 -9.10
CA LEU A 142 -35.42 -15.60 -10.46
C LEU A 142 -35.27 -17.13 -10.45
N LEU A 143 -35.71 -17.80 -11.53
CA LEU A 143 -35.62 -19.26 -11.74
C LEU A 143 -34.15 -19.61 -12.08
N ILE A 144 -33.59 -20.69 -11.51
CA ILE A 144 -32.19 -21.09 -11.72
C ILE A 144 -32.08 -22.44 -12.44
N ALA A 145 -31.45 -22.42 -13.64
CA ALA A 145 -31.22 -23.58 -14.51
C ALA A 145 -30.13 -24.53 -13.98
N GLY A 146 -29.07 -23.95 -13.43
CA GLY A 146 -27.92 -24.68 -12.88
C GLY A 146 -27.06 -23.79 -12.01
N VAL A 147 -26.22 -24.40 -11.17
CA VAL A 147 -25.36 -23.61 -10.28
C VAL A 147 -23.89 -23.93 -10.49
N ILE A 148 -23.06 -22.87 -10.62
CA ILE A 148 -21.62 -22.93 -10.81
C ILE A 148 -20.94 -22.62 -9.46
N GLY A 149 -20.32 -23.65 -8.88
CA GLY A 149 -19.64 -23.54 -7.60
C GLY A 149 -19.98 -24.61 -6.57
N GLY A 150 -19.46 -24.47 -5.35
CA GLY A 150 -18.54 -23.41 -4.96
C GLY A 150 -17.12 -23.86 -5.16
N SER A 151 -16.20 -23.28 -4.35
CA SER A 151 -14.75 -23.49 -4.35
C SER A 151 -14.43 -24.49 -3.25
N TYR A 152 -14.63 -24.12 -1.98
CA TYR A 152 -14.41 -24.99 -0.82
C TYR A 152 -15.39 -26.15 -0.83
N SER A 153 -14.89 -27.35 -0.56
CA SER A 153 -15.70 -28.55 -0.55
C SER A 153 -16.86 -28.48 0.44
N SER A 154 -16.67 -27.87 1.61
CA SER A 154 -17.73 -27.75 2.64
C SER A 154 -18.90 -26.94 2.14
N VAL A 155 -18.63 -25.83 1.40
CA VAL A 155 -19.73 -25.03 0.87
C VAL A 155 -20.43 -25.82 -0.27
N SER A 156 -19.67 -26.47 -1.18
CA SER A 156 -20.27 -27.27 -2.24
C SER A 156 -21.18 -28.35 -1.67
N ILE A 157 -20.78 -28.94 -0.54
CA ILE A 157 -21.54 -30.00 0.15
C ILE A 157 -22.84 -29.44 0.71
N GLN A 158 -22.75 -28.33 1.46
CA GLN A 158 -23.92 -27.66 2.03
C GLN A 158 -24.94 -27.26 0.97
N VAL A 159 -24.44 -26.65 -0.12
CA VAL A 159 -25.22 -26.18 -1.26
C VAL A 159 -25.91 -27.38 -1.94
N ALA A 160 -25.14 -28.46 -2.20
CA ALA A 160 -25.65 -29.67 -2.81
C ALA A 160 -26.80 -30.31 -2.04
N ASN A 161 -26.74 -30.28 -0.70
CA ASN A 161 -27.76 -30.82 0.20
C ASN A 161 -29.08 -30.12 -0.06
N LEU A 162 -29.04 -28.79 -0.32
CA LEU A 162 -30.20 -27.96 -0.59
C LEU A 162 -30.72 -28.13 -2.04
N LEU A 163 -29.81 -28.01 -3.02
CA LEU A 163 -30.12 -28.05 -4.46
C LEU A 163 -30.71 -29.35 -4.93
N ARG A 164 -30.27 -30.49 -4.38
CA ARG A 164 -30.84 -31.78 -4.78
C ARG A 164 -32.37 -31.85 -4.50
N LEU A 165 -32.84 -31.13 -3.48
CA LEU A 165 -34.25 -31.06 -3.10
C LEU A 165 -35.10 -30.31 -4.13
N PHE A 166 -34.47 -29.56 -5.02
CA PHE A 166 -35.14 -28.77 -6.06
C PHE A 166 -34.70 -29.20 -7.46
N GLN A 167 -34.03 -30.38 -7.55
CA GLN A 167 -33.52 -30.97 -8.80
C GLN A 167 -32.68 -29.95 -9.60
N ILE A 168 -31.85 -29.14 -8.92
CA ILE A 168 -31.01 -28.14 -9.60
C ILE A 168 -29.61 -28.70 -9.86
N PRO A 169 -29.16 -28.85 -11.13
CA PRO A 169 -27.80 -29.35 -11.37
C PRO A 169 -26.72 -28.37 -10.88
N GLN A 170 -25.64 -28.92 -10.32
CA GLN A 170 -24.56 -28.14 -9.74
C GLN A 170 -23.23 -28.61 -10.27
N ILE A 171 -22.39 -27.65 -10.72
CA ILE A 171 -21.06 -27.96 -11.23
C ILE A 171 -20.00 -27.17 -10.46
N SER A 172 -19.09 -27.88 -9.78
CA SER A 172 -18.02 -27.21 -9.08
C SER A 172 -16.79 -27.16 -9.97
N TYR A 173 -16.06 -26.07 -9.90
CA TYR A 173 -14.84 -25.83 -10.67
C TYR A 173 -13.60 -26.00 -9.78
N ALA A 174 -13.76 -26.25 -8.45
CA ALA A 174 -12.64 -26.36 -7.50
C ALA A 174 -12.79 -27.36 -6.36
N SER A 175 -14.02 -27.81 -6.03
CA SER A 175 -14.25 -28.77 -4.92
C SER A 175 -13.75 -30.17 -5.25
N THR A 176 -12.72 -30.60 -4.52
CA THR A 176 -12.07 -31.89 -4.76
C THR A 176 -12.37 -32.99 -3.73
N SER A 177 -13.17 -32.74 -2.67
CA SER A 177 -13.49 -33.79 -1.68
C SER A 177 -14.01 -35.08 -2.31
N ALA A 178 -13.45 -36.22 -1.88
CA ALA A 178 -13.90 -37.50 -2.41
C ALA A 178 -15.37 -37.79 -2.05
N LYS A 179 -15.89 -37.16 -0.95
CA LYS A 179 -17.26 -37.25 -0.46
C LYS A 179 -18.27 -36.94 -1.57
N LEU A 180 -17.96 -35.89 -2.37
CA LEU A 180 -18.84 -35.42 -3.46
C LEU A 180 -18.98 -36.39 -4.65
N SER A 181 -18.18 -37.49 -4.68
CA SER A 181 -18.30 -38.54 -5.71
C SER A 181 -19.44 -39.55 -5.38
N ASP A 182 -20.02 -39.46 -4.14
CA ASP A 182 -21.13 -40.29 -3.70
C ASP A 182 -22.41 -39.81 -4.38
N LYS A 183 -22.82 -40.50 -5.46
CA LYS A 183 -24.01 -40.15 -6.22
C LYS A 183 -25.33 -40.49 -5.53
N SER A 184 -25.29 -41.38 -4.50
CA SER A 184 -26.50 -41.70 -3.74
C SER A 184 -26.88 -40.51 -2.83
N ARG A 185 -25.88 -39.68 -2.49
CA ARG A 185 -26.04 -38.50 -1.63
C ARG A 185 -26.05 -37.18 -2.44
N TYR A 186 -25.15 -37.04 -3.43
CA TYR A 186 -25.02 -35.84 -4.25
C TYR A 186 -25.39 -36.14 -5.71
N ASP A 187 -26.68 -36.50 -5.90
CA ASP A 187 -27.27 -36.94 -7.15
C ASP A 187 -27.37 -35.84 -8.24
N TYR A 188 -27.22 -34.57 -7.89
CA TYR A 188 -27.30 -33.46 -8.87
C TYR A 188 -25.99 -32.72 -9.03
N PHE A 189 -24.93 -33.33 -8.51
CA PHE A 189 -23.60 -32.73 -8.48
C PHE A 189 -22.64 -33.33 -9.49
N ALA A 190 -21.93 -32.46 -10.19
CA ALA A 190 -20.86 -32.81 -11.11
C ALA A 190 -19.75 -31.79 -10.87
N ARG A 191 -18.58 -32.02 -11.46
CA ARG A 191 -17.44 -31.14 -11.27
C ARG A 191 -16.43 -31.29 -12.40
N THR A 192 -15.76 -30.19 -12.77
CA THR A 192 -14.74 -30.22 -13.83
C THR A 192 -13.38 -30.64 -13.25
N VAL A 193 -13.39 -30.97 -11.96
CA VAL A 193 -12.17 -31.30 -11.22
C VAL A 193 -12.21 -32.75 -10.69
N PRO A 194 -11.05 -33.42 -10.45
CA PRO A 194 -11.12 -34.79 -9.97
C PRO A 194 -11.26 -34.94 -8.43
N PRO A 195 -11.66 -36.14 -7.91
CA PRO A 195 -11.70 -36.33 -6.44
C PRO A 195 -10.28 -36.43 -5.85
N ASP A 196 -10.12 -36.19 -4.54
CA ASP A 196 -8.81 -36.22 -3.89
C ASP A 196 -8.25 -37.59 -3.60
N PHE A 197 -8.92 -38.64 -4.09
CA PHE A 197 -8.46 -40.00 -4.03
C PHE A 197 -7.14 -40.05 -4.79
N TYR A 198 -7.09 -39.35 -5.92
CA TYR A 198 -5.92 -39.28 -6.79
C TYR A 198 -4.82 -38.39 -6.26
N GLN A 199 -5.14 -37.17 -5.75
CA GLN A 199 -4.15 -36.26 -5.21
C GLN A 199 -3.41 -36.86 -4.03
N ALA A 200 -4.13 -37.58 -3.15
CA ALA A 200 -3.55 -38.27 -2.00
C ALA A 200 -2.51 -39.32 -2.44
N LYS A 201 -2.85 -40.08 -3.51
CA LYS A 201 -2.01 -41.10 -4.12
C LYS A 201 -0.78 -40.42 -4.70
N ALA A 202 -0.98 -39.35 -5.50
CA ALA A 202 0.10 -38.56 -6.10
C ALA A 202 1.10 -38.10 -5.03
N MET A 203 0.61 -37.63 -3.86
CA MET A 203 1.43 -37.17 -2.73
C MET A 203 2.18 -38.29 -2.06
N ALA A 204 1.53 -39.45 -1.84
CA ALA A 204 2.19 -40.62 -1.24
C ALA A 204 3.30 -41.14 -2.15
N GLU A 205 3.08 -41.11 -3.49
CA GLU A 205 4.05 -41.53 -4.51
C GLU A 205 5.27 -40.60 -4.56
N ILE A 206 5.08 -39.28 -4.33
CA ILE A 206 6.17 -38.32 -4.25
C ILE A 206 7.06 -38.66 -3.04
N LEU A 207 6.45 -38.94 -1.87
CA LEU A 207 7.25 -39.26 -0.69
C LEU A 207 8.00 -40.56 -0.84
N ARG A 208 7.32 -41.58 -1.38
CA ARG A 208 7.91 -42.91 -1.62
C ARG A 208 9.12 -42.82 -2.55
N PHE A 209 9.01 -41.97 -3.61
CA PHE A 209 10.05 -41.68 -4.58
C PHE A 209 11.32 -41.08 -3.94
N PHE A 210 11.16 -40.23 -2.91
CA PHE A 210 12.28 -39.59 -2.22
C PHE A 210 12.65 -40.27 -0.92
N ASN A 211 12.02 -41.43 -0.64
CA ASN A 211 12.25 -42.24 0.55
C ASN A 211 11.97 -41.47 1.84
N TRP A 212 10.94 -40.59 1.79
CA TRP A 212 10.45 -39.82 2.93
C TRP A 212 9.49 -40.76 3.64
N THR A 213 10.06 -41.61 4.50
CA THR A 213 9.38 -42.69 5.19
C THR A 213 8.87 -42.33 6.61
N TYR A 214 9.27 -41.17 7.15
CA TYR A 214 8.83 -40.71 8.48
C TYR A 214 8.49 -39.22 8.37
N VAL A 215 7.19 -38.95 8.19
CA VAL A 215 6.65 -37.61 7.92
C VAL A 215 5.60 -37.15 8.93
N SER A 216 5.37 -35.85 9.01
CA SER A 216 4.31 -35.27 9.84
C SER A 216 3.21 -34.81 8.88
N THR A 217 1.97 -34.72 9.38
CA THR A 217 0.84 -34.28 8.56
C THR A 217 0.12 -33.17 9.31
N VAL A 218 -0.47 -32.24 8.56
CA VAL A 218 -1.33 -31.17 9.07
C VAL A 218 -2.49 -31.06 8.12
N ALA A 219 -3.69 -31.08 8.68
CA ALA A 219 -4.91 -31.00 7.91
C ALA A 219 -5.86 -29.92 8.41
N SER A 220 -6.57 -29.31 7.49
CA SER A 220 -7.61 -28.36 7.84
C SER A 220 -8.81 -29.22 8.29
N GLU A 221 -9.49 -28.85 9.41
CA GLU A 221 -10.71 -29.53 9.83
C GLU A 221 -11.76 -29.17 8.73
N GLY A 222 -12.71 -30.05 8.47
CA GLY A 222 -13.70 -29.83 7.42
C GLY A 222 -13.63 -30.92 6.39
N ASP A 223 -14.46 -30.83 5.37
CA ASP A 223 -14.63 -31.83 4.31
C ASP A 223 -13.43 -32.02 3.38
N TYR A 224 -12.64 -30.98 3.15
CA TYR A 224 -11.48 -31.11 2.28
C TYR A 224 -10.32 -31.78 2.98
N GLY A 225 -9.83 -31.16 4.06
CA GLY A 225 -8.64 -31.58 4.78
C GLY A 225 -8.68 -32.95 5.41
N GLU A 226 -9.79 -33.25 6.12
CA GLU A 226 -9.96 -34.50 6.85
C GLU A 226 -10.03 -35.73 5.96
N THR A 227 -10.87 -35.72 4.90
CA THR A 227 -10.94 -36.86 3.98
C THR A 227 -9.70 -36.95 3.10
N GLY A 228 -9.08 -35.80 2.76
CA GLY A 228 -7.85 -35.72 1.99
C GLY A 228 -6.72 -36.38 2.73
N ILE A 229 -6.50 -36.00 4.00
CA ILE A 229 -5.43 -36.59 4.78
C ILE A 229 -5.72 -38.07 5.12
N GLU A 230 -7.00 -38.46 5.37
CA GLU A 230 -7.41 -39.85 5.62
C GLU A 230 -7.01 -40.69 4.40
N ALA A 231 -7.29 -40.21 3.16
CA ALA A 231 -6.91 -40.88 1.92
C ALA A 231 -5.39 -40.99 1.78
N PHE A 232 -4.66 -39.92 2.15
CA PHE A 232 -3.21 -39.89 2.11
C PHE A 232 -2.64 -40.94 3.07
N GLU A 233 -3.16 -40.98 4.32
CA GLU A 233 -2.72 -41.92 5.35
C GLU A 233 -2.86 -43.39 4.91
N GLN A 234 -3.89 -43.74 4.09
CA GLN A 234 -4.08 -45.09 3.55
C GLN A 234 -3.00 -45.40 2.52
N GLU A 235 -2.76 -44.47 1.58
CA GLU A 235 -1.76 -44.59 0.51
C GLU A 235 -0.33 -44.66 1.08
N ALA A 236 -0.04 -43.82 2.09
CA ALA A 236 1.26 -43.77 2.76
C ALA A 236 1.56 -45.12 3.40
N ARG A 237 0.58 -45.70 4.14
CA ARG A 237 0.68 -47.00 4.82
C ARG A 237 0.94 -48.14 3.84
N LEU A 238 0.33 -48.08 2.63
CA LEU A 238 0.54 -49.07 1.55
C LEU A 238 1.97 -48.98 1.00
N ARG A 239 2.67 -47.86 1.27
CA ARG A 239 4.02 -47.59 0.80
C ARG A 239 5.04 -47.56 1.92
N ASN A 240 4.66 -48.11 3.10
CA ASN A 240 5.51 -48.22 4.30
C ASN A 240 6.04 -46.85 4.81
N ILE A 241 5.20 -45.80 4.65
CA ILE A 241 5.45 -44.43 5.12
C ILE A 241 4.72 -44.27 6.46
N SER A 242 5.47 -43.92 7.52
CA SER A 242 4.95 -43.73 8.87
C SER A 242 4.64 -42.26 9.12
N ILE A 243 3.63 -41.99 9.95
CA ILE A 243 3.22 -40.64 10.30
C ILE A 243 3.63 -40.33 11.76
N ALA A 244 4.57 -39.36 11.94
CA ALA A 244 5.15 -38.91 13.22
C ALA A 244 4.10 -38.25 14.11
N THR A 245 3.47 -37.18 13.60
CA THR A 245 2.41 -36.46 14.28
C THR A 245 1.37 -36.06 13.23
N ALA A 246 0.11 -36.08 13.62
CA ALA A 246 -0.99 -35.73 12.74
C ALA A 246 -1.77 -34.59 13.38
N GLU A 247 -1.54 -33.38 12.89
CA GLU A 247 -2.22 -32.21 13.43
C GLU A 247 -3.38 -31.77 12.59
N LYS A 248 -4.35 -31.15 13.25
CA LYS A 248 -5.53 -30.58 12.64
C LYS A 248 -5.57 -29.10 13.02
N VAL A 249 -5.95 -28.27 12.05
CA VAL A 249 -6.08 -26.82 12.23
C VAL A 249 -7.46 -26.38 11.83
N GLY A 250 -7.84 -25.20 12.24
CA GLY A 250 -9.15 -24.65 11.93
C GLY A 250 -9.66 -23.73 13.02
N ARG A 251 -10.85 -23.18 12.84
CA ARG A 251 -11.31 -22.21 13.82
C ARG A 251 -12.07 -22.70 15.04
N SER A 252 -12.97 -23.70 14.92
CA SER A 252 -13.80 -24.29 15.98
C SER A 252 -13.12 -24.38 17.36
N ASN A 253 -13.89 -24.48 18.43
CA ASN A 253 -13.38 -24.54 19.80
C ASN A 253 -12.48 -25.74 20.12
N ILE A 254 -12.46 -26.77 19.28
CA ILE A 254 -11.72 -28.02 19.50
C ILE A 254 -10.26 -27.98 19.01
N ARG A 255 -9.93 -27.04 18.10
CA ARG A 255 -8.60 -26.95 17.50
C ARG A 255 -7.56 -26.22 18.31
N LYS A 256 -6.32 -26.67 18.16
CA LYS A 256 -5.18 -26.04 18.78
C LYS A 256 -4.76 -24.82 17.96
N SER A 257 -3.93 -23.94 18.56
CA SER A 257 -3.35 -22.75 17.91
C SER A 257 -2.39 -23.18 16.79
N TYR A 258 -2.14 -22.29 15.83
CA TYR A 258 -1.20 -22.52 14.74
C TYR A 258 0.20 -22.59 15.31
N ASP A 259 0.47 -21.81 16.38
CA ASP A 259 1.74 -21.81 17.10
C ASP A 259 1.91 -23.12 17.88
N SER A 260 0.81 -23.70 18.40
CA SER A 260 0.85 -24.95 19.12
C SER A 260 1.13 -26.12 18.16
N VAL A 261 0.57 -26.05 16.94
CA VAL A 261 0.76 -27.03 15.86
C VAL A 261 2.24 -27.04 15.41
N ILE A 262 2.82 -25.84 15.22
CA ILE A 262 4.24 -25.68 14.85
C ILE A 262 5.14 -26.28 15.97
N ARG A 263 4.77 -26.04 17.25
CA ARG A 263 5.46 -26.58 18.42
C ARG A 263 5.42 -28.12 18.40
N GLU A 264 4.26 -28.70 17.98
CA GLU A 264 4.11 -30.16 17.86
C GLU A 264 4.98 -30.72 16.74
N LEU A 265 5.12 -29.96 15.63
CA LEU A 265 5.93 -30.37 14.50
C LEU A 265 7.42 -30.37 14.87
N LEU A 266 7.87 -29.34 15.63
CA LEU A 266 9.27 -29.22 16.05
C LEU A 266 9.66 -30.27 17.10
N GLN A 267 8.67 -30.79 17.84
CA GLN A 267 8.82 -31.84 18.85
C GLN A 267 9.22 -33.21 18.25
N LYS A 268 9.11 -33.37 16.91
CA LYS A 268 9.53 -34.56 16.15
C LYS A 268 10.55 -34.08 15.09
N PRO A 269 11.81 -33.75 15.50
CA PRO A 269 12.80 -33.21 14.53
C PRO A 269 13.21 -34.17 13.42
N ASN A 270 12.97 -35.45 13.66
CA ASN A 270 13.20 -36.60 12.79
C ASN A 270 12.37 -36.47 11.48
N ALA A 271 11.13 -35.95 11.59
CA ALA A 271 10.19 -35.73 10.47
C ALA A 271 10.34 -34.30 9.92
N ARG A 272 11.22 -34.16 8.93
CA ARG A 272 11.53 -32.88 8.31
C ARG A 272 10.58 -32.52 7.16
N VAL A 273 9.88 -33.54 6.64
CA VAL A 273 8.87 -33.40 5.60
C VAL A 273 7.50 -33.35 6.26
N VAL A 274 6.73 -32.27 5.99
CA VAL A 274 5.38 -32.08 6.53
C VAL A 274 4.38 -32.07 5.38
N VAL A 275 3.45 -33.05 5.37
CA VAL A 275 2.40 -33.18 4.35
C VAL A 275 1.18 -32.34 4.78
N LEU A 276 0.72 -31.46 3.90
CA LEU A 276 -0.40 -30.56 4.20
C LEU A 276 -1.61 -30.79 3.29
N PHE A 277 -2.77 -31.08 3.90
CA PHE A 277 -4.04 -31.18 3.21
C PHE A 277 -4.89 -30.07 3.82
N MET A 278 -4.64 -28.84 3.34
CA MET A 278 -5.23 -27.69 3.97
C MET A 278 -5.77 -26.66 3.05
N ARG A 279 -6.73 -25.90 3.61
CA ARG A 279 -7.35 -24.76 2.96
C ARG A 279 -6.31 -23.67 2.79
N SER A 280 -6.53 -22.81 1.79
CA SER A 280 -5.73 -21.65 1.44
C SER A 280 -5.55 -20.72 2.65
N ASP A 281 -6.67 -20.36 3.34
CA ASP A 281 -6.64 -19.47 4.49
C ASP A 281 -5.89 -20.07 5.69
N ASP A 282 -6.11 -21.37 5.95
CA ASP A 282 -5.41 -22.10 7.01
C ASP A 282 -3.92 -22.25 6.64
N SER A 283 -3.56 -22.43 5.35
CA SER A 283 -2.17 -22.58 4.90
C SER A 283 -1.35 -21.36 5.21
N ARG A 284 -1.95 -20.13 5.08
CA ARG A 284 -1.27 -18.87 5.34
C ARG A 284 -0.99 -18.72 6.80
N GLU A 285 -1.96 -19.11 7.65
CA GLU A 285 -1.83 -19.02 9.09
C GLU A 285 -0.74 -19.95 9.59
N LEU A 286 -0.59 -21.12 8.98
CA LEU A 286 0.41 -22.11 9.38
C LEU A 286 1.79 -21.67 9.01
N ILE A 287 1.94 -21.15 7.79
CA ILE A 287 3.21 -20.60 7.34
C ILE A 287 3.61 -19.41 8.19
N ALA A 288 2.68 -18.49 8.40
CA ALA A 288 2.94 -17.32 9.22
C ALA A 288 3.45 -17.76 10.59
N ALA A 289 2.87 -18.84 11.16
CA ALA A 289 3.26 -19.40 12.46
C ALA A 289 4.66 -20.01 12.40
N ALA A 290 4.97 -20.72 11.28
CA ALA A 290 6.27 -21.34 11.04
C ALA A 290 7.33 -20.24 10.93
N SER A 291 6.99 -19.13 10.24
CA SER A 291 7.85 -17.97 10.04
C SER A 291 8.17 -17.29 11.38
N ARG A 292 7.17 -17.14 12.28
CA ARG A 292 7.33 -16.53 13.60
C ARG A 292 8.35 -17.27 14.48
N ALA A 293 8.37 -18.61 14.44
CA ALA A 293 9.28 -19.40 15.25
C ALA A 293 10.47 -19.91 14.42
N ASN A 294 10.64 -19.36 13.19
CA ASN A 294 11.68 -19.70 12.22
C ASN A 294 11.81 -21.21 12.04
N ALA A 295 10.65 -21.90 12.03
CA ALA A 295 10.55 -23.35 11.86
C ALA A 295 10.84 -23.68 10.40
N SER A 296 11.76 -24.62 10.15
CA SER A 296 12.07 -24.97 8.77
C SER A 296 11.71 -26.41 8.49
N PHE A 297 10.88 -26.58 7.47
CA PHE A 297 10.35 -27.86 7.05
C PHE A 297 10.26 -27.92 5.57
N THR A 298 10.25 -29.15 5.06
CA THR A 298 10.03 -29.39 3.65
C THR A 298 8.52 -29.63 3.53
N TRP A 299 7.81 -28.62 3.08
CA TRP A 299 6.36 -28.71 2.94
C TRP A 299 6.00 -29.45 1.67
N VAL A 300 5.10 -30.45 1.78
CA VAL A 300 4.52 -31.17 0.64
C VAL A 300 3.01 -30.87 0.77
N ALA A 301 2.50 -29.94 -0.06
CA ALA A 301 1.13 -29.46 0.04
C ALA A 301 0.22 -29.79 -1.12
N SER A 302 -1.07 -30.00 -0.79
CA SER A 302 -2.15 -30.29 -1.72
C SER A 302 -2.54 -29.02 -2.52
N ASP A 303 -3.55 -29.10 -3.41
CA ASP A 303 -3.99 -27.97 -4.24
C ASP A 303 -4.50 -26.77 -3.43
N GLY A 304 -4.86 -26.98 -2.15
CA GLY A 304 -5.32 -25.94 -1.23
C GLY A 304 -4.31 -24.81 -1.16
N TRP A 305 -3.02 -25.16 -1.18
CA TRP A 305 -1.89 -24.25 -1.27
C TRP A 305 -1.63 -23.97 -2.78
N GLY A 306 -1.44 -25.05 -3.54
CA GLY A 306 -1.20 -25.00 -4.98
C GLY A 306 -0.04 -24.11 -5.36
N ALA A 307 -0.20 -23.32 -6.42
CA ALA A 307 0.82 -22.40 -6.90
C ALA A 307 0.44 -20.94 -6.59
N GLN A 308 -0.11 -20.73 -5.39
CA GLN A 308 -0.56 -19.42 -4.94
C GLN A 308 0.53 -18.62 -4.28
N GLU A 309 0.70 -17.39 -4.73
CA GLU A 309 1.70 -16.49 -4.16
C GLU A 309 1.23 -15.83 -2.88
N SER A 310 -0.08 -15.77 -2.68
CA SER A 310 -0.65 -15.14 -1.50
C SER A 310 -0.33 -15.90 -0.22
N ILE A 311 -0.05 -17.21 -0.34
CA ILE A 311 0.27 -18.07 0.78
C ILE A 311 1.70 -17.83 1.25
N ILE A 312 2.53 -17.30 0.40
CA ILE A 312 3.95 -17.22 0.67
C ILE A 312 4.51 -15.80 0.75
N LYS A 313 3.76 -14.81 0.27
CA LYS A 313 4.18 -13.42 0.28
C LYS A 313 4.41 -12.99 1.73
N GLY A 314 5.60 -12.50 2.00
CA GLY A 314 6.01 -12.06 3.32
C GLY A 314 6.74 -13.12 4.11
N SER A 315 6.51 -14.40 3.78
CA SER A 315 7.15 -15.51 4.45
C SER A 315 7.78 -16.49 3.43
N GLU A 316 8.43 -15.95 2.39
CA GLU A 316 9.08 -16.72 1.33
C GLU A 316 10.22 -17.61 1.85
N HIS A 317 10.95 -17.16 2.88
CA HIS A 317 12.07 -17.88 3.48
C HIS A 317 11.68 -19.20 4.12
N VAL A 318 10.59 -19.21 4.92
CA VAL A 318 10.11 -20.39 5.65
C VAL A 318 9.47 -21.47 4.71
N ALA A 319 9.08 -21.06 3.50
CA ALA A 319 8.43 -21.92 2.52
C ALA A 319 9.33 -22.29 1.35
N TYR A 320 10.61 -21.89 1.40
CA TYR A 320 11.57 -22.18 0.33
C TYR A 320 11.72 -23.69 0.17
N GLY A 321 11.67 -24.16 -1.07
CA GLY A 321 11.81 -25.57 -1.39
C GLY A 321 10.55 -26.41 -1.24
N ALA A 322 9.42 -25.78 -0.99
CA ALA A 322 8.13 -26.47 -0.87
C ALA A 322 7.74 -27.18 -2.17
N ILE A 323 7.14 -28.36 -2.03
CA ILE A 323 6.58 -29.14 -3.14
C ILE A 323 5.07 -29.01 -3.05
N THR A 324 4.46 -28.53 -4.12
CA THR A 324 3.00 -28.40 -4.14
C THR A 324 2.40 -29.07 -5.34
N LEU A 325 1.14 -29.42 -5.20
CA LEU A 325 0.36 -30.00 -6.28
C LEU A 325 -0.72 -29.02 -6.63
N GLU A 326 -1.17 -29.07 -7.87
CA GLU A 326 -2.27 -28.30 -8.36
C GLU A 326 -2.79 -29.13 -9.50
N LEU A 327 -4.06 -29.00 -9.83
CA LEU A 327 -4.69 -29.73 -10.91
C LEU A 327 -4.04 -29.31 -12.21
N ALA A 328 -3.78 -30.30 -13.10
CA ALA A 328 -3.16 -30.02 -14.38
C ALA A 328 -4.10 -29.14 -15.22
N SER A 329 -3.62 -27.91 -15.56
CA SER A 329 -4.38 -26.91 -16.30
C SER A 329 -3.47 -26.06 -17.19
N GLN A 330 -4.09 -25.34 -18.15
CA GLN A 330 -3.44 -24.43 -19.10
C GLN A 330 -4.19 -23.07 -19.05
N PRO A 331 -3.48 -21.92 -19.06
CA PRO A 331 -4.18 -20.63 -18.99
C PRO A 331 -5.06 -20.29 -20.20
N VAL A 332 -6.24 -19.70 -19.93
CA VAL A 332 -7.18 -19.25 -20.97
C VAL A 332 -6.65 -17.85 -21.38
N ARG A 333 -5.92 -17.77 -22.52
CA ARG A 333 -5.30 -16.53 -23.04
C ARG A 333 -6.30 -15.40 -23.23
N GLN A 334 -7.52 -15.72 -23.75
CA GLN A 334 -8.59 -14.73 -23.92
C GLN A 334 -9.05 -14.13 -22.58
N PHE A 335 -8.99 -14.92 -21.47
CA PHE A 335 -9.35 -14.43 -20.14
C PHE A 335 -8.37 -13.38 -19.68
N ASP A 336 -7.05 -13.58 -19.90
CA ASP A 336 -5.99 -12.61 -19.56
C ASP A 336 -6.30 -11.23 -20.16
N ARG A 337 -6.65 -11.19 -21.46
CA ARG A 337 -7.03 -10.00 -22.21
C ARG A 337 -8.22 -9.34 -21.52
N TYR A 338 -9.27 -10.14 -21.24
CA TYR A 338 -10.50 -9.68 -20.61
C TYR A 338 -10.26 -9.09 -19.22
N PHE A 339 -9.50 -9.81 -18.36
CA PHE A 339 -9.25 -9.44 -16.97
C PHE A 339 -8.40 -8.20 -16.85
N GLN A 340 -7.38 -8.09 -17.69
CA GLN A 340 -6.47 -6.94 -17.70
C GLN A 340 -7.15 -5.65 -18.19
N SER A 341 -8.27 -5.76 -18.95
CA SER A 341 -9.04 -4.62 -19.46
C SER A 341 -9.99 -4.06 -18.41
N LEU A 342 -10.19 -4.78 -17.29
CA LEU A 342 -11.11 -4.34 -16.23
C LEU A 342 -10.51 -3.25 -15.36
N ASN A 343 -11.34 -2.27 -15.00
CA ASN A 343 -11.00 -1.15 -14.11
C ASN A 343 -12.28 -0.66 -13.40
N PRO A 344 -12.19 0.14 -12.31
CA PRO A 344 -13.41 0.54 -11.62
C PRO A 344 -14.33 1.53 -12.38
N TYR A 345 -13.92 1.97 -13.59
CA TYR A 345 -14.68 2.92 -14.42
C TYR A 345 -15.56 2.24 -15.47
N ASN A 346 -15.19 1.01 -15.88
CA ASN A 346 -15.95 0.23 -16.85
C ASN A 346 -16.67 -0.98 -16.23
N ASN A 347 -16.17 -1.47 -15.08
CA ASN A 347 -16.75 -2.65 -14.44
C ASN A 347 -17.79 -2.31 -13.37
N HIS A 348 -19.01 -2.02 -13.76
CA HIS A 348 -19.99 -1.72 -12.71
C HIS A 348 -21.01 -2.84 -12.50
N ARG A 349 -20.91 -3.95 -13.27
CA ARG A 349 -21.76 -5.12 -13.03
C ARG A 349 -21.25 -5.95 -11.82
N ASN A 350 -19.95 -5.81 -11.43
CA ASN A 350 -19.34 -6.49 -10.28
C ASN A 350 -19.33 -5.53 -9.07
N PRO A 351 -20.24 -5.70 -8.09
CA PRO A 351 -20.28 -4.78 -6.94
C PRO A 351 -19.09 -4.87 -5.97
N TRP A 352 -18.27 -5.93 -6.09
CA TRP A 352 -17.10 -6.13 -5.24
C TRP A 352 -15.82 -5.63 -5.88
N PHE A 353 -15.87 -5.21 -7.15
CA PHE A 353 -14.69 -4.74 -7.90
C PHE A 353 -13.99 -3.51 -7.30
N ARG A 354 -14.76 -2.54 -6.76
CA ARG A 354 -14.19 -1.35 -6.15
C ARG A 354 -13.38 -1.71 -4.89
N ASP A 355 -13.91 -2.63 -4.07
CA ASP A 355 -13.23 -3.09 -2.85
C ASP A 355 -11.95 -3.84 -3.21
N PHE A 356 -11.99 -4.66 -4.30
CA PHE A 356 -10.88 -5.42 -4.83
C PHE A 356 -9.77 -4.48 -5.26
N TRP A 357 -10.13 -3.45 -6.06
CA TRP A 357 -9.22 -2.44 -6.60
C TRP A 357 -8.47 -1.71 -5.50
N GLU A 358 -9.21 -1.21 -4.48
CA GLU A 358 -8.68 -0.49 -3.32
C GLU A 358 -7.70 -1.35 -2.50
N GLN A 359 -7.98 -2.66 -2.36
CA GLN A 359 -7.11 -3.58 -1.62
C GLN A 359 -5.84 -3.90 -2.43
N LYS A 360 -6.03 -4.33 -3.70
CA LYS A 360 -4.96 -4.70 -4.64
C LYS A 360 -3.93 -3.58 -4.80
N PHE A 361 -4.41 -2.31 -4.93
CA PHE A 361 -3.53 -1.18 -5.17
C PHE A 361 -3.29 -0.28 -3.96
N GLN A 362 -3.85 -0.60 -2.78
CA GLN A 362 -3.64 0.20 -1.56
C GLN A 362 -4.06 1.66 -1.82
N CYS A 363 -5.33 1.85 -2.05
CA CYS A 363 -6.03 3.03 -2.57
C CYS A 363 -7.19 3.51 -1.78
N SER A 364 -7.70 4.68 -2.23
CA SER A 364 -9.02 5.14 -1.85
C SER A 364 -9.62 5.92 -2.99
N LEU A 365 -10.96 5.84 -3.13
CA LEU A 365 -11.77 6.57 -4.14
C LEU A 365 -12.35 7.88 -3.50
N GLN A 366 -13.68 7.91 -3.19
CA GLN A 366 -14.35 9.06 -2.56
C GLN A 366 -15.64 8.64 -1.85
N ARG A 373 -4.07 7.55 0.47
CA ARG A 373 -3.64 7.62 -0.93
C ARG A 373 -4.84 7.56 -1.81
N VAL A 374 -4.94 8.47 -2.79
CA VAL A 374 -6.06 8.48 -3.73
C VAL A 374 -5.67 7.63 -4.93
N CYS A 375 -6.60 6.76 -5.38
CA CYS A 375 -6.36 5.88 -6.52
C CYS A 375 -6.05 6.63 -7.79
N ASP A 376 -4.89 6.32 -8.38
CA ASP A 376 -4.46 6.91 -9.64
C ASP A 376 -5.34 6.35 -10.74
N LYS A 377 -5.94 7.25 -11.53
CA LYS A 377 -6.84 6.92 -12.65
C LYS A 377 -6.27 5.93 -13.70
N HIS A 378 -4.92 5.89 -13.83
CA HIS A 378 -4.24 5.06 -14.81
C HIS A 378 -3.69 3.76 -14.25
N LEU A 379 -4.28 3.32 -13.16
CA LEU A 379 -3.89 2.08 -12.56
C LEU A 379 -4.44 0.99 -13.44
N ALA A 380 -3.65 -0.06 -13.69
CA ALA A 380 -4.08 -1.13 -14.57
C ALA A 380 -3.61 -2.51 -14.13
N ILE A 381 -4.49 -3.52 -14.31
CA ILE A 381 -4.17 -4.94 -14.06
C ILE A 381 -3.34 -5.34 -15.29
N ASP A 382 -2.12 -5.80 -15.07
CA ASP A 382 -1.20 -6.18 -16.14
C ASP A 382 -0.25 -7.28 -15.66
N SER A 383 0.59 -7.81 -16.59
CA SER A 383 1.57 -8.88 -16.33
C SER A 383 2.54 -8.56 -15.19
N SER A 384 2.65 -7.30 -14.78
CA SER A 384 3.52 -6.86 -13.70
C SER A 384 2.86 -7.04 -12.31
N ASN A 385 1.54 -7.11 -12.25
CA ASN A 385 0.81 -7.25 -10.99
C ASN A 385 -0.29 -8.34 -11.05
N TYR A 386 -0.27 -9.16 -12.11
CA TYR A 386 -1.29 -10.19 -12.28
C TYR A 386 -0.78 -11.46 -12.96
N GLU A 387 -1.25 -12.60 -12.44
CA GLU A 387 -1.02 -13.94 -12.97
C GLU A 387 -2.35 -14.71 -12.93
N GLN A 388 -2.72 -15.38 -14.05
CA GLN A 388 -3.97 -16.14 -14.13
C GLN A 388 -3.99 -17.25 -13.10
N GLU A 389 -5.06 -17.28 -12.29
CA GLU A 389 -5.27 -18.29 -11.26
C GLU A 389 -5.35 -19.67 -11.96
N SER A 390 -4.67 -20.66 -11.39
CA SER A 390 -4.57 -22.02 -11.95
C SER A 390 -5.90 -22.71 -12.30
N LYS A 391 -6.97 -22.47 -11.53
CA LYS A 391 -8.23 -23.16 -11.79
C LYS A 391 -9.23 -22.41 -12.70
N ILE A 392 -8.81 -21.31 -13.35
CA ILE A 392 -9.65 -20.50 -14.24
C ILE A 392 -10.23 -21.37 -15.39
N MET A 393 -9.39 -22.24 -15.98
CA MET A 393 -9.74 -23.18 -17.03
C MET A 393 -11.00 -23.99 -16.61
N PHE A 394 -11.03 -24.50 -15.34
CA PHE A 394 -12.13 -25.26 -14.77
C PHE A 394 -13.42 -24.46 -14.58
N VAL A 395 -13.31 -23.13 -14.30
CA VAL A 395 -14.47 -22.23 -14.16
C VAL A 395 -15.13 -22.09 -15.53
N VAL A 396 -14.34 -21.72 -16.57
CA VAL A 396 -14.80 -21.53 -17.96
C VAL A 396 -15.44 -22.84 -18.45
N ASN A 397 -14.77 -24.00 -18.22
CA ASN A 397 -15.29 -25.32 -18.59
C ASN A 397 -16.58 -25.67 -17.90
N ALA A 398 -16.74 -25.30 -16.62
CA ALA A 398 -17.97 -25.56 -15.86
C ALA A 398 -19.18 -24.79 -16.43
N VAL A 399 -18.98 -23.50 -16.78
CA VAL A 399 -20.01 -22.66 -17.38
C VAL A 399 -20.38 -23.25 -18.77
N TYR A 400 -19.37 -23.59 -19.57
CA TYR A 400 -19.52 -24.18 -20.89
C TYR A 400 -20.20 -25.55 -20.86
N ALA A 401 -19.91 -26.37 -19.81
CA ALA A 401 -20.52 -27.69 -19.60
C ALA A 401 -22.01 -27.52 -19.45
N MET A 402 -22.44 -26.59 -18.56
CA MET A 402 -23.83 -26.26 -18.34
C MET A 402 -24.50 -25.75 -19.63
N ALA A 403 -23.79 -24.88 -20.41
CA ALA A 403 -24.26 -24.30 -21.67
C ALA A 403 -24.50 -25.38 -22.72
N HIS A 404 -23.54 -26.31 -22.88
CA HIS A 404 -23.59 -27.42 -23.84
C HIS A 404 -24.71 -28.41 -23.53
N ALA A 405 -24.96 -28.68 -22.23
CA ALA A 405 -26.05 -29.55 -21.78
C ALA A 405 -27.38 -28.86 -22.13
N LEU A 406 -27.50 -27.55 -21.90
CA LEU A 406 -28.74 -26.81 -22.17
C LEU A 406 -29.00 -26.66 -23.68
N HIS A 407 -27.93 -26.50 -24.48
CA HIS A 407 -27.98 -26.40 -25.94
C HIS A 407 -28.55 -27.73 -26.52
N LYS A 408 -27.98 -28.86 -26.07
CA LYS A 408 -28.38 -30.22 -26.47
C LYS A 408 -29.84 -30.52 -26.12
N MET A 409 -30.29 -30.11 -24.93
CA MET A 409 -31.69 -30.26 -24.48
C MET A 409 -32.58 -29.40 -25.37
N GLN A 410 -32.09 -28.18 -25.70
CA GLN A 410 -32.76 -27.20 -26.57
C GLN A 410 -32.98 -27.79 -27.97
N ARG A 411 -31.92 -28.36 -28.56
CA ARG A 411 -31.99 -28.95 -29.89
C ARG A 411 -32.86 -30.23 -29.93
N THR A 412 -33.01 -30.93 -28.77
CA THR A 412 -33.82 -32.14 -28.64
C THR A 412 -35.29 -31.79 -28.44
N LEU A 413 -35.59 -30.84 -27.54
CA LEU A 413 -36.98 -30.46 -27.23
C LEU A 413 -37.57 -29.36 -28.12
N CYS A 414 -36.72 -28.50 -28.73
CA CYS A 414 -37.16 -27.40 -29.61
C CYS A 414 -36.43 -27.51 -30.95
N PRO A 415 -36.67 -28.55 -31.79
CA PRO A 415 -35.91 -28.65 -33.06
C PRO A 415 -36.29 -27.60 -34.11
N ASN A 416 -37.48 -27.03 -33.97
CA ASN A 416 -38.17 -26.07 -34.83
C ASN A 416 -37.71 -24.61 -34.65
N THR A 417 -37.02 -24.29 -33.53
CA THR A 417 -36.60 -22.92 -33.16
C THR A 417 -35.23 -22.90 -32.48
N THR A 418 -34.69 -21.67 -32.32
CA THR A 418 -33.43 -21.39 -31.60
C THR A 418 -33.82 -20.93 -30.20
N LYS A 419 -35.10 -20.60 -30.04
CA LYS A 419 -35.69 -20.08 -28.81
C LYS A 419 -36.12 -21.15 -27.80
N LEU A 420 -36.43 -20.69 -26.57
CA LEU A 420 -36.90 -21.48 -25.44
C LEU A 420 -38.37 -21.83 -25.70
N CYS A 421 -38.62 -22.94 -26.41
CA CYS A 421 -39.96 -23.42 -26.74
C CYS A 421 -40.78 -23.82 -25.50
N ASP A 422 -42.12 -23.98 -25.66
CA ASP A 422 -43.09 -24.34 -24.60
C ASP A 422 -42.72 -25.65 -23.91
N ALA A 423 -42.13 -26.59 -24.68
CA ALA A 423 -41.67 -27.90 -24.21
C ALA A 423 -40.41 -27.81 -23.32
N MET A 424 -39.81 -26.61 -23.24
CA MET A 424 -38.58 -26.36 -22.47
C MET A 424 -38.72 -25.24 -21.44
N LYS A 425 -39.84 -24.48 -21.44
CA LYS A 425 -40.08 -23.41 -20.46
C LYS A 425 -40.10 -23.98 -19.03
N ILE A 426 -40.75 -25.15 -18.85
CA ILE A 426 -40.83 -25.91 -17.59
C ILE A 426 -39.64 -26.89 -17.63
N LEU A 427 -38.49 -26.44 -17.11
CA LEU A 427 -37.22 -27.19 -17.11
C LEU A 427 -37.24 -28.40 -16.17
N ASP A 428 -36.76 -29.55 -16.67
CA ASP A 428 -36.67 -30.81 -15.94
C ASP A 428 -35.20 -31.05 -15.54
N GLY A 429 -34.86 -30.62 -14.32
CA GLY A 429 -33.53 -30.73 -13.73
C GLY A 429 -32.97 -32.14 -13.64
N LYS A 430 -33.83 -33.13 -13.39
CA LYS A 430 -33.45 -34.53 -13.34
C LYS A 430 -32.91 -34.97 -14.70
N LYS A 431 -33.69 -34.71 -15.76
CA LYS A 431 -33.35 -35.08 -17.12
C LYS A 431 -32.16 -34.26 -17.61
N LEU A 432 -32.14 -32.94 -17.29
CA LEU A 432 -31.01 -32.06 -17.63
C LEU A 432 -29.70 -32.65 -17.08
N TYR A 433 -29.72 -33.13 -15.81
CA TYR A 433 -28.51 -33.68 -15.19
C TYR A 433 -28.09 -35.02 -15.81
N LYS A 434 -29.01 -36.00 -15.83
CA LYS A 434 -28.73 -37.38 -16.25
C LYS A 434 -28.60 -37.59 -17.74
N ASP A 435 -29.43 -36.92 -18.53
CA ASP A 435 -29.46 -37.17 -19.96
C ASP A 435 -28.63 -36.21 -20.79
N TYR A 436 -28.31 -35.04 -20.24
CA TYR A 436 -27.54 -34.09 -21.00
C TYR A 436 -26.19 -33.76 -20.36
N LEU A 437 -26.19 -33.26 -19.12
CA LEU A 437 -24.95 -32.81 -18.49
C LEU A 437 -23.80 -33.82 -18.56
N LEU A 438 -24.08 -35.12 -18.48
CA LEU A 438 -22.96 -36.04 -18.69
C LEU A 438 -22.75 -36.16 -20.24
N LYS A 439 -22.07 -35.12 -20.84
CA LYS A 439 -21.76 -34.92 -22.29
C LYS A 439 -20.22 -34.89 -22.63
N ILE A 440 -19.87 -34.40 -23.87
CA ILE A 440 -18.52 -34.34 -24.48
C ILE A 440 -18.32 -33.11 -25.39
N ASN A 441 -17.27 -32.31 -25.12
CA ASN A 441 -16.90 -31.14 -25.96
C ASN A 441 -15.43 -30.79 -25.82
N PHE A 442 -14.84 -30.24 -26.90
CA PHE A 442 -13.42 -29.79 -26.87
C PHE A 442 -13.31 -28.53 -26.08
N THR A 443 -12.19 -28.30 -25.36
CA THR A 443 -12.08 -27.14 -24.47
C THR A 443 -12.46 -25.91 -25.24
N ALA A 444 -13.46 -25.14 -24.66
CA ALA A 444 -14.14 -23.93 -25.14
C ALA A 444 -13.28 -23.15 -26.11
N PRO A 445 -13.80 -22.68 -27.30
CA PRO A 445 -12.97 -22.01 -28.36
C PRO A 445 -11.60 -21.37 -28.06
N PHE A 446 -10.89 -21.87 -27.05
CA PHE A 446 -9.64 -21.47 -26.42
C PHE A 446 -8.96 -22.76 -25.88
N ASN A 447 -7.95 -23.29 -26.65
CA ASN A 447 -7.10 -24.47 -26.37
C ASN A 447 -6.21 -24.85 -27.58
N PRO A 448 -4.97 -25.38 -27.37
CA PRO A 448 -4.17 -25.80 -28.54
C PRO A 448 -4.62 -27.17 -29.06
N ASP A 453 -5.77 -34.85 -24.28
CA ASP A 453 -7.08 -34.77 -23.64
C ASP A 453 -7.39 -33.32 -23.26
N SER A 454 -8.08 -32.65 -24.19
CA SER A 454 -8.58 -31.29 -24.09
C SER A 454 -10.11 -31.35 -24.16
N ILE A 455 -10.70 -32.51 -23.82
CA ILE A 455 -12.15 -32.68 -23.87
C ILE A 455 -12.75 -32.50 -22.47
N VAL A 456 -13.91 -31.88 -22.44
CA VAL A 456 -14.68 -31.62 -21.24
C VAL A 456 -15.75 -32.70 -21.19
N LYS A 457 -15.67 -33.56 -20.17
CA LYS A 457 -16.56 -34.69 -19.94
C LYS A 457 -16.55 -35.06 -18.44
N PHE A 458 -17.54 -35.84 -18.04
CA PHE A 458 -17.67 -36.32 -16.68
C PHE A 458 -17.65 -37.84 -16.65
N ASP A 459 -17.06 -38.43 -15.62
CA ASP A 459 -17.09 -39.89 -15.53
C ASP A 459 -18.49 -40.31 -15.04
N THR A 460 -18.66 -41.56 -14.59
CA THR A 460 -19.94 -42.11 -14.12
C THR A 460 -20.38 -41.40 -12.83
N PHE A 461 -19.40 -40.88 -12.08
CA PHE A 461 -19.59 -40.21 -10.80
C PHE A 461 -19.61 -38.69 -10.91
N GLY A 462 -19.63 -38.17 -12.14
CA GLY A 462 -19.66 -36.74 -12.42
C GLY A 462 -18.37 -36.00 -12.10
N ASP A 463 -17.24 -36.72 -12.03
CA ASP A 463 -15.94 -36.16 -11.71
C ASP A 463 -15.06 -35.96 -12.94
N GLY A 464 -14.07 -35.07 -12.82
CA GLY A 464 -13.04 -34.83 -13.80
C GLY A 464 -11.92 -35.86 -13.64
N MET A 465 -10.87 -35.77 -14.49
CA MET A 465 -9.74 -36.72 -14.52
C MET A 465 -8.58 -36.38 -13.57
N GLY A 466 -8.05 -37.40 -12.86
CA GLY A 466 -6.93 -37.29 -11.92
C GLY A 466 -5.59 -36.99 -12.56
N ARG A 467 -5.39 -35.70 -12.92
CA ARG A 467 -4.16 -35.17 -13.54
C ARG A 467 -3.67 -33.98 -12.73
N TYR A 468 -2.44 -34.06 -12.22
CA TYR A 468 -1.84 -33.01 -11.38
C TYR A 468 -0.48 -32.59 -11.85
N ASN A 469 -0.12 -31.33 -11.59
CA ASN A 469 1.20 -30.80 -11.87
C ASN A 469 1.90 -30.60 -10.55
N VAL A 470 3.20 -30.93 -10.50
CA VAL A 470 4.03 -30.83 -9.31
C VAL A 470 4.86 -29.56 -9.45
N PHE A 471 4.89 -28.75 -8.39
CA PHE A 471 5.58 -27.46 -8.38
C PHE A 471 6.54 -27.39 -7.24
N ASN A 472 7.57 -26.55 -7.41
CA ASN A 472 8.60 -26.30 -6.41
C ASN A 472 8.77 -24.79 -6.23
N PHE A 473 8.65 -24.31 -4.98
CA PHE A 473 8.78 -22.88 -4.69
C PHE A 473 10.25 -22.57 -4.66
N GLN A 474 10.69 -21.75 -5.62
CA GLN A 474 12.09 -21.40 -5.93
C GLN A 474 12.35 -19.91 -6.03
N ASN A 475 13.65 -19.58 -6.23
CA ASN A 475 13.98 -18.18 -6.42
C ASN A 475 14.19 -17.75 -7.95
N VAL A 476 14.40 -18.64 -8.93
CA VAL A 476 14.56 -18.36 -10.39
C VAL A 476 15.74 -17.39 -10.70
N GLY A 477 15.57 -16.09 -10.47
CA GLY A 477 16.61 -15.11 -10.72
C GLY A 477 16.23 -13.75 -10.17
N GLY A 478 16.16 -13.68 -8.84
CA GLY A 478 15.78 -12.49 -8.08
C GLY A 478 14.36 -12.57 -7.53
N LYS A 479 13.44 -13.09 -8.36
CA LYS A 479 12.00 -13.25 -8.07
C LYS A 479 11.62 -14.66 -7.54
N TYR A 480 10.85 -14.70 -6.45
CA TYR A 480 10.37 -15.96 -5.88
C TYR A 480 9.14 -16.45 -6.68
N SER A 481 9.17 -17.72 -7.16
CA SER A 481 8.06 -18.30 -7.92
C SER A 481 7.92 -19.83 -7.77
N TYR A 482 6.84 -20.39 -8.35
CA TYR A 482 6.58 -21.81 -8.35
C TYR A 482 6.96 -22.36 -9.72
N LEU A 483 7.97 -23.26 -9.77
CA LEU A 483 8.38 -23.86 -11.03
C LEU A 483 7.79 -25.26 -11.14
N LYS A 484 7.18 -25.58 -12.30
CA LYS A 484 6.65 -26.92 -12.57
C LYS A 484 7.84 -27.88 -12.66
N VAL A 485 7.83 -28.92 -11.83
CA VAL A 485 8.92 -29.91 -11.71
C VAL A 485 8.46 -31.37 -11.90
N GLY A 486 7.19 -31.56 -12.27
CA GLY A 486 6.63 -32.88 -12.43
C GLY A 486 5.15 -32.91 -12.77
N HIS A 487 4.63 -34.12 -12.97
CA HIS A 487 3.27 -34.41 -13.43
C HIS A 487 2.78 -35.77 -12.91
N TRP A 488 1.48 -35.94 -12.63
CA TRP A 488 0.90 -37.20 -12.18
C TRP A 488 -0.40 -37.39 -12.94
N ALA A 489 -0.52 -38.52 -13.65
CA ALA A 489 -1.75 -38.80 -14.40
C ALA A 489 -2.34 -40.17 -14.01
N GLU A 490 -1.47 -41.12 -13.68
CA GLU A 490 -1.75 -42.47 -13.18
C GLU A 490 -0.44 -42.96 -12.56
N THR A 491 0.68 -42.36 -13.03
CA THR A 491 2.03 -42.58 -12.56
C THR A 491 2.70 -41.23 -12.31
N LEU A 492 3.79 -41.22 -11.54
CA LEU A 492 4.52 -40.01 -11.23
C LEU A 492 5.70 -39.81 -12.16
N SER A 493 5.83 -38.60 -12.70
CA SER A 493 6.96 -38.19 -13.54
C SER A 493 7.49 -36.88 -12.97
N LEU A 494 8.79 -36.79 -12.76
CA LEU A 494 9.37 -35.59 -12.19
C LEU A 494 10.80 -35.37 -12.66
N ASP A 495 11.19 -34.09 -12.70
CA ASP A 495 12.48 -33.59 -13.13
C ASP A 495 13.23 -33.17 -11.86
N VAL A 496 13.84 -34.16 -11.14
CA VAL A 496 14.54 -34.06 -9.85
C VAL A 496 15.67 -33.02 -9.85
N ASN A 497 16.42 -32.92 -10.96
CA ASN A 497 17.55 -31.97 -11.08
C ASN A 497 17.10 -30.50 -11.01
N SER A 498 15.86 -30.21 -11.47
CA SER A 498 15.27 -28.88 -11.51
C SER A 498 14.76 -28.41 -10.16
N ILE A 499 14.71 -29.29 -9.14
CA ILE A 499 14.21 -28.96 -7.80
C ILE A 499 15.28 -28.31 -6.94
N HIS A 500 14.90 -27.24 -6.20
CA HIS A 500 15.76 -26.56 -5.23
C HIS A 500 15.14 -26.84 -3.87
N TRP A 501 15.91 -27.44 -2.98
CA TRP A 501 15.44 -27.76 -1.64
C TRP A 501 16.09 -26.71 -0.79
N SER A 502 15.32 -25.90 -0.07
CA SER A 502 15.87 -24.84 0.80
C SER A 502 17.37 -24.51 0.52
N ARG A 503 18.30 -25.22 1.24
CA ARG A 503 19.76 -25.20 1.11
C ARG A 503 20.28 -26.51 0.42
N ASN A 504 20.44 -26.46 -0.93
CA ASN A 504 20.89 -27.49 -1.88
C ASN A 504 19.99 -28.74 -1.89
N SER A 505 20.08 -29.62 -0.84
CA SER A 505 19.34 -30.89 -0.68
C SER A 505 18.41 -30.87 0.53
N ARG B 32 11.95 -9.95 30.38
CA ARG B 32 12.03 -10.02 28.93
C ARG B 32 10.76 -10.52 28.24
N ARG B 33 10.29 -9.67 27.33
CA ARG B 33 9.18 -9.65 26.37
C ARG B 33 9.24 -8.23 25.83
N GLU B 34 9.09 -8.09 24.52
CA GLU B 34 9.16 -6.80 23.86
C GLU B 34 8.47 -6.80 22.50
N ILE B 35 8.27 -5.60 21.94
CA ILE B 35 7.66 -5.41 20.63
C ILE B 35 8.66 -4.63 19.77
N LYS B 36 9.35 -5.33 18.85
CA LYS B 36 10.31 -4.71 17.94
C LYS B 36 9.73 -4.79 16.53
N ILE B 37 9.28 -3.68 16.01
CA ILE B 37 8.77 -3.55 14.65
C ILE B 37 9.76 -2.59 13.98
N GLU B 38 10.50 -3.08 13.00
CA GLU B 38 11.50 -2.25 12.34
C GLU B 38 10.85 -1.30 11.36
N GLY B 39 11.44 -0.10 11.30
CA GLY B 39 10.99 0.99 10.45
C GLY B 39 12.15 1.91 10.14
N ASP B 40 11.90 2.92 9.31
CA ASP B 40 12.93 3.90 8.92
C ASP B 40 13.34 4.73 10.12
N LEU B 41 12.36 5.03 10.98
CA LEU B 41 12.50 5.73 12.27
C LEU B 41 11.72 4.90 13.30
N VAL B 42 12.36 4.58 14.43
CA VAL B 42 11.77 3.76 15.49
C VAL B 42 11.43 4.59 16.73
N LEU B 43 10.23 4.38 17.27
CA LEU B 43 9.78 5.03 18.48
C LEU B 43 9.81 4.04 19.64
N GLY B 44 10.36 4.50 20.76
CA GLY B 44 10.39 3.72 21.98
C GLY B 44 9.06 3.95 22.68
N GLY B 45 8.64 3.02 23.51
CA GLY B 45 7.40 3.19 24.24
C GLY B 45 7.50 2.47 25.54
N LEU B 46 7.09 3.14 26.64
CA LEU B 46 7.11 2.56 27.99
C LEU B 46 5.74 2.63 28.59
N PHE B 47 5.16 1.45 28.94
CA PHE B 47 3.78 1.28 29.42
C PHE B 47 3.76 0.34 30.61
N PRO B 48 2.82 0.49 31.59
CA PRO B 48 2.78 -0.46 32.72
C PRO B 48 1.86 -1.66 32.42
N ILE B 49 2.30 -2.57 31.53
CA ILE B 49 1.51 -3.73 31.13
C ILE B 49 1.14 -4.62 32.34
N ASN B 50 2.09 -4.74 33.26
CA ASN B 50 1.91 -5.51 34.48
C ASN B 50 1.94 -4.60 35.67
N GLU B 51 1.29 -5.02 36.72
CA GLU B 51 1.27 -4.26 37.92
C GLU B 51 2.54 -4.57 38.74
N LYS B 52 2.75 -3.82 39.83
CA LYS B 52 3.89 -3.97 40.73
C LYS B 52 3.83 -5.38 41.37
N GLY B 53 4.88 -6.15 41.15
CA GLY B 53 5.00 -7.50 41.70
C GLY B 53 5.32 -7.52 43.19
N THR B 54 4.53 -8.29 43.97
CA THR B 54 4.67 -8.43 45.42
C THR B 54 6.02 -9.11 45.80
N GLY B 55 6.83 -8.38 46.59
CA GLY B 55 8.14 -8.82 47.10
C GLY B 55 9.21 -9.13 46.07
N THR B 56 9.58 -10.44 46.00
CA THR B 56 10.60 -11.08 45.15
C THR B 56 10.41 -10.79 43.67
N GLU B 57 9.20 -11.10 43.13
CA GLU B 57 8.83 -10.88 41.73
C GLU B 57 8.71 -9.39 41.46
N GLU B 58 9.10 -9.02 40.27
CA GLU B 58 9.15 -7.64 39.80
C GLU B 58 7.86 -7.25 39.10
N CYS B 59 7.02 -8.24 38.71
CA CYS B 59 5.77 -8.03 37.96
C CYS B 59 4.62 -8.86 38.49
N GLY B 60 3.48 -8.20 38.71
CA GLY B 60 2.25 -8.82 39.19
C GLY B 60 1.26 -9.09 38.07
N ARG B 61 -0.05 -8.77 38.30
CA ARG B 61 -1.17 -8.98 37.36
C ARG B 61 -1.02 -8.11 36.12
N ILE B 62 -1.88 -8.35 35.11
CA ILE B 62 -1.86 -7.55 33.88
C ILE B 62 -2.78 -6.34 34.05
N ASN B 63 -2.22 -5.15 33.91
CA ASN B 63 -2.97 -3.90 34.00
C ASN B 63 -3.75 -3.78 32.66
N GLU B 64 -5.01 -4.21 32.68
CA GLU B 64 -5.89 -4.29 31.51
C GLU B 64 -6.15 -2.94 30.81
N ASP B 65 -6.74 -1.94 31.50
CA ASP B 65 -7.01 -0.65 30.87
C ASP B 65 -5.74 0.25 30.72
N ARG B 66 -5.03 0.53 31.85
CA ARG B 66 -3.91 1.45 31.81
C ARG B 66 -2.62 0.84 31.27
N GLY B 67 -2.62 -0.47 31.03
CA GLY B 67 -1.45 -1.16 30.48
C GLY B 67 -1.64 -1.53 29.03
N ILE B 68 -2.39 -2.64 28.82
CA ILE B 68 -2.72 -3.24 27.52
C ILE B 68 -3.43 -2.28 26.54
N GLN B 69 -4.51 -1.60 26.96
CA GLN B 69 -5.23 -0.68 26.09
C GLN B 69 -4.34 0.43 25.55
N ARG B 70 -3.53 1.04 26.44
CA ARG B 70 -2.60 2.12 26.12
C ARG B 70 -1.51 1.68 25.17
N LEU B 71 -0.99 0.45 25.38
CA LEU B 71 0.01 -0.18 24.52
C LEU B 71 -0.59 -0.24 23.11
N GLU B 72 -1.78 -0.82 23.02
CA GLU B 72 -2.51 -1.01 21.78
C GLU B 72 -2.85 0.31 21.11
N ALA B 73 -3.12 1.39 21.89
CA ALA B 73 -3.38 2.75 21.37
C ALA B 73 -2.10 3.34 20.72
N MET B 74 -0.91 2.88 21.10
CA MET B 74 0.31 3.31 20.46
C MET B 74 0.46 2.54 19.13
N LEU B 75 0.21 1.22 19.16
CA LEU B 75 0.28 0.34 17.99
C LEU B 75 -0.74 0.79 16.91
N PHE B 76 -1.97 1.11 17.35
CA PHE B 76 -3.03 1.63 16.51
C PHE B 76 -2.63 2.96 15.86
N ALA B 77 -2.10 3.92 16.65
CA ALA B 77 -1.63 5.21 16.13
C ALA B 77 -0.52 5.02 15.10
N ILE B 78 0.47 4.13 15.38
CA ILE B 78 1.59 3.80 14.47
C ILE B 78 1.05 3.25 13.15
N ASP B 79 0.04 2.35 13.21
CA ASP B 79 -0.64 1.77 12.05
C ASP B 79 -1.30 2.86 11.22
N GLU B 80 -1.98 3.81 11.87
CA GLU B 80 -2.70 4.91 11.23
C GLU B 80 -1.80 5.99 10.63
N ILE B 81 -0.60 6.16 11.18
CA ILE B 81 0.40 7.07 10.63
C ILE B 81 1.02 6.39 9.41
N ASN B 82 1.28 5.06 9.49
CA ASN B 82 1.87 4.30 8.38
C ASN B 82 0.91 4.09 7.19
N LYS B 83 -0.37 4.47 7.35
CA LYS B 83 -1.42 4.42 6.31
C LYS B 83 -1.64 5.84 5.75
N ASP B 84 -1.18 6.88 6.50
CA ASP B 84 -1.29 8.30 6.16
C ASP B 84 -0.28 8.72 5.09
N ASP B 85 -0.81 9.20 3.97
CA ASP B 85 0.02 9.67 2.87
C ASP B 85 0.33 11.17 2.99
N TYR B 86 -0.24 11.84 3.99
CA TYR B 86 0.00 13.25 4.26
C TYR B 86 0.94 13.48 5.46
N LEU B 87 1.14 12.45 6.29
CA LEU B 87 2.01 12.48 7.46
C LEU B 87 3.02 11.35 7.33
N LEU B 88 4.30 11.74 7.19
CA LEU B 88 5.47 10.88 6.98
C LEU B 88 5.33 9.89 5.79
N PRO B 89 4.89 10.31 4.57
CA PRO B 89 4.93 9.37 3.45
C PRO B 89 6.41 9.16 3.07
N GLY B 90 6.79 7.94 2.75
CA GLY B 90 8.19 7.66 2.44
C GLY B 90 9.03 7.36 3.67
N VAL B 91 8.47 7.61 4.88
CA VAL B 91 9.12 7.33 6.18
C VAL B 91 8.20 6.40 7.05
N LYS B 92 8.52 5.09 7.08
CA LYS B 92 7.79 4.10 7.87
C LYS B 92 8.21 4.15 9.36
N LEU B 93 7.22 4.23 10.26
CA LEU B 93 7.46 4.28 11.71
C LEU B 93 7.47 2.89 12.34
N GLY B 94 8.62 2.54 12.90
CA GLY B 94 8.81 1.30 13.63
C GLY B 94 8.66 1.55 15.13
N VAL B 95 8.61 0.48 15.94
CA VAL B 95 8.47 0.61 17.41
C VAL B 95 9.42 -0.28 18.20
N HIS B 96 9.62 0.06 19.47
CA HIS B 96 10.34 -0.72 20.47
C HIS B 96 9.60 -0.50 21.82
N ILE B 97 8.56 -1.32 22.04
CA ILE B 97 7.68 -1.23 23.20
C ILE B 97 8.17 -2.13 24.35
N LEU B 98 8.13 -1.57 25.57
CA LEU B 98 8.60 -2.23 26.77
C LEU B 98 7.72 -2.04 27.99
N ASP B 99 7.67 -3.11 28.81
CA ASP B 99 6.93 -3.17 30.05
C ASP B 99 7.76 -2.53 31.17
N THR B 100 7.12 -1.72 32.00
CA THR B 100 7.77 -1.06 33.12
C THR B 100 7.45 -1.79 34.40
N CYS B 101 6.42 -2.68 34.38
CA CYS B 101 5.88 -3.42 35.52
C CYS B 101 5.47 -2.50 36.66
N SER B 102 5.07 -1.27 36.27
CA SER B 102 4.64 -0.16 37.13
C SER B 102 5.75 0.29 38.15
N ARG B 103 7.03 -0.06 37.88
CA ARG B 103 8.18 0.25 38.74
C ARG B 103 9.16 1.12 38.03
N ASP B 104 9.58 2.18 38.70
CA ASP B 104 10.57 3.18 38.30
C ASP B 104 11.95 2.53 38.07
N THR B 105 12.31 1.55 38.92
CA THR B 105 13.57 0.80 38.93
C THR B 105 13.66 -0.15 37.75
N TYR B 106 12.58 -0.88 37.46
CA TYR B 106 12.54 -1.80 36.32
C TYR B 106 12.51 -1.04 35.00
N ALA B 107 11.87 0.15 34.97
CA ALA B 107 11.79 1.01 33.78
C ALA B 107 13.17 1.51 33.34
N LEU B 108 14.07 1.79 34.31
CA LEU B 108 15.43 2.23 34.03
C LEU B 108 16.24 1.11 33.35
N GLU B 109 16.05 -0.14 33.82
CA GLU B 109 16.63 -1.38 33.32
C GLU B 109 16.23 -1.58 31.86
N GLN B 110 14.93 -1.37 31.56
CA GLN B 110 14.36 -1.50 30.23
C GLN B 110 14.81 -0.37 29.33
N SER B 111 14.90 0.87 29.86
CA SER B 111 15.33 2.05 29.10
C SER B 111 16.78 2.01 28.59
N LEU B 112 17.62 1.14 29.19
CA LEU B 112 19.01 0.93 28.81
C LEU B 112 19.06 0.37 27.39
N GLU B 113 18.05 -0.42 27.02
CA GLU B 113 17.90 -1.01 25.69
C GLU B 113 17.73 0.05 24.59
N PHE B 114 17.10 1.21 24.92
CA PHE B 114 16.93 2.31 23.98
C PHE B 114 18.24 3.06 23.71
N VAL B 115 19.20 3.01 24.65
CA VAL B 115 20.47 3.75 24.54
C VAL B 115 21.72 2.86 24.28
N ARG B 116 21.60 1.50 24.41
CA ARG B 116 22.65 0.48 24.26
C ARG B 116 23.62 0.63 23.08
N ALA B 117 23.13 1.14 21.92
CA ALA B 117 23.90 1.32 20.70
C ALA B 117 24.97 2.37 20.93
N SER B 118 24.54 3.63 21.20
CA SER B 118 25.46 4.73 21.50
C SER B 118 26.27 4.41 22.76
N LEU B 119 25.66 3.76 23.76
CA LEU B 119 26.33 3.35 25.00
C LEU B 119 27.07 2.05 24.78
N LEU B 142 18.61 -0.22 16.66
CA LEU B 142 17.48 0.69 16.48
C LEU B 142 17.83 2.17 16.77
N LEU B 143 17.87 3.02 15.72
CA LEU B 143 18.12 4.44 15.96
C LEU B 143 16.83 5.08 16.49
N ILE B 144 16.69 5.02 17.85
CA ILE B 144 15.54 5.50 18.62
C ILE B 144 15.39 7.01 18.46
N ALA B 145 14.36 7.39 17.74
CA ALA B 145 14.03 8.76 17.41
C ALA B 145 13.38 9.53 18.58
N GLY B 146 12.51 8.85 19.32
CA GLY B 146 11.77 9.43 20.46
C GLY B 146 11.17 8.35 21.33
N VAL B 147 10.77 8.71 22.56
CA VAL B 147 10.17 7.75 23.48
C VAL B 147 8.80 8.24 23.91
N ILE B 148 7.77 7.43 23.62
CA ILE B 148 6.36 7.72 23.95
C ILE B 148 6.10 6.93 25.25
N GLY B 149 6.91 7.24 26.28
CA GLY B 149 6.94 6.52 27.54
C GLY B 149 6.81 7.21 28.89
N GLY B 150 6.27 6.43 29.81
CA GLY B 150 6.02 6.80 31.20
C GLY B 150 4.59 7.19 31.49
N SER B 151 3.85 6.29 32.16
CA SER B 151 2.53 6.47 32.71
C SER B 151 2.76 7.11 34.08
N TYR B 152 3.35 6.36 35.04
CA TYR B 152 3.67 6.87 36.37
C TYR B 152 4.77 7.91 36.32
N SER B 153 4.61 9.01 37.08
CA SER B 153 5.55 10.12 37.10
C SER B 153 6.93 9.70 37.51
N SER B 154 7.06 8.74 38.46
CA SER B 154 8.36 8.26 38.93
C SER B 154 9.17 7.60 37.81
N VAL B 155 8.51 6.78 36.99
CA VAL B 155 9.19 6.13 35.87
C VAL B 155 9.57 7.18 34.82
N SER B 156 8.65 8.11 34.46
CA SER B 156 8.96 9.17 33.52
C SER B 156 10.19 9.97 33.95
N ILE B 157 10.33 10.21 35.28
CA ILE B 157 11.44 10.94 35.89
C ILE B 157 12.73 10.16 35.71
N GLN B 158 12.75 8.89 36.13
CA GLN B 158 13.90 8.01 36.00
C GLN B 158 14.40 7.89 34.56
N VAL B 159 13.46 7.67 33.63
CA VAL B 159 13.71 7.53 32.19
C VAL B 159 14.28 8.83 31.63
N ALA B 160 13.65 9.99 31.96
CA ALA B 160 14.10 11.31 31.52
C ALA B 160 15.54 11.60 31.92
N ASN B 161 15.95 11.16 33.13
CA ASN B 161 17.30 11.34 33.66
C ASN B 161 18.31 10.67 32.74
N LEU B 162 17.95 9.50 32.18
CA LEU B 162 18.80 8.74 31.27
C LEU B 162 18.79 9.29 29.84
N LEU B 163 17.58 9.54 29.28
CA LEU B 163 17.34 9.99 27.91
C LEU B 163 17.93 11.35 27.60
N ARG B 164 17.94 12.28 28.56
CA ARG B 164 18.54 13.60 28.32
C ARG B 164 20.05 13.49 27.98
N LEU B 165 20.74 12.46 28.52
CA LEU B 165 22.16 12.19 28.29
C LEU B 165 22.44 11.74 26.83
N PHE B 166 21.39 11.33 26.10
CA PHE B 166 21.50 10.86 24.73
C PHE B 166 20.66 11.71 23.79
N GLN B 167 20.22 12.89 24.26
CA GLN B 167 19.40 13.85 23.51
C GLN B 167 18.19 13.17 22.85
N ILE B 168 17.52 12.25 23.57
CA ILE B 168 16.34 11.57 23.03
C ILE B 168 15.05 12.26 23.51
N PRO B 169 14.21 12.81 22.61
CA PRO B 169 12.95 13.44 23.06
C PRO B 169 11.96 12.41 23.65
N GLN B 170 11.27 12.82 24.73
CA GLN B 170 10.35 11.97 25.46
C GLN B 170 9.02 12.67 25.63
N ILE B 171 7.93 11.94 25.29
CA ILE B 171 6.56 12.46 25.45
C ILE B 171 5.75 11.51 26.35
N SER B 172 5.24 12.04 27.46
CA SER B 172 4.39 11.27 28.34
C SER B 172 2.96 11.54 28.01
N TYR B 173 2.14 10.52 28.11
CA TYR B 173 0.70 10.58 27.82
C TYR B 173 -0.13 10.54 29.12
N ALA B 174 0.54 10.39 30.30
CA ALA B 174 -0.14 10.27 31.60
C ALA B 174 0.59 10.87 32.80
N SER B 175 1.92 11.14 32.73
CA SER B 175 2.68 11.69 33.87
C SER B 175 2.31 13.16 34.16
N THR B 176 1.70 13.39 35.33
CA THR B 176 1.20 14.71 35.71
C THR B 176 2.02 15.45 36.78
N SER B 177 3.13 14.86 37.35
CA SER B 177 3.95 15.55 38.37
C SER B 177 4.43 16.93 37.93
N ALA B 178 4.31 17.93 38.81
CA ALA B 178 4.75 19.29 38.45
C ALA B 178 6.26 19.41 38.36
N LYS B 179 7.00 18.40 38.91
CA LYS B 179 8.47 18.29 38.88
C LYS B 179 8.98 18.29 37.46
N LEU B 180 8.28 17.55 36.57
CA LEU B 180 8.63 17.35 35.16
C LEU B 180 8.52 18.63 34.32
N SER B 181 7.85 19.68 34.82
CA SER B 181 7.76 20.99 34.15
C SER B 181 9.10 21.78 34.23
N ASP B 182 10.05 21.33 35.09
CA ASP B 182 11.37 21.95 35.28
C ASP B 182 12.28 21.64 34.08
N LYS B 183 12.44 22.61 33.16
CA LYS B 183 13.20 22.43 31.92
C LYS B 183 14.74 22.40 32.06
N SER B 184 15.26 22.71 33.23
CA SER B 184 16.71 22.61 33.45
C SER B 184 16.99 21.11 33.67
N ARG B 185 16.24 20.52 34.64
CA ARG B 185 16.27 19.12 35.04
C ARG B 185 15.83 18.20 33.90
N TYR B 186 14.70 18.54 33.21
CA TYR B 186 14.08 17.69 32.17
C TYR B 186 14.00 18.42 30.84
N ASP B 187 15.18 18.66 30.28
CA ASP B 187 15.44 19.41 29.04
C ASP B 187 14.97 18.76 27.72
N TYR B 188 14.58 17.45 27.71
CA TYR B 188 14.09 16.75 26.51
C TYR B 188 12.77 16.01 26.76
N PHE B 189 11.96 16.57 27.66
CA PHE B 189 10.67 16.02 28.07
C PHE B 189 9.50 16.94 27.74
N ALA B 190 8.45 16.37 27.20
CA ALA B 190 7.21 17.05 26.91
C ALA B 190 6.11 16.06 27.29
N ARG B 191 4.85 16.52 27.32
CA ARG B 191 3.72 15.70 27.71
C ARG B 191 2.42 16.23 27.14
N THR B 192 1.50 15.31 26.77
CA THR B 192 0.19 15.69 26.23
C THR B 192 -0.81 15.97 27.37
N VAL B 193 -0.30 15.92 28.60
CA VAL B 193 -1.11 16.09 29.81
C VAL B 193 -0.66 17.32 30.64
N PRO B 194 -1.54 17.95 31.45
CA PRO B 194 -1.10 19.12 32.22
C PRO B 194 -0.40 18.79 33.56
N PRO B 195 0.37 19.74 34.17
CA PRO B 195 0.98 19.46 35.50
C PRO B 195 -0.09 19.45 36.60
N ASP B 196 0.24 18.83 37.72
CA ASP B 196 -0.70 18.68 38.82
C ASP B 196 -0.91 19.95 39.64
N PHE B 197 -0.27 21.08 39.26
CA PHE B 197 -0.53 22.32 39.98
C PHE B 197 -2.02 22.73 39.86
N TYR B 198 -2.64 22.46 38.66
CA TYR B 198 -4.03 22.72 38.30
C TYR B 198 -5.01 21.77 38.94
N GLN B 199 -4.71 20.46 38.87
CA GLN B 199 -5.54 19.40 39.44
C GLN B 199 -5.82 19.75 40.88
N ALA B 200 -4.72 20.03 41.65
CA ALA B 200 -4.71 20.43 43.08
C ALA B 200 -5.65 21.63 43.41
N LYS B 201 -5.62 22.66 42.57
CA LYS B 201 -6.45 23.84 42.65
C LYS B 201 -7.89 23.41 42.44
N ALA B 202 -8.15 22.62 41.38
CA ALA B 202 -9.49 22.12 41.06
C ALA B 202 -10.13 21.39 42.27
N MET B 203 -9.31 20.57 42.99
CA MET B 203 -9.73 19.84 44.19
C MET B 203 -10.03 20.74 45.36
N ALA B 204 -9.18 21.75 45.61
CA ALA B 204 -9.38 22.73 46.69
C ALA B 204 -10.67 23.54 46.48
N GLU B 205 -10.95 23.89 45.19
CA GLU B 205 -12.13 24.63 44.75
C GLU B 205 -13.42 23.83 44.94
N ILE B 206 -13.36 22.50 44.73
CA ILE B 206 -14.51 21.61 44.97
C ILE B 206 -14.91 21.64 46.47
N LEU B 207 -13.93 21.47 47.39
CA LEU B 207 -14.18 21.47 48.84
C LEU B 207 -14.63 22.82 49.36
N ARG B 208 -14.11 23.90 48.77
CA ARG B 208 -14.48 25.26 49.15
C ARG B 208 -15.95 25.50 48.83
N PHE B 209 -16.40 25.04 47.65
CA PHE B 209 -17.78 25.15 47.16
C PHE B 209 -18.76 24.46 48.12
N PHE B 210 -18.40 23.27 48.63
CA PHE B 210 -19.26 22.49 49.53
C PHE B 210 -19.02 22.77 51.00
N ASN B 211 -18.17 23.76 51.30
CA ASN B 211 -17.82 24.20 52.64
C ASN B 211 -17.21 23.06 53.47
N TRP B 212 -16.42 22.20 52.79
CA TRP B 212 -15.68 21.10 53.40
C TRP B 212 -14.39 21.74 53.89
N THR B 213 -14.46 22.31 55.10
CA THR B 213 -13.41 23.10 55.72
C THR B 213 -12.49 22.30 56.66
N TYR B 214 -12.85 21.05 57.00
CA TYR B 214 -12.03 20.19 57.86
C TYR B 214 -11.99 18.79 57.23
N VAL B 215 -10.92 18.54 56.48
CA VAL B 215 -10.71 17.34 55.67
C VAL B 215 -9.44 16.56 56.03
N SER B 216 -9.40 15.26 55.66
CA SER B 216 -8.23 14.42 55.85
C SER B 216 -7.62 14.23 54.47
N THR B 217 -6.32 13.93 54.41
CA THR B 217 -5.62 13.69 53.15
C THR B 217 -4.87 12.40 53.24
N VAL B 218 -4.72 11.72 52.11
CA VAL B 218 -3.88 10.53 52.00
C VAL B 218 -3.31 10.57 50.59
N ALA B 219 -2.01 10.70 50.52
CA ALA B 219 -1.30 10.77 49.24
C ALA B 219 -0.31 9.62 49.16
N SER B 220 -0.06 9.11 47.94
CA SER B 220 0.89 8.00 47.83
C SER B 220 2.29 8.53 47.81
N GLU B 221 3.23 7.80 48.45
CA GLU B 221 4.63 8.21 48.47
C GLU B 221 5.17 8.12 47.03
N GLY B 222 6.07 9.02 46.69
CA GLY B 222 6.64 9.11 45.35
C GLY B 222 6.50 10.48 44.76
N ASP B 223 6.83 10.61 43.47
CA ASP B 223 6.81 11.85 42.71
C ASP B 223 5.43 12.41 42.42
N TYR B 224 4.43 11.54 42.26
CA TYR B 224 3.07 11.98 41.98
C TYR B 224 2.34 12.53 43.21
N GLY B 225 2.14 11.66 44.20
CA GLY B 225 1.37 11.95 45.39
C GLY B 225 1.89 13.08 46.24
N GLU B 226 3.18 13.01 46.58
CA GLU B 226 3.84 13.96 47.48
C GLU B 226 3.83 15.40 46.99
N THR B 227 4.23 15.67 45.74
CA THR B 227 4.19 17.04 45.21
C THR B 227 2.75 17.49 44.92
N GLY B 228 1.88 16.53 44.58
CA GLY B 228 0.47 16.78 44.32
C GLY B 228 -0.25 17.30 45.56
N ILE B 229 -0.13 16.53 46.67
CA ILE B 229 -0.72 16.84 47.97
C ILE B 229 -0.13 18.13 48.57
N GLU B 230 1.18 18.36 48.37
CA GLU B 230 1.86 19.57 48.79
C GLU B 230 1.17 20.76 48.12
N ALA B 231 0.91 20.68 46.80
CA ALA B 231 0.22 21.72 46.02
C ALA B 231 -1.21 21.91 46.53
N PHE B 232 -1.91 20.80 46.85
CA PHE B 232 -3.27 20.84 47.38
C PHE B 232 -3.30 21.58 48.71
N GLU B 233 -2.39 21.23 49.64
CA GLU B 233 -2.28 21.84 50.97
C GLU B 233 -2.09 23.36 50.90
N GLN B 234 -1.38 23.89 49.88
CA GLN B 234 -1.18 25.33 49.67
C GLN B 234 -2.52 25.99 49.26
N GLU B 235 -3.22 25.38 48.26
CA GLU B 235 -4.50 25.86 47.76
C GLU B 235 -5.60 25.81 48.83
N ALA B 236 -5.64 24.72 49.61
CA ALA B 236 -6.60 24.51 50.70
C ALA B 236 -6.46 25.61 51.73
N ARG B 237 -5.20 25.91 52.16
CA ARG B 237 -4.85 26.95 53.14
C ARG B 237 -5.29 28.34 52.68
N LEU B 238 -5.15 28.63 51.37
CA LEU B 238 -5.59 29.90 50.76
C LEU B 238 -7.11 30.02 50.78
N ARG B 239 -7.82 28.90 51.00
CA ARG B 239 -9.28 28.85 51.01
C ARG B 239 -9.83 28.53 52.40
N ASN B 240 -8.98 28.67 53.45
CA ASN B 240 -9.31 28.46 54.86
C ASN B 240 -9.82 27.03 55.15
N ILE B 241 -9.28 26.04 54.40
CA ILE B 241 -9.55 24.60 54.55
C ILE B 241 -8.42 24.01 55.42
N SER B 242 -8.79 23.39 56.55
CA SER B 242 -7.85 22.78 57.49
C SER B 242 -7.71 21.29 57.20
N ILE B 243 -6.53 20.74 57.49
CA ILE B 243 -6.23 19.33 57.27
C ILE B 243 -6.15 18.60 58.64
N ALA B 244 -7.10 17.67 58.90
CA ALA B 244 -7.24 16.87 60.11
C ALA B 244 -6.07 15.93 60.32
N THR B 245 -5.83 15.05 59.34
CA THR B 245 -4.72 14.11 59.33
C THR B 245 -4.19 14.01 57.90
N ALA B 246 -2.87 13.88 57.77
CA ALA B 246 -2.21 13.78 56.47
C ALA B 246 -1.42 12.49 56.44
N GLU B 247 -1.96 11.48 55.76
CA GLU B 247 -1.31 10.17 55.68
C GLU B 247 -0.57 9.99 54.36
N LYS B 248 0.45 9.09 54.38
CA LYS B 248 1.30 8.70 53.25
C LYS B 248 1.23 7.19 53.13
N VAL B 249 1.67 6.63 51.99
CA VAL B 249 1.65 5.17 51.73
C VAL B 249 2.84 4.75 50.85
N GLY B 250 2.55 4.45 49.58
CA GLY B 250 3.49 4.10 48.52
C GLY B 250 4.52 2.99 48.70
N ARG B 251 5.78 3.43 48.93
CA ARG B 251 7.03 2.64 49.04
C ARG B 251 6.93 1.38 49.92
N SER B 252 7.18 0.20 49.30
CA SER B 252 7.20 -1.16 49.87
C SER B 252 5.92 -1.58 50.68
N ASN B 253 4.95 -0.68 50.77
CA ASN B 253 3.73 -0.94 51.52
C ASN B 253 3.01 -2.23 51.15
N ILE B 254 2.17 -2.71 52.06
CA ILE B 254 1.35 -3.91 51.89
C ILE B 254 0.22 -3.97 52.97
N ARG B 255 -0.98 -4.48 52.55
CA ARG B 255 -2.24 -4.69 53.29
C ARG B 255 -2.38 -3.89 54.59
N LYS B 256 -1.70 -4.34 55.68
CA LYS B 256 -1.68 -3.76 57.03
C LYS B 256 -1.23 -2.28 57.07
N SER B 257 -0.42 -1.84 56.08
CA SER B 257 0.05 -0.46 55.96
C SER B 257 -1.08 0.49 55.50
N TYR B 258 -2.21 -0.06 54.95
CA TYR B 258 -3.40 0.69 54.52
C TYR B 258 -4.47 0.59 55.59
N ASP B 259 -4.51 -0.54 56.34
CA ASP B 259 -5.45 -0.75 57.44
C ASP B 259 -5.13 0.22 58.57
N SER B 260 -3.83 0.54 58.74
CA SER B 260 -3.31 1.48 59.71
C SER B 260 -3.77 2.90 59.37
N VAL B 261 -3.75 3.25 58.07
CA VAL B 261 -4.18 4.55 57.52
C VAL B 261 -5.71 4.74 57.72
N ILE B 262 -6.48 3.69 57.48
CA ILE B 262 -7.94 3.70 57.66
C ILE B 262 -8.29 3.94 59.13
N ARG B 263 -7.57 3.24 60.04
CA ARG B 263 -7.66 3.35 61.49
C ARG B 263 -7.45 4.85 61.88
N GLU B 264 -6.35 5.46 61.39
CA GLU B 264 -6.00 6.86 61.61
C GLU B 264 -7.00 7.86 61.03
N LEU B 265 -7.69 7.51 59.91
CA LEU B 265 -8.74 8.33 59.31
C LEU B 265 -10.00 8.30 60.21
N LEU B 266 -10.34 7.10 60.76
CA LEU B 266 -11.48 6.93 61.64
C LEU B 266 -11.28 7.60 63.01
N GLN B 267 -10.06 7.83 63.42
CA GLN B 267 -9.84 8.55 64.66
C GLN B 267 -10.11 10.04 64.64
N LYS B 268 -10.37 10.58 63.46
CA LYS B 268 -10.84 11.96 63.27
C LYS B 268 -12.24 11.87 62.59
N PRO B 269 -13.30 11.46 63.35
CA PRO B 269 -14.64 11.29 62.72
C PRO B 269 -15.26 12.57 62.16
N ASN B 270 -14.75 13.70 62.65
CA ASN B 270 -15.09 15.08 62.32
C ASN B 270 -14.83 15.36 60.82
N ALA B 271 -13.76 14.77 60.25
CA ALA B 271 -13.38 14.90 58.84
C ALA B 271 -13.93 13.72 58.02
N ARG B 272 -15.17 13.83 57.49
CA ARG B 272 -15.75 12.75 56.69
C ARG B 272 -15.34 12.80 55.20
N VAL B 273 -14.76 13.94 54.75
CA VAL B 273 -14.23 14.12 53.39
C VAL B 273 -12.73 13.82 53.42
N VAL B 274 -12.28 12.84 52.59
CA VAL B 274 -10.87 12.42 52.49
C VAL B 274 -10.35 12.71 51.08
N VAL B 275 -9.36 13.62 50.98
CA VAL B 275 -8.73 14.02 49.72
C VAL B 275 -7.61 13.03 49.40
N LEU B 276 -7.67 12.45 48.17
CA LEU B 276 -6.73 11.44 47.71
C LEU B 276 -5.91 11.84 46.49
N PHE B 277 -4.56 11.87 46.69
CA PHE B 277 -3.51 12.10 45.68
C PHE B 277 -2.65 10.83 45.61
N MET B 278 -3.27 9.72 45.21
CA MET B 278 -2.62 8.42 45.17
C MET B 278 -2.61 7.74 43.82
N ARG B 279 -1.66 6.78 43.67
CA ARG B 279 -1.47 5.91 42.52
C ARG B 279 -2.63 4.96 42.41
N SER B 280 -2.90 4.46 41.18
CA SER B 280 -3.96 3.50 40.87
C SER B 280 -3.85 2.24 41.75
N ASP B 281 -2.65 1.67 41.88
CA ASP B 281 -2.45 0.46 42.68
C ASP B 281 -2.69 0.69 44.19
N ASP B 282 -2.28 1.86 44.75
CA ASP B 282 -2.48 2.17 46.17
C ASP B 282 -3.93 2.52 46.44
N SER B 283 -4.60 3.13 45.45
CA SER B 283 -6.01 3.52 45.49
C SER B 283 -6.95 2.33 45.64
N ARG B 284 -6.62 1.18 45.02
CA ARG B 284 -7.42 -0.03 45.12
C ARG B 284 -7.23 -0.67 46.49
N GLU B 285 -5.95 -0.68 46.96
CA GLU B 285 -5.58 -1.23 48.25
C GLU B 285 -6.19 -0.43 49.40
N LEU B 286 -6.30 0.90 49.25
CA LEU B 286 -6.84 1.79 50.27
C LEU B 286 -8.33 1.58 50.38
N ILE B 287 -9.01 1.51 49.23
CA ILE B 287 -10.45 1.27 49.11
C ILE B 287 -10.82 -0.10 49.68
N ALA B 288 -10.01 -1.15 49.36
CA ALA B 288 -10.20 -2.49 49.87
C ALA B 288 -10.10 -2.49 51.39
N ALA B 289 -9.15 -1.69 51.95
CA ALA B 289 -8.92 -1.54 53.39
C ALA B 289 -10.09 -0.84 54.04
N ALA B 290 -10.65 0.19 53.38
CA ALA B 290 -11.81 0.94 53.83
C ALA B 290 -13.01 0.02 53.89
N SER B 291 -13.17 -0.85 52.87
CA SER B 291 -14.25 -1.83 52.76
C SER B 291 -14.20 -2.86 53.92
N ARG B 292 -12.98 -3.34 54.25
CA ARG B 292 -12.75 -4.30 55.33
C ARG B 292 -13.25 -3.79 56.69
N ALA B 293 -13.00 -2.52 57.00
CA ALA B 293 -13.40 -1.91 58.27
C ALA B 293 -14.65 -1.04 58.13
N ASN B 294 -15.36 -1.18 56.99
CA ASN B 294 -16.58 -0.43 56.65
C ASN B 294 -16.48 1.08 56.94
N ALA B 295 -15.97 1.91 55.99
CA ALA B 295 -15.83 3.36 56.22
C ALA B 295 -16.56 4.27 55.17
N SER B 296 -17.74 4.80 55.58
CA SER B 296 -18.64 5.69 54.80
C SER B 296 -18.03 7.12 54.53
N PHE B 297 -16.72 7.20 54.15
CA PHE B 297 -16.06 8.48 53.87
C PHE B 297 -16.43 8.98 52.50
N THR B 298 -16.37 10.32 52.33
CA THR B 298 -16.63 10.96 51.04
C THR B 298 -15.25 11.18 50.42
N TRP B 299 -14.91 10.31 49.48
CA TRP B 299 -13.61 10.36 48.82
C TRP B 299 -13.59 11.42 47.74
N VAL B 300 -12.57 12.30 47.77
CA VAL B 300 -12.33 13.31 46.74
C VAL B 300 -10.95 12.91 46.20
N ALA B 301 -10.89 12.26 45.02
CA ALA B 301 -9.67 11.72 44.44
C ALA B 301 -9.21 12.32 43.13
N SER B 302 -7.91 12.26 42.86
CA SER B 302 -7.23 12.77 41.66
C SER B 302 -7.22 11.71 40.55
N ASP B 303 -6.68 12.09 39.36
CA ASP B 303 -6.55 11.27 38.15
C ASP B 303 -6.06 9.82 38.42
N GLY B 304 -5.19 9.65 39.43
CA GLY B 304 -4.66 8.37 39.85
C GLY B 304 -5.77 7.33 40.02
N TRP B 305 -6.91 7.76 40.59
CA TRP B 305 -8.13 6.96 40.73
C TRP B 305 -8.92 7.16 39.43
N GLY B 306 -9.21 8.43 39.10
CA GLY B 306 -9.95 8.82 37.90
C GLY B 306 -11.30 8.13 37.77
N ALA B 307 -11.63 7.67 36.57
CA ALA B 307 -12.91 6.98 36.31
C ALA B 307 -12.68 5.47 36.10
N GLN B 308 -11.79 4.89 36.91
CA GLN B 308 -11.43 3.48 36.82
C GLN B 308 -12.37 2.61 37.58
N GLU B 309 -12.99 1.65 36.88
CA GLU B 309 -13.91 0.71 37.50
C GLU B 309 -13.16 -0.51 38.10
N SER B 310 -11.83 -0.60 37.93
CA SER B 310 -11.03 -1.70 38.48
C SER B 310 -10.82 -1.55 39.98
N ILE B 311 -10.69 -0.31 40.40
CA ILE B 311 -10.44 0.09 41.76
C ILE B 311 -11.58 -0.34 42.63
N ILE B 312 -12.75 0.13 42.26
CA ILE B 312 -14.01 -0.07 42.95
C ILE B 312 -14.52 -1.51 42.87
N LYS B 313 -14.00 -2.34 41.95
CA LYS B 313 -14.48 -3.70 41.73
C LYS B 313 -14.38 -4.56 42.96
N GLY B 314 -15.56 -4.92 43.48
CA GLY B 314 -15.69 -5.71 44.71
C GLY B 314 -15.99 -4.86 45.94
N SER B 315 -15.71 -3.56 45.87
CA SER B 315 -15.93 -2.61 46.96
C SER B 315 -16.69 -1.36 46.50
N GLU B 316 -17.76 -1.58 45.73
CA GLU B 316 -18.60 -0.51 45.20
C GLU B 316 -19.37 0.25 46.30
N HIS B 317 -19.72 -0.43 47.40
CA HIS B 317 -20.44 0.16 48.53
C HIS B 317 -19.65 1.24 49.27
N VAL B 318 -18.38 0.95 49.60
CA VAL B 318 -17.52 1.86 50.37
C VAL B 318 -17.07 3.10 49.57
N ALA B 319 -17.15 3.03 48.24
CA ALA B 319 -16.74 4.11 47.34
C ALA B 319 -17.94 4.79 46.68
N TYR B 320 -19.20 4.44 47.05
CA TYR B 320 -20.36 5.06 46.42
C TYR B 320 -20.36 6.56 46.75
N GLY B 321 -20.57 7.39 45.73
CA GLY B 321 -20.57 8.85 45.84
C GLY B 321 -19.20 9.53 45.90
N ALA B 322 -18.13 8.81 45.56
CA ALA B 322 -16.78 9.33 45.53
C ALA B 322 -16.61 10.28 44.35
N ILE B 323 -16.10 11.50 44.62
CA ILE B 323 -15.85 12.56 43.64
C ILE B 323 -14.45 12.35 43.10
N THR B 324 -14.31 12.19 41.79
CA THR B 324 -12.99 11.94 41.19
C THR B 324 -12.71 12.86 40.03
N LEU B 325 -11.44 13.21 39.84
CA LEU B 325 -11.02 14.06 38.74
C LEU B 325 -10.31 13.18 37.75
N GLU B 326 -10.41 13.56 36.49
CA GLU B 326 -9.76 12.86 35.41
C GLU B 326 -9.62 13.91 34.33
N LEU B 327 -8.47 13.90 33.60
CA LEU B 327 -8.17 14.88 32.56
C LEU B 327 -9.29 14.92 31.55
N ALA B 328 -9.69 16.12 31.15
CA ALA B 328 -10.76 16.28 30.18
C ALA B 328 -10.34 15.65 28.84
N SER B 329 -11.08 14.60 28.44
CA SER B 329 -10.81 13.84 27.21
C SER B 329 -12.10 13.30 26.58
N GLN B 330 -12.02 12.92 25.29
CA GLN B 330 -13.12 12.38 24.49
C GLN B 330 -12.68 11.04 23.89
N PRO B 331 -13.56 10.01 23.87
CA PRO B 331 -13.15 8.71 23.32
C PRO B 331 -12.86 8.72 21.82
N VAL B 332 -11.81 7.98 21.43
CA VAL B 332 -11.37 7.79 20.05
C VAL B 332 -12.23 6.61 19.54
N ARG B 333 -13.28 6.93 18.77
CA ARG B 333 -14.21 5.94 18.23
C ARG B 333 -13.49 4.93 17.34
N GLN B 334 -12.54 5.43 16.53
CA GLN B 334 -11.72 4.64 15.64
C GLN B 334 -11.02 3.51 16.42
N PHE B 335 -10.43 3.82 17.61
CA PHE B 335 -9.70 2.87 18.48
C PHE B 335 -10.57 1.75 19.04
N ASP B 336 -11.82 2.05 19.47
CA ASP B 336 -12.78 1.04 19.95
C ASP B 336 -12.86 -0.07 18.88
N ARG B 337 -13.17 0.30 17.59
CA ARG B 337 -13.26 -0.62 16.45
C ARG B 337 -12.05 -1.58 16.40
N TYR B 338 -10.84 -0.99 16.42
CA TYR B 338 -9.55 -1.66 16.41
C TYR B 338 -9.40 -2.64 17.59
N PHE B 339 -9.58 -2.12 18.83
CA PHE B 339 -9.39 -2.88 20.05
C PHE B 339 -10.39 -4.03 20.18
N GLN B 340 -11.62 -3.81 19.73
CA GLN B 340 -12.65 -4.81 19.78
C GLN B 340 -12.38 -5.90 18.76
N SER B 341 -11.67 -5.56 17.67
CA SER B 341 -11.27 -6.48 16.60
C SER B 341 -10.10 -7.46 16.98
N LEU B 342 -9.46 -7.24 18.14
CA LEU B 342 -8.31 -8.03 18.61
C LEU B 342 -8.73 -9.30 19.36
N ASN B 343 -7.98 -10.39 19.14
CA ASN B 343 -8.17 -11.73 19.77
C ASN B 343 -6.82 -12.50 19.77
N PRO B 344 -6.64 -13.68 20.43
CA PRO B 344 -5.29 -14.30 20.42
C PRO B 344 -4.82 -14.89 19.10
N TYR B 345 -5.75 -15.12 18.17
CA TYR B 345 -5.44 -15.79 16.92
C TYR B 345 -5.13 -14.81 15.81
N ASN B 346 -5.24 -13.51 16.08
CA ASN B 346 -4.85 -12.50 15.11
C ASN B 346 -3.75 -11.55 15.66
N ASN B 347 -3.68 -11.40 17.00
CA ASN B 347 -2.74 -10.48 17.62
C ASN B 347 -1.45 -11.18 18.08
N HIS B 348 -0.50 -11.32 17.15
CA HIS B 348 0.76 -11.97 17.53
C HIS B 348 1.90 -11.00 17.69
N ARG B 349 1.69 -9.69 17.37
CA ARG B 349 2.73 -8.69 17.57
C ARG B 349 2.86 -8.30 19.03
N ASN B 350 1.79 -8.51 19.84
CA ASN B 350 1.76 -8.21 21.27
C ASN B 350 2.01 -9.50 22.09
N PRO B 351 3.24 -9.67 22.65
CA PRO B 351 3.54 -10.90 23.43
C PRO B 351 2.81 -11.01 24.77
N TRP B 352 2.20 -9.92 25.26
CA TRP B 352 1.44 -9.92 26.52
C TRP B 352 -0.06 -10.15 26.32
N PHE B 353 -0.55 -10.14 25.05
CA PHE B 353 -1.97 -10.28 24.75
C PHE B 353 -2.61 -11.61 25.22
N ARG B 354 -1.88 -12.72 25.15
CA ARG B 354 -2.40 -14.02 25.57
C ARG B 354 -2.64 -14.05 27.09
N ASP B 355 -1.70 -13.45 27.87
CA ASP B 355 -1.83 -13.34 29.33
C ASP B 355 -3.00 -12.42 29.71
N PHE B 356 -3.20 -11.34 28.93
CA PHE B 356 -4.27 -10.37 29.10
C PHE B 356 -5.62 -11.07 28.91
N TRP B 357 -5.75 -11.82 27.80
CA TRP B 357 -6.96 -12.55 27.42
C TRP B 357 -7.38 -13.54 28.51
N GLU B 358 -6.41 -14.36 28.99
CA GLU B 358 -6.61 -15.34 30.06
C GLU B 358 -7.08 -14.72 31.38
N GLN B 359 -6.55 -13.55 31.73
CA GLN B 359 -6.92 -12.83 32.97
C GLN B 359 -8.31 -12.20 32.84
N LYS B 360 -8.53 -11.43 31.76
CA LYS B 360 -9.78 -10.75 31.43
C LYS B 360 -10.97 -11.69 31.40
N PHE B 361 -10.80 -12.87 30.79
CA PHE B 361 -11.89 -13.82 30.64
C PHE B 361 -11.83 -15.05 31.57
N GLN B 362 -10.84 -15.12 32.47
CA GLN B 362 -10.68 -16.26 33.40
C GLN B 362 -10.51 -17.58 32.61
N CYS B 363 -9.37 -17.66 31.88
CA CYS B 363 -8.98 -18.74 30.95
C CYS B 363 -7.90 -19.65 31.44
N SER B 364 -7.63 -20.61 30.56
CA SER B 364 -6.63 -21.68 30.49
C SER B 364 -6.86 -22.22 29.07
N LEU B 365 -6.07 -23.25 28.63
CA LEU B 365 -6.19 -23.91 27.31
C LEU B 365 -5.92 -25.42 27.33
N ARG B 373 -10.23 -24.19 33.43
CA ARG B 373 -11.32 -23.87 32.52
C ARG B 373 -10.84 -23.32 31.17
N VAL B 374 -10.98 -24.16 30.12
CA VAL B 374 -10.59 -23.85 28.72
C VAL B 374 -11.39 -22.66 28.23
N CYS B 375 -10.78 -21.85 27.34
CA CYS B 375 -11.50 -20.68 26.89
C CYS B 375 -12.11 -20.80 25.51
N ASP B 376 -13.31 -20.22 25.42
CA ASP B 376 -14.17 -20.18 24.25
C ASP B 376 -13.59 -19.33 23.15
N LYS B 377 -13.69 -19.85 21.91
CA LYS B 377 -13.24 -19.21 20.68
C LYS B 377 -14.22 -18.13 20.18
N HIS B 378 -15.34 -17.91 20.90
CA HIS B 378 -16.34 -16.88 20.56
C HIS B 378 -16.08 -15.66 21.35
N LEU B 379 -15.24 -15.79 22.35
CA LEU B 379 -14.94 -14.69 23.20
C LEU B 379 -14.43 -13.49 22.44
N ALA B 380 -15.04 -12.36 22.73
CA ALA B 380 -14.75 -11.12 22.03
C ALA B 380 -14.81 -9.91 22.96
N ILE B 381 -13.88 -8.94 22.74
CA ILE B 381 -13.84 -7.66 23.44
C ILE B 381 -14.95 -6.87 22.76
N ASP B 382 -15.95 -6.41 23.54
CA ASP B 382 -17.10 -5.67 23.04
C ASP B 382 -17.62 -4.72 24.12
N SER B 383 -18.59 -3.87 23.76
CA SER B 383 -19.22 -2.88 24.63
C SER B 383 -19.79 -3.46 25.94
N SER B 384 -19.97 -4.79 26.00
CA SER B 384 -20.49 -5.47 27.19
C SER B 384 -19.40 -5.77 28.22
N ASN B 385 -18.13 -5.82 27.78
CA ASN B 385 -17.01 -6.13 28.66
C ASN B 385 -15.82 -5.16 28.49
N TYR B 386 -16.05 -4.05 27.79
CA TYR B 386 -14.98 -3.10 27.54
C TYR B 386 -15.44 -1.66 27.50
N GLU B 387 -14.63 -0.78 28.12
CA GLU B 387 -14.81 0.67 28.13
C GLU B 387 -13.45 1.29 27.87
N GLN B 388 -13.40 2.26 26.93
CA GLN B 388 -12.18 2.97 26.55
C GLN B 388 -11.60 3.72 27.74
N GLU B 389 -10.30 3.46 28.01
CA GLU B 389 -9.54 4.11 29.05
C GLU B 389 -9.48 5.64 28.76
N SER B 390 -9.67 6.47 29.78
CA SER B 390 -9.73 7.92 29.67
C SER B 390 -8.53 8.60 28.96
N LYS B 391 -7.30 8.08 29.14
CA LYS B 391 -6.11 8.73 28.57
C LYS B 391 -5.70 8.21 27.19
N ILE B 392 -6.56 7.42 26.53
CA ILE B 392 -6.27 6.86 25.18
C ILE B 392 -5.99 8.00 24.17
N MET B 393 -6.82 9.06 24.20
CA MET B 393 -6.70 10.28 23.40
C MET B 393 -5.26 10.84 23.53
N PHE B 394 -4.72 10.93 24.79
CA PHE B 394 -3.37 11.41 25.08
C PHE B 394 -2.25 10.52 24.55
N VAL B 395 -2.46 9.18 24.49
CA VAL B 395 -1.48 8.23 23.94
C VAL B 395 -1.39 8.47 22.42
N VAL B 396 -2.57 8.51 21.78
CA VAL B 396 -2.72 8.76 20.36
C VAL B 396 -1.99 10.05 20.03
N ASN B 397 -2.39 11.16 20.70
CA ASN B 397 -1.80 12.49 20.53
C ASN B 397 -0.30 12.51 20.72
N ALA B 398 0.24 11.75 21.69
CA ALA B 398 1.68 11.69 21.94
C ALA B 398 2.44 11.08 20.74
N VAL B 399 1.90 9.99 20.17
CA VAL B 399 2.51 9.32 19.00
C VAL B 399 2.48 10.28 17.81
N TYR B 400 1.31 10.91 17.58
CA TYR B 400 1.08 11.87 16.52
C TYR B 400 1.95 13.13 16.65
N ALA B 401 2.17 13.60 17.90
CA ALA B 401 3.01 14.76 18.21
C ALA B 401 4.43 14.48 17.71
N MET B 402 4.97 13.32 18.07
CA MET B 402 6.30 12.86 17.66
C MET B 402 6.36 12.74 16.12
N ALA B 403 5.30 12.19 15.48
CA ALA B 403 5.19 12.01 14.03
C ALA B 403 5.22 13.34 13.29
N HIS B 404 4.40 14.31 13.75
CA HIS B 404 4.29 15.65 13.17
C HIS B 404 5.59 16.45 13.26
N ALA B 405 6.35 16.29 14.37
CA ALA B 405 7.62 16.97 14.60
C ALA B 405 8.68 16.37 13.71
N LEU B 406 8.63 15.03 13.49
CA LEU B 406 9.57 14.34 12.59
C LEU B 406 9.26 14.70 11.13
N HIS B 407 7.96 14.98 10.84
CA HIS B 407 7.48 15.41 9.54
C HIS B 407 7.98 16.84 9.30
N LYS B 408 7.75 17.79 10.25
CA LYS B 408 8.21 19.20 10.17
C LYS B 408 9.71 19.28 9.95
N MET B 409 10.49 18.39 10.59
CA MET B 409 11.95 18.31 10.47
C MET B 409 12.32 17.75 9.11
N GLN B 410 11.58 16.72 8.66
CA GLN B 410 11.75 16.06 7.36
C GLN B 410 11.52 17.07 6.24
N ARG B 411 10.44 17.87 6.36
CA ARG B 411 10.02 18.95 5.45
C ARG B 411 11.00 20.14 5.40
N THR B 412 11.83 20.29 6.45
CA THR B 412 12.82 21.36 6.60
C THR B 412 14.19 20.89 6.09
N LEU B 413 14.63 19.69 6.48
CA LEU B 413 15.95 19.18 6.10
C LEU B 413 15.97 18.39 4.78
N CYS B 414 14.84 17.80 4.35
CA CYS B 414 14.75 17.03 3.08
C CYS B 414 13.58 17.59 2.23
N PRO B 415 13.64 18.82 1.71
CA PRO B 415 12.48 19.33 0.94
C PRO B 415 12.32 18.69 -0.45
N ASN B 416 13.40 18.08 -0.94
CA ASN B 416 13.60 17.43 -2.23
C ASN B 416 13.03 16.00 -2.34
N THR B 417 12.76 15.35 -1.19
CA THR B 417 12.31 13.95 -1.10
C THR B 417 11.27 13.73 0.00
N THR B 418 10.66 12.55 0.02
CA THR B 418 9.72 12.08 1.04
C THR B 418 10.50 11.18 1.99
N LYS B 419 11.69 10.78 1.55
CA LYS B 419 12.60 9.86 2.24
C LYS B 419 13.49 10.54 3.27
N LEU B 420 14.16 9.70 4.08
CA LEU B 420 15.13 10.08 5.11
C LEU B 420 16.46 10.42 4.42
N CYS B 421 16.65 11.71 4.07
CA CYS B 421 17.84 12.18 3.38
C CYS B 421 19.11 12.13 4.27
N ASP B 422 20.29 12.32 3.68
CA ASP B 422 21.60 12.29 4.35
C ASP B 422 21.67 13.32 5.47
N ALA B 423 20.99 14.47 5.26
CA ALA B 423 20.89 15.58 6.22
C ALA B 423 20.03 15.25 7.45
N MET B 424 19.31 14.11 7.41
CA MET B 424 18.41 13.65 8.48
C MET B 424 18.74 12.26 9.02
N LYS B 425 19.66 11.51 8.38
CA LYS B 425 20.07 10.17 8.84
C LYS B 425 20.68 10.24 10.26
N ILE B 426 21.52 11.25 10.50
CA ILE B 426 22.17 11.56 11.77
C ILE B 426 21.25 12.59 12.46
N LEU B 427 20.29 12.07 13.24
CA LEU B 427 19.25 12.87 13.91
C LEU B 427 19.77 13.76 15.03
N ASP B 428 19.32 15.03 15.04
CA ASP B 428 19.69 16.05 16.04
C ASP B 428 18.52 16.19 17.02
N GLY B 429 18.56 15.35 18.07
CA GLY B 429 17.55 15.28 19.13
C GLY B 429 17.31 16.55 19.93
N LYS B 430 18.34 17.44 19.98
CA LYS B 430 18.28 18.75 20.65
C LYS B 430 17.39 19.68 19.82
N LYS B 431 17.70 19.79 18.52
CA LYS B 431 16.96 20.65 17.59
C LYS B 431 15.56 20.13 17.35
N LEU B 432 15.42 18.79 17.25
CA LEU B 432 14.15 18.11 17.11
C LEU B 432 13.23 18.45 18.27
N TYR B 433 13.75 18.45 19.50
CA TYR B 433 12.93 18.76 20.66
C TYR B 433 12.56 20.24 20.73
N LYS B 434 13.61 21.10 20.74
CA LYS B 434 13.58 22.55 20.90
C LYS B 434 12.87 23.29 19.79
N ASP B 435 13.22 23.02 18.55
CA ASP B 435 12.74 23.74 17.38
C ASP B 435 11.52 23.13 16.68
N TYR B 436 11.44 21.78 16.67
CA TYR B 436 10.34 21.09 16.01
C TYR B 436 9.25 20.61 16.94
N LEU B 437 9.59 19.84 18.01
CA LEU B 437 8.65 19.21 18.95
C LEU B 437 7.59 20.13 19.54
N LEU B 438 7.80 21.46 19.51
CA LEU B 438 6.81 22.43 19.95
C LEU B 438 6.09 23.01 18.67
N LYS B 439 4.87 22.42 18.39
CA LYS B 439 3.98 22.52 17.22
C LYS B 439 2.45 22.57 17.55
N ILE B 440 1.63 23.10 16.62
CA ILE B 440 0.16 23.24 16.60
C ILE B 440 -0.38 22.12 15.69
N ASN B 441 -1.08 21.10 16.24
CA ASN B 441 -1.64 20.01 15.42
C ASN B 441 -3.05 19.67 15.88
N PHE B 442 -3.92 19.22 14.95
CA PHE B 442 -5.34 18.91 15.17
C PHE B 442 -5.64 17.39 15.30
N THR B 443 -5.86 16.95 16.56
CA THR B 443 -6.16 15.60 17.11
C THR B 443 -6.28 14.41 16.10
N ALA B 444 -5.20 14.13 15.32
CA ALA B 444 -5.09 13.04 14.34
C ALA B 444 -6.26 12.98 13.28
N PRO B 445 -6.25 12.15 12.19
CA PRO B 445 -7.39 12.16 11.25
C PRO B 445 -8.66 11.48 11.77
N PHE B 446 -9.10 11.92 12.98
CA PHE B 446 -10.29 11.49 13.76
C PHE B 446 -10.52 12.38 15.01
N ASN B 447 -11.58 13.24 14.97
CA ASN B 447 -12.02 14.11 16.08
C ASN B 447 -13.18 15.08 15.78
N PRO B 448 -14.24 15.13 16.65
CA PRO B 448 -15.30 16.12 16.43
C PRO B 448 -14.93 17.49 17.01
N ALA B 452 -13.45 23.39 19.59
CA ALA B 452 -13.64 22.73 20.87
C ALA B 452 -12.28 22.36 21.47
N ASP B 453 -11.26 23.24 21.22
CA ASP B 453 -9.86 23.08 21.57
C ASP B 453 -9.43 21.61 21.62
N SER B 454 -9.42 21.03 20.41
CA SER B 454 -8.99 19.69 20.06
C SER B 454 -7.69 19.93 19.26
N ILE B 455 -6.81 20.75 19.89
CA ILE B 455 -5.52 21.17 19.36
C ILE B 455 -4.41 20.64 20.28
N VAL B 456 -3.51 19.85 19.70
CA VAL B 456 -2.35 19.26 20.34
C VAL B 456 -1.17 20.22 20.18
N LYS B 457 -0.76 20.84 21.29
CA LYS B 457 0.35 21.78 21.37
C LYS B 457 1.00 21.70 22.73
N PHE B 458 2.21 22.26 22.86
CA PHE B 458 2.90 22.26 24.14
C PHE B 458 3.16 23.66 24.63
N ASP B 459 3.22 23.80 25.99
CA ASP B 459 3.55 25.01 26.75
C ASP B 459 5.00 25.35 26.51
N THR B 460 5.43 26.52 27.02
CA THR B 460 6.85 26.89 27.05
C THR B 460 7.60 25.79 27.85
N PHE B 461 6.86 25.11 28.75
CA PHE B 461 7.35 24.05 29.63
C PHE B 461 7.08 22.65 29.11
N GLY B 462 6.57 22.54 27.89
CA GLY B 462 6.26 21.26 27.26
C GLY B 462 5.09 20.51 27.87
N ASP B 463 4.19 21.23 28.53
CA ASP B 463 3.00 20.65 29.20
C ASP B 463 1.72 20.86 28.40
N GLY B 464 0.70 20.06 28.72
CA GLY B 464 -0.65 20.15 28.16
C GLY B 464 -1.53 21.16 28.90
N MET B 465 -2.79 21.36 28.44
CA MET B 465 -3.73 22.30 29.05
C MET B 465 -4.48 21.75 30.24
N GLY B 466 -4.50 22.54 31.32
CA GLY B 466 -5.16 22.24 32.58
C GLY B 466 -6.67 22.29 32.43
N ARG B 467 -7.26 21.13 32.06
CA ARG B 467 -8.69 20.89 31.86
C ARG B 467 -9.07 19.54 32.47
N TYR B 468 -10.01 19.52 33.42
CA TYR B 468 -10.41 18.30 34.11
C TYR B 468 -11.90 18.12 34.12
N ASN B 469 -12.34 16.86 34.17
CA ASN B 469 -13.73 16.49 34.30
C ASN B 469 -13.91 15.93 35.68
N VAL B 470 -15.04 16.28 36.31
CA VAL B 470 -15.38 15.82 37.66
C VAL B 470 -16.37 14.68 37.53
N PHE B 471 -16.13 13.59 38.25
CA PHE B 471 -16.95 12.38 38.18
C PHE B 471 -17.56 12.00 39.50
N ASN B 472 -18.67 11.28 39.45
CA ASN B 472 -19.36 10.81 40.65
C ASN B 472 -19.66 9.34 40.49
N PHE B 473 -19.16 8.52 41.43
CA PHE B 473 -19.40 7.09 41.39
C PHE B 473 -20.79 6.73 41.92
N GLN B 474 -21.79 6.91 41.02
CA GLN B 474 -23.24 6.73 41.17
C GLN B 474 -23.70 5.30 40.88
N ASN B 475 -24.93 5.15 40.34
CA ASN B 475 -25.49 3.87 39.97
C ASN B 475 -26.25 3.90 38.63
N VAL B 476 -27.29 4.79 38.50
CA VAL B 476 -28.23 4.93 37.37
C VAL B 476 -29.15 3.65 37.28
N GLY B 477 -29.21 3.01 36.11
CA GLY B 477 -30.04 1.84 35.87
C GLY B 477 -29.43 0.52 36.30
N GLY B 478 -28.93 0.49 37.55
CA GLY B 478 -28.29 -0.69 38.15
C GLY B 478 -26.87 -1.02 37.72
N LYS B 479 -26.25 -0.16 36.87
CA LYS B 479 -24.89 -0.37 36.37
C LYS B 479 -23.94 0.58 37.10
N TYR B 480 -23.27 0.08 38.20
CA TYR B 480 -22.33 0.86 39.04
C TYR B 480 -21.34 1.59 38.15
N SER B 481 -21.43 2.94 38.09
CA SER B 481 -20.61 3.72 37.15
C SER B 481 -20.18 5.10 37.64
N TYR B 482 -19.32 5.76 36.85
CA TYR B 482 -18.85 7.12 37.09
C TYR B 482 -19.63 8.07 36.18
N LEU B 483 -20.44 8.96 36.75
CA LEU B 483 -21.18 9.93 35.95
C LEU B 483 -20.43 11.26 36.01
N LYS B 484 -20.21 11.89 34.84
CA LYS B 484 -19.57 13.20 34.77
C LYS B 484 -20.54 14.20 35.42
N VAL B 485 -20.07 14.90 36.46
CA VAL B 485 -20.88 15.85 37.24
C VAL B 485 -20.30 17.26 37.29
N GLY B 486 -19.26 17.51 36.52
CA GLY B 486 -18.60 18.81 36.49
C GLY B 486 -17.37 18.88 35.62
N HIS B 487 -16.76 20.08 35.57
CA HIS B 487 -15.64 20.43 34.69
C HIS B 487 -14.80 21.57 35.30
N TRP B 488 -13.49 21.63 35.06
CA TRP B 488 -12.60 22.66 35.57
C TRP B 488 -11.65 23.06 34.44
N ALA B 489 -11.61 24.37 34.11
CA ALA B 489 -10.83 24.96 33.01
C ALA B 489 -9.90 26.07 33.51
N GLU B 490 -10.41 26.85 34.46
CA GLU B 490 -9.75 27.94 35.18
C GLU B 490 -10.67 28.22 36.34
N THR B 491 -11.95 27.84 36.19
CA THR B 491 -13.01 27.95 37.18
C THR B 491 -13.74 26.61 37.27
N LEU B 492 -14.48 26.41 38.36
CA LEU B 492 -15.22 25.17 38.58
C LEU B 492 -16.69 25.30 38.15
N SER B 493 -17.18 24.30 37.42
CA SER B 493 -18.58 24.19 37.02
C SER B 493 -19.04 22.79 37.38
N LEU B 494 -20.21 22.67 38.02
CA LEU B 494 -20.74 21.37 38.44
C LEU B 494 -22.26 21.35 38.58
N ASP B 495 -22.90 20.19 38.32
CA ASP B 495 -24.35 20.03 38.55
C ASP B 495 -24.49 19.26 39.84
N VAL B 496 -24.77 20.00 40.91
CA VAL B 496 -24.88 19.50 42.26
C VAL B 496 -26.07 18.53 42.42
N ASN B 497 -27.19 18.79 41.70
CA ASN B 497 -28.39 17.94 41.77
C ASN B 497 -28.15 16.52 41.28
N SER B 498 -27.27 16.36 40.27
CA SER B 498 -26.88 15.06 39.69
C SER B 498 -25.91 14.23 40.55
N ILE B 499 -25.35 14.84 41.62
CA ILE B 499 -24.38 14.21 42.52
C ILE B 499 -25.12 13.38 43.55
N HIS B 500 -24.68 12.13 43.78
CA HIS B 500 -25.26 11.14 44.73
C HIS B 500 -24.23 10.67 45.81
N TRP B 501 -24.73 10.14 46.99
CA TRP B 501 -23.95 9.64 48.15
C TRP B 501 -24.78 8.79 49.16
N ARG C 32 19.71 18.86 -47.18
CA ARG C 32 19.18 17.54 -46.81
C ARG C 32 20.19 16.71 -46.01
N ARG C 33 21.03 17.38 -45.18
CA ARG C 33 22.11 16.79 -44.36
C ARG C 33 21.68 15.60 -43.49
N GLU C 34 22.66 14.71 -43.21
CA GLU C 34 22.48 13.51 -42.40
C GLU C 34 23.81 13.01 -41.82
N ILE C 35 23.74 12.06 -40.88
CA ILE C 35 24.91 11.41 -40.31
C ILE C 35 24.70 9.96 -40.63
N LYS C 36 25.60 9.40 -41.44
CA LYS C 36 25.62 7.98 -41.78
C LYS C 36 26.95 7.41 -41.36
N ILE C 37 26.95 6.62 -40.29
CA ILE C 37 28.14 5.94 -39.79
C ILE C 37 27.78 4.47 -39.94
N GLU C 38 28.51 3.75 -40.81
CA GLU C 38 28.20 2.35 -41.05
C GLU C 38 28.75 1.49 -39.92
N GLY C 39 27.99 0.45 -39.59
CA GLY C 39 28.28 -0.50 -38.53
C GLY C 39 27.62 -1.83 -38.83
N ASP C 40 27.85 -2.81 -37.96
CA ASP C 40 27.28 -4.16 -38.11
C ASP C 40 25.78 -4.10 -37.96
N LEU C 41 25.35 -3.19 -37.10
CA LEU C 41 23.93 -2.87 -36.89
C LEU C 41 23.78 -1.40 -36.71
N VAL C 42 22.87 -0.82 -37.45
CA VAL C 42 22.68 0.64 -37.53
C VAL C 42 21.44 1.09 -36.77
N LEU C 43 21.59 2.15 -35.97
CA LEU C 43 20.49 2.75 -35.24
C LEU C 43 20.07 4.06 -35.91
N GLY C 44 18.78 4.21 -36.08
CA GLY C 44 18.20 5.42 -36.61
C GLY C 44 18.05 6.40 -35.46
N GLY C 45 17.98 7.69 -35.77
CA GLY C 45 17.83 8.70 -34.75
C GLY C 45 17.11 9.90 -35.30
N LEU C 46 16.19 10.47 -34.52
CA LEU C 46 15.44 11.65 -34.95
C LEU C 46 15.47 12.73 -33.88
N PHE C 47 16.15 13.87 -34.16
CA PHE C 47 16.31 14.99 -33.23
C PHE C 47 15.89 16.31 -33.90
N PRO C 48 15.23 17.26 -33.19
CA PRO C 48 14.83 18.51 -33.83
C PRO C 48 16.01 19.49 -33.88
N ILE C 49 17.05 19.18 -34.68
CA ILE C 49 18.26 19.99 -34.85
C ILE C 49 17.86 21.47 -35.16
N ASN C 50 16.84 21.69 -36.06
CA ASN C 50 16.32 22.99 -36.44
C ASN C 50 14.92 23.20 -35.94
N GLU C 51 14.59 24.48 -35.70
CA GLU C 51 13.30 24.95 -35.24
C GLU C 51 12.37 24.93 -36.47
N LYS C 52 11.02 24.95 -36.23
CA LYS C 52 9.96 25.00 -37.25
C LYS C 52 10.15 26.26 -38.12
N GLY C 53 10.24 26.07 -39.44
CA GLY C 53 10.40 27.17 -40.37
C GLY C 53 9.13 27.99 -40.48
N THR C 54 9.26 29.33 -40.49
CA THR C 54 8.10 30.24 -40.57
C THR C 54 7.35 30.10 -41.89
N GLY C 55 6.14 29.53 -41.78
CA GLY C 55 5.17 29.26 -42.84
C GLY C 55 5.70 28.71 -44.16
N THR C 56 6.17 29.64 -45.02
CA THR C 56 6.73 29.39 -46.35
C THR C 56 7.76 28.23 -46.32
N GLU C 57 8.88 28.40 -45.55
CA GLU C 57 9.96 27.43 -45.45
C GLU C 57 9.77 26.39 -44.31
N GLU C 58 10.53 25.29 -44.42
CA GLU C 58 10.52 24.06 -43.61
C GLU C 58 11.31 24.13 -42.30
N CYS C 59 12.56 24.66 -42.36
CA CYS C 59 13.46 24.69 -41.21
C CYS C 59 13.90 26.10 -40.86
N GLY C 60 13.79 26.44 -39.59
CA GLY C 60 14.18 27.74 -39.06
C GLY C 60 15.53 27.73 -38.39
N ARG C 61 15.63 28.39 -37.21
CA ARG C 61 16.82 28.53 -36.37
C ARG C 61 17.40 27.16 -35.96
N ILE C 62 18.62 27.10 -35.37
CA ILE C 62 19.20 25.86 -34.84
C ILE C 62 18.81 25.70 -33.37
N ASN C 63 18.13 24.61 -33.05
CA ASN C 63 17.71 24.30 -31.69
C ASN C 63 18.97 23.82 -30.94
N GLU C 64 19.62 24.74 -30.21
CA GLU C 64 20.90 24.51 -29.53
C GLU C 64 20.88 23.43 -28.45
N ASP C 65 19.99 23.56 -27.45
CA ASP C 65 19.86 22.66 -26.32
C ASP C 65 19.09 21.39 -26.57
N ARG C 66 17.89 21.50 -27.16
CA ARG C 66 17.07 20.32 -27.43
C ARG C 66 17.32 19.67 -28.81
N GLY C 67 18.17 20.29 -29.63
CA GLY C 67 18.51 19.75 -30.94
C GLY C 67 19.90 19.16 -30.96
N ILE C 68 20.89 20.06 -31.06
CA ILE C 68 22.34 19.77 -31.14
C ILE C 68 22.86 18.94 -29.96
N GLN C 69 22.59 19.37 -28.70
CA GLN C 69 23.07 18.67 -27.51
C GLN C 69 22.61 17.22 -27.49
N ARG C 70 21.30 17.00 -27.75
CA ARG C 70 20.67 15.68 -27.76
C ARG C 70 21.24 14.78 -28.85
N LEU C 71 21.48 15.35 -30.05
CA LEU C 71 22.07 14.66 -31.19
C LEU C 71 23.42 14.13 -30.70
N GLU C 72 24.25 15.03 -30.14
CA GLU C 72 25.59 14.74 -29.65
C GLU C 72 25.60 13.72 -28.53
N ALA C 73 24.56 13.71 -27.68
CA ALA C 73 24.40 12.72 -26.62
C ALA C 73 24.25 11.32 -27.20
N MET C 74 23.56 11.19 -28.37
CA MET C 74 23.40 9.91 -29.05
C MET C 74 24.75 9.45 -29.59
N LEU C 75 25.49 10.37 -30.25
CA LEU C 75 26.81 10.13 -30.82
C LEU C 75 27.80 9.70 -29.74
N PHE C 76 27.77 10.40 -28.59
CA PHE C 76 28.58 10.12 -27.42
C PHE C 76 28.27 8.71 -26.87
N ALA C 77 26.97 8.37 -26.70
CA ALA C 77 26.56 7.05 -26.22
C ALA C 77 27.05 5.95 -27.18
N ILE C 78 26.89 6.15 -28.52
CA ILE C 78 27.32 5.20 -29.55
C ILE C 78 28.85 4.97 -29.44
N ASP C 79 29.63 6.05 -29.24
CA ASP C 79 31.08 6.01 -29.05
C ASP C 79 31.45 5.18 -27.84
N GLU C 80 30.76 5.42 -26.68
CA GLU C 80 30.99 4.71 -25.43
C GLU C 80 30.68 3.21 -25.56
N ILE C 81 29.56 2.86 -26.23
CA ILE C 81 29.15 1.46 -26.46
C ILE C 81 30.19 0.78 -27.34
N ASN C 82 30.69 1.47 -28.38
CA ASN C 82 31.70 0.93 -29.30
C ASN C 82 33.09 0.78 -28.66
N LYS C 83 33.28 1.31 -27.43
CA LYS C 83 34.52 1.20 -26.64
C LYS C 83 34.33 0.13 -25.55
N ASP C 84 33.06 -0.23 -25.25
CA ASP C 84 32.67 -1.22 -24.24
C ASP C 84 32.91 -2.65 -24.70
N ASP C 85 33.74 -3.38 -23.94
CA ASP C 85 34.06 -4.77 -24.25
C ASP C 85 33.06 -5.74 -23.59
N TYR C 86 32.14 -5.20 -22.76
CA TYR C 86 31.12 -6.00 -22.09
C TYR C 86 29.73 -5.84 -22.70
N LEU C 87 29.55 -4.79 -23.53
CA LEU C 87 28.29 -4.50 -24.21
C LEU C 87 28.58 -4.43 -25.70
N LEU C 88 28.01 -5.38 -26.46
CA LEU C 88 28.18 -5.62 -27.88
C LEU C 88 29.67 -5.70 -28.36
N PRO C 89 30.56 -6.51 -27.72
CA PRO C 89 31.90 -6.66 -28.30
C PRO C 89 31.75 -7.54 -29.55
N GLY C 90 32.47 -7.22 -30.60
CA GLY C 90 32.35 -7.94 -31.86
C GLY C 90 31.20 -7.45 -32.74
N VAL C 91 30.33 -6.55 -32.18
CA VAL C 91 29.21 -5.92 -32.90
C VAL C 91 29.34 -4.36 -32.82
N LYS C 92 29.82 -3.74 -33.92
CA LYS C 92 29.95 -2.28 -34.02
C LYS C 92 28.61 -1.61 -34.34
N LEU C 93 28.24 -0.58 -33.55
CA LEU C 93 26.99 0.17 -33.75
C LEU C 93 27.18 1.37 -34.66
N GLY C 94 26.50 1.34 -35.79
CA GLY C 94 26.48 2.41 -36.75
C GLY C 94 25.26 3.28 -36.51
N VAL C 95 25.18 4.45 -37.15
CA VAL C 95 24.03 5.35 -36.99
C VAL C 95 23.51 5.92 -38.31
N HIS C 96 22.27 6.41 -38.28
CA HIS C 96 21.64 7.15 -39.36
C HIS C 96 20.75 8.21 -38.69
N ILE C 97 21.38 9.37 -38.41
CA ILE C 97 20.80 10.51 -37.71
C ILE C 97 20.16 11.49 -38.68
N LEU C 98 18.94 11.94 -38.34
CA LEU C 98 18.15 12.84 -39.17
C LEU C 98 17.46 13.95 -38.41
N ASP C 99 17.36 15.10 -39.08
CA ASP C 99 16.69 16.30 -38.61
C ASP C 99 15.19 16.20 -38.89
N THR C 100 14.38 16.59 -37.93
CA THR C 100 12.93 16.55 -38.06
C THR C 100 12.42 17.95 -38.33
N CYS C 101 13.26 18.98 -38.11
CA CYS C 101 12.94 20.41 -38.23
C CYS C 101 11.74 20.79 -37.38
N SER C 102 11.58 20.04 -36.25
CA SER C 102 10.52 20.15 -35.24
C SER C 102 9.09 19.93 -35.84
N ARG C 103 8.98 19.30 -37.04
CA ARG C 103 7.74 19.03 -37.80
C ARG C 103 7.49 17.53 -37.98
N ASP C 104 6.25 17.05 -37.71
CA ASP C 104 5.87 15.64 -37.87
C ASP C 104 5.78 15.27 -39.34
N THR C 105 5.38 16.24 -40.18
CA THR C 105 5.27 16.07 -41.64
C THR C 105 6.64 15.86 -42.27
N TYR C 106 7.64 16.66 -41.88
CA TYR C 106 9.00 16.51 -42.35
C TYR C 106 9.66 15.26 -41.78
N ALA C 107 9.32 14.87 -40.53
CA ALA C 107 9.85 13.68 -39.85
C ALA C 107 9.42 12.40 -40.56
N LEU C 108 8.18 12.37 -41.12
CA LEU C 108 7.66 11.23 -41.88
C LEU C 108 8.45 11.06 -43.19
N GLU C 109 8.80 12.18 -43.85
CA GLU C 109 9.61 12.29 -45.07
C GLU C 109 10.99 11.69 -44.81
N GLN C 110 11.59 12.05 -43.67
CA GLN C 110 12.90 11.59 -43.24
C GLN C 110 12.85 10.12 -42.84
N SER C 111 11.78 9.68 -42.15
CA SER C 111 11.60 8.29 -41.71
C SER C 111 11.46 7.26 -42.83
N LEU C 112 11.11 7.72 -44.05
CA LEU C 112 11.01 6.88 -45.25
C LEU C 112 12.38 6.28 -45.57
N GLU C 113 13.46 7.02 -45.28
CA GLU C 113 14.85 6.62 -45.48
C GLU C 113 15.21 5.40 -44.63
N PHE C 114 14.59 5.26 -43.44
CA PHE C 114 14.82 4.12 -42.56
C PHE C 114 14.16 2.83 -43.08
N VAL C 115 13.09 2.95 -43.90
CA VAL C 115 12.30 1.80 -44.39
C VAL C 115 12.49 1.51 -45.87
N ARG C 116 13.03 2.51 -46.62
CA ARG C 116 13.34 2.45 -48.05
C ARG C 116 14.18 1.19 -48.24
N ALA C 117 15.19 1.04 -47.35
CA ALA C 117 16.13 -0.06 -47.20
C ALA C 117 15.37 -1.38 -47.10
N SER C 118 14.68 -1.59 -45.96
CA SER C 118 13.86 -2.77 -45.64
C SER C 118 12.52 -2.77 -46.45
N LEU C 119 12.60 -2.83 -47.79
CA LEU C 119 11.46 -2.79 -48.71
C LEU C 119 11.89 -3.38 -50.08
N ILE C 140 26.06 2.59 -48.15
CA ILE C 140 25.03 3.53 -48.56
C ILE C 140 23.61 3.00 -48.17
N PRO C 141 23.14 1.80 -48.65
CA PRO C 141 21.80 1.34 -48.22
C PRO C 141 21.84 0.60 -46.85
N LEU C 142 21.73 1.38 -45.73
CA LEU C 142 21.80 0.88 -44.34
C LEU C 142 20.47 0.29 -43.79
N LEU C 143 20.48 -0.99 -43.30
CA LEU C 143 19.30 -1.66 -42.72
C LEU C 143 19.18 -1.32 -41.22
N ILE C 144 18.03 -0.68 -40.81
CA ILE C 144 17.81 -0.12 -39.45
C ILE C 144 17.28 -1.13 -38.39
N ALA C 145 18.12 -1.37 -37.34
CA ALA C 145 17.83 -2.25 -36.20
C ALA C 145 16.79 -1.66 -35.22
N GLY C 146 16.88 -0.35 -34.97
CA GLY C 146 16.00 0.38 -34.06
C GLY C 146 16.09 1.88 -34.27
N VAL C 147 15.12 2.63 -33.76
CA VAL C 147 15.12 4.08 -33.93
C VAL C 147 15.06 4.76 -32.57
N ILE C 148 16.08 5.58 -32.27
CA ILE C 148 16.22 6.34 -31.02
C ILE C 148 15.74 7.74 -31.34
N GLY C 149 14.52 7.81 -31.83
CA GLY C 149 13.98 9.09 -32.25
C GLY C 149 12.72 9.55 -31.57
N GLY C 150 12.44 10.82 -31.79
CA GLY C 150 11.26 11.48 -31.30
C GLY C 150 11.44 12.33 -30.07
N SER C 151 11.42 13.64 -30.28
CA SER C 151 11.43 14.60 -29.21
C SER C 151 9.95 14.97 -29.03
N TYR C 152 9.35 15.68 -29.99
CA TYR C 152 7.94 16.06 -29.97
C TYR C 152 7.06 14.85 -30.15
N SER C 153 5.99 14.77 -29.36
CA SER C 153 5.06 13.64 -29.36
C SER C 153 4.43 13.42 -30.72
N SER C 154 4.12 14.49 -31.46
CA SER C 154 3.50 14.39 -32.78
C SER C 154 4.40 13.66 -33.76
N VAL C 155 5.71 13.97 -33.74
CA VAL C 155 6.65 13.30 -34.65
C VAL C 155 6.80 11.83 -34.23
N SER C 156 6.95 11.54 -32.93
CA SER C 156 7.04 10.16 -32.45
C SER C 156 5.83 9.35 -32.87
N ILE C 157 4.63 9.96 -32.88
CA ILE C 157 3.38 9.31 -33.28
C ILE C 157 3.41 9.00 -34.77
N GLN C 158 3.71 10.01 -35.61
CA GLN C 158 3.82 9.87 -37.07
C GLN C 158 4.81 8.77 -37.46
N VAL C 159 5.99 8.78 -36.83
CA VAL C 159 7.08 7.85 -37.07
C VAL C 159 6.64 6.44 -36.66
N ALA C 160 6.06 6.30 -35.47
CA ALA C 160 5.56 5.02 -34.96
C ALA C 160 4.55 4.36 -35.89
N ASN C 161 3.67 5.17 -36.53
CA ASN C 161 2.66 4.71 -37.46
C ASN C 161 3.33 4.00 -38.62
N LEU C 162 4.48 4.52 -39.08
CA LEU C 162 5.24 3.98 -40.20
C LEU C 162 6.07 2.76 -39.81
N LEU C 163 6.86 2.88 -38.70
CA LEU C 163 7.79 1.87 -38.21
C LEU C 163 7.12 0.60 -37.77
N ARG C 164 5.91 0.64 -37.22
CA ARG C 164 5.21 -0.59 -36.83
C ARG C 164 4.93 -1.52 -38.03
N LEU C 165 4.75 -0.93 -39.23
CA LEU C 165 4.51 -1.63 -40.49
C LEU C 165 5.76 -2.42 -40.97
N PHE C 166 6.92 -2.12 -40.39
CA PHE C 166 8.20 -2.76 -40.73
C PHE C 166 8.83 -3.42 -39.52
N GLN C 167 8.04 -3.60 -38.44
CA GLN C 167 8.46 -4.20 -37.17
C GLN C 167 9.78 -3.59 -36.64
N ILE C 168 9.94 -2.26 -36.74
CA ILE C 168 11.15 -1.59 -36.26
C ILE C 168 10.94 -1.03 -34.84
N PRO C 169 11.71 -1.52 -33.81
CA PRO C 169 11.55 -0.97 -32.45
C PRO C 169 11.97 0.50 -32.37
N GLN C 170 11.19 1.29 -31.59
CA GLN C 170 11.39 2.73 -31.47
C GLN C 170 11.42 3.13 -30.01
N ILE C 171 12.44 3.91 -29.62
CA ILE C 171 12.57 4.43 -28.26
C ILE C 171 12.65 5.97 -28.27
N SER C 172 11.68 6.62 -27.62
CA SER C 172 11.71 8.07 -27.47
C SER C 172 12.40 8.44 -26.14
N TYR C 173 13.17 9.51 -26.16
CA TYR C 173 13.90 10.04 -25.01
C TYR C 173 13.20 11.29 -24.47
N ALA C 174 12.10 11.78 -25.14
CA ALA C 174 11.43 13.02 -24.74
C ALA C 174 9.91 13.07 -24.94
N SER C 175 9.32 12.17 -25.76
CA SER C 175 7.86 12.17 -26.05
C SER C 175 7.03 11.67 -24.85
N THR C 176 6.22 12.58 -24.28
CA THR C 176 5.45 12.31 -23.07
C THR C 176 3.93 12.13 -23.29
N SER C 177 3.38 12.25 -24.52
CA SER C 177 1.92 12.06 -24.75
C SER C 177 1.39 10.73 -24.22
N ALA C 178 0.26 10.81 -23.52
CA ALA C 178 -0.43 9.67 -22.97
C ALA C 178 -0.81 8.65 -24.07
N LYS C 179 -1.14 9.16 -25.28
CA LYS C 179 -1.55 8.42 -26.48
C LYS C 179 -0.62 7.25 -26.82
N LEU C 180 0.70 7.48 -26.73
CA LEU C 180 1.76 6.54 -27.05
C LEU C 180 1.80 5.32 -26.14
N SER C 181 1.14 5.38 -24.97
CA SER C 181 1.05 4.25 -24.04
C SER C 181 0.09 3.15 -24.56
N ASP C 182 -0.74 3.45 -25.60
CA ASP C 182 -1.66 2.50 -26.24
C ASP C 182 -0.87 1.48 -27.08
N LYS C 183 -0.65 0.28 -26.51
CA LYS C 183 0.13 -0.79 -27.16
C LYS C 183 -0.62 -1.49 -28.29
N SER C 184 -1.95 -1.34 -28.37
CA SER C 184 -2.76 -1.90 -29.48
C SER C 184 -2.51 -1.09 -30.77
N ARG C 185 -2.12 0.20 -30.62
CA ARG C 185 -1.84 1.14 -31.69
C ARG C 185 -0.35 1.27 -31.94
N TYR C 186 0.46 1.46 -30.87
CA TYR C 186 1.91 1.68 -30.91
C TYR C 186 2.67 0.49 -30.29
N ASP C 187 2.52 -0.64 -30.97
CA ASP C 187 3.06 -1.92 -30.58
C ASP C 187 4.59 -2.05 -30.63
N TYR C 188 5.32 -1.11 -31.32
CA TYR C 188 6.78 -1.18 -31.41
C TYR C 188 7.48 -0.02 -30.71
N PHE C 189 6.69 0.76 -29.97
CA PHE C 189 7.11 1.95 -29.25
C PHE C 189 7.35 1.75 -27.76
N ALA C 190 8.46 2.31 -27.31
CA ALA C 190 8.86 2.36 -25.91
C ALA C 190 9.47 3.74 -25.70
N ARG C 191 9.71 4.13 -24.44
CA ARG C 191 10.26 5.43 -24.12
C ARG C 191 10.94 5.41 -22.75
N THR C 192 12.04 6.20 -22.60
CA THR C 192 12.75 6.32 -21.32
C THR C 192 12.09 7.40 -20.45
N VAL C 193 10.98 7.93 -20.90
CA VAL C 193 10.26 9.01 -20.21
C VAL C 193 8.83 8.58 -19.82
N PRO C 194 8.18 9.20 -18.79
CA PRO C 194 6.83 8.76 -18.41
C PRO C 194 5.69 9.41 -19.21
N PRO C 195 4.46 8.84 -19.19
CA PRO C 195 3.32 9.50 -19.86
C PRO C 195 2.86 10.76 -19.12
N ASP C 196 2.21 11.66 -19.86
CA ASP C 196 1.73 12.99 -19.46
C ASP C 196 0.65 13.05 -18.37
N PHE C 197 -0.03 11.92 -18.08
CA PHE C 197 -1.08 11.94 -17.06
C PHE C 197 -0.50 12.14 -15.64
N TYR C 198 0.80 11.78 -15.36
CA TYR C 198 1.45 12.05 -14.07
C TYR C 198 1.82 13.51 -13.93
N GLN C 199 2.39 14.12 -14.98
CA GLN C 199 2.79 15.50 -15.05
C GLN C 199 1.60 16.39 -14.77
N ALA C 200 0.44 16.11 -15.38
CA ALA C 200 -0.82 16.85 -15.20
C ALA C 200 -1.32 16.80 -13.73
N LYS C 201 -1.26 15.61 -13.08
CA LYS C 201 -1.58 15.37 -11.67
C LYS C 201 -0.64 16.24 -10.82
N ALA C 202 0.66 16.17 -11.09
CA ALA C 202 1.66 16.96 -10.37
C ALA C 202 1.29 18.46 -10.39
N MET C 203 0.84 18.99 -11.53
CA MET C 203 0.42 20.38 -11.70
C MET C 203 -0.85 20.72 -10.93
N ALA C 204 -1.86 19.84 -10.95
CA ALA C 204 -3.11 20.03 -10.22
C ALA C 204 -2.87 20.08 -8.70
N GLU C 205 -2.01 19.19 -8.23
CA GLU C 205 -1.59 19.12 -6.85
C GLU C 205 -0.98 20.47 -6.48
N ILE C 206 0.08 20.96 -7.22
CA ILE C 206 0.75 22.26 -6.97
C ILE C 206 -0.27 23.41 -6.73
N LEU C 207 -1.26 23.57 -7.63
CA LEU C 207 -2.28 24.62 -7.47
C LEU C 207 -3.16 24.39 -6.25
N ARG C 208 -3.49 23.12 -5.93
CA ARG C 208 -4.31 22.77 -4.77
C ARG C 208 -3.60 23.19 -3.48
N PHE C 209 -2.27 22.96 -3.42
CA PHE C 209 -1.39 23.30 -2.29
C PHE C 209 -1.43 24.81 -2.00
N PHE C 210 -1.40 25.64 -3.06
CA PHE C 210 -1.38 27.10 -2.95
C PHE C 210 -2.75 27.73 -2.98
N ASN C 211 -3.79 26.90 -2.99
CA ASN C 211 -5.20 27.31 -3.03
C ASN C 211 -5.52 28.16 -4.25
N TRP C 212 -4.89 27.82 -5.39
CA TRP C 212 -5.12 28.45 -6.68
C TRP C 212 -6.33 27.72 -7.26
N THR C 213 -7.54 28.17 -6.86
CA THR C 213 -8.82 27.56 -7.17
C THR C 213 -9.52 28.12 -8.40
N TYR C 214 -9.04 29.25 -8.97
CA TYR C 214 -9.62 29.85 -10.17
C TYR C 214 -8.47 30.25 -11.09
N VAL C 215 -8.17 29.35 -12.06
CA VAL C 215 -7.03 29.45 -12.96
C VAL C 215 -7.42 29.48 -14.44
N SER C 216 -6.51 29.97 -15.30
CA SER C 216 -6.70 29.95 -16.74
C SER C 216 -5.75 28.90 -17.29
N THR C 217 -6.07 28.33 -18.46
CA THR C 217 -5.21 27.33 -19.10
C THR C 217 -4.95 27.74 -20.52
N VAL C 218 -3.78 27.38 -21.05
CA VAL C 218 -3.46 27.58 -22.45
C VAL C 218 -2.57 26.42 -22.86
N ALA C 219 -3.01 25.68 -23.89
CA ALA C 219 -2.28 24.52 -24.35
C ALA C 219 -2.07 24.51 -25.84
N SER C 220 -0.92 23.92 -26.26
CA SER C 220 -0.51 23.72 -27.64
C SER C 220 -1.45 22.76 -28.35
N GLU C 221 -1.88 23.14 -29.56
CA GLU C 221 -2.73 22.29 -30.37
C GLU C 221 -1.78 21.23 -30.90
N GLY C 222 -2.06 19.99 -30.52
CA GLY C 222 -1.26 18.85 -30.91
C GLY C 222 -1.41 17.68 -29.98
N ASP C 223 -0.63 16.65 -30.24
CA ASP C 223 -0.66 15.44 -29.44
C ASP C 223 -0.20 15.61 -28.00
N TYR C 224 0.88 16.36 -27.78
CA TYR C 224 1.41 16.60 -26.44
C TYR C 224 0.49 17.52 -25.61
N GLY C 225 0.15 18.67 -26.19
CA GLY C 225 -0.65 19.73 -25.59
C GLY C 225 -2.04 19.36 -25.15
N GLU C 226 -2.92 19.00 -26.12
CA GLU C 226 -4.37 18.68 -25.98
C GLU C 226 -4.71 17.57 -24.98
N THR C 227 -4.05 16.39 -25.09
CA THR C 227 -4.30 15.26 -24.16
C THR C 227 -3.77 15.55 -22.77
N GLY C 228 -2.64 16.26 -22.72
CA GLY C 228 -2.03 16.67 -21.47
C GLY C 228 -2.91 17.62 -20.70
N ILE C 229 -3.60 18.52 -21.43
CA ILE C 229 -4.47 19.53 -20.85
C ILE C 229 -5.75 18.91 -20.38
N GLU C 230 -6.34 18.02 -21.19
CA GLU C 230 -7.53 17.21 -20.92
C GLU C 230 -7.30 16.50 -19.58
N ALA C 231 -6.12 15.87 -19.40
CA ALA C 231 -5.74 15.18 -18.16
C ALA C 231 -5.70 16.13 -16.97
N PHE C 232 -5.15 17.34 -17.18
CA PHE C 232 -5.05 18.36 -16.14
C PHE C 232 -6.44 18.77 -15.67
N GLU C 233 -7.35 19.06 -16.63
CA GLU C 233 -8.70 19.48 -16.35
C GLU C 233 -9.50 18.47 -15.50
N GLN C 234 -9.23 17.15 -15.68
CA GLN C 234 -9.86 16.10 -14.87
C GLN C 234 -9.34 16.18 -13.42
N GLU C 235 -8.01 16.26 -13.24
CA GLU C 235 -7.34 16.34 -11.94
C GLU C 235 -7.73 17.60 -11.17
N ALA C 236 -7.79 18.75 -11.87
CA ALA C 236 -8.17 20.05 -11.31
C ALA C 236 -9.58 19.99 -10.73
N ARG C 237 -10.54 19.42 -11.51
CA ARG C 237 -11.95 19.24 -11.14
C ARG C 237 -12.11 18.38 -9.89
N LEU C 238 -11.27 17.31 -9.75
CA LEU C 238 -11.26 16.42 -8.59
C LEU C 238 -10.76 17.14 -7.34
N ARG C 239 -10.10 18.30 -7.53
CA ARG C 239 -9.51 19.11 -6.47
C ARG C 239 -10.24 20.44 -6.29
N ASN C 240 -11.46 20.55 -6.87
CA ASN C 240 -12.33 21.74 -6.80
C ASN C 240 -11.66 23.02 -7.35
N ILE C 241 -10.79 22.85 -8.38
CA ILE C 241 -10.11 23.94 -9.10
C ILE C 241 -10.94 24.22 -10.37
N SER C 242 -11.38 25.48 -10.52
CA SER C 242 -12.20 25.93 -11.65
C SER C 242 -11.32 26.54 -12.72
N ILE C 243 -11.71 26.40 -13.99
CA ILE C 243 -10.97 26.93 -15.12
C ILE C 243 -11.72 28.17 -15.70
N ALA C 244 -11.11 29.36 -15.57
CA ALA C 244 -11.63 30.66 -16.02
C ALA C 244 -11.77 30.71 -17.52
N THR C 245 -10.67 30.50 -18.25
CA THR C 245 -10.64 30.45 -19.71
C THR C 245 -9.67 29.34 -20.13
N ALA C 246 -10.01 28.63 -21.21
CA ALA C 246 -9.18 27.55 -21.73
C ALA C 246 -8.85 27.86 -23.16
N GLU C 247 -7.61 28.32 -23.40
CA GLU C 247 -7.18 28.70 -24.73
C GLU C 247 -6.35 27.59 -25.40
N LYS C 248 -6.42 27.52 -26.76
CA LYS C 248 -5.67 26.57 -27.62
C LYS C 248 -4.92 27.38 -28.68
N VAL C 249 -3.67 26.97 -28.99
CA VAL C 249 -2.75 27.67 -29.91
C VAL C 249 -1.89 26.73 -30.75
N GLY C 250 -1.60 27.10 -32.00
CA GLY C 250 -0.65 26.33 -32.81
C GLY C 250 -1.02 25.42 -33.98
N ARG C 251 -2.30 24.89 -34.09
CA ARG C 251 -2.67 24.02 -35.24
C ARG C 251 -3.00 24.94 -36.46
N SER C 252 -2.03 25.84 -36.70
CA SER C 252 -1.86 26.98 -37.59
C SER C 252 -1.04 27.93 -36.69
N ASN C 253 -1.61 29.12 -36.36
CA ASN C 253 -1.11 30.21 -35.49
C ASN C 253 0.23 30.92 -35.97
N ILE C 254 0.46 32.14 -35.41
CA ILE C 254 1.58 33.07 -35.57
C ILE C 254 1.24 34.43 -34.90
N ARG C 255 2.28 35.02 -34.28
CA ARG C 255 2.42 36.29 -33.55
C ARG C 255 1.18 36.84 -32.78
N LYS C 256 0.01 37.15 -33.43
CA LYS C 256 -1.11 37.75 -32.68
C LYS C 256 -2.44 36.92 -32.52
N SER C 257 -2.41 35.57 -32.66
CA SER C 257 -3.53 34.76 -32.19
C SER C 257 -3.05 34.61 -30.74
N TYR C 258 -1.71 34.65 -30.58
CA TYR C 258 -0.97 34.68 -29.33
C TYR C 258 -1.28 36.00 -28.59
N ASP C 259 -1.48 37.12 -29.34
CA ASP C 259 -1.92 38.40 -28.78
C ASP C 259 -3.40 38.34 -28.40
N SER C 260 -4.20 37.58 -29.18
CA SER C 260 -5.63 37.41 -28.90
C SER C 260 -5.83 36.53 -27.66
N VAL C 261 -4.96 35.53 -27.47
CA VAL C 261 -5.06 34.65 -26.31
C VAL C 261 -4.66 35.40 -25.04
N ILE C 262 -3.63 36.29 -25.12
CA ILE C 262 -3.19 37.16 -24.01
C ILE C 262 -4.35 38.10 -23.62
N ARG C 263 -5.07 38.64 -24.64
CA ARG C 263 -6.26 39.48 -24.46
C ARG C 263 -7.37 38.72 -23.73
N GLU C 264 -7.54 37.42 -24.03
CA GLU C 264 -8.52 36.55 -23.38
C GLU C 264 -8.13 36.29 -21.92
N LEU C 265 -6.82 36.15 -21.66
CA LEU C 265 -6.29 35.92 -20.31
C LEU C 265 -6.49 37.16 -19.44
N LEU C 266 -6.24 38.37 -20.00
CA LEU C 266 -6.40 39.64 -19.28
C LEU C 266 -7.87 39.97 -19.00
N GLN C 267 -8.81 39.41 -19.82
CA GLN C 267 -10.26 39.57 -19.67
C GLN C 267 -10.81 38.91 -18.39
N LYS C 268 -10.00 38.05 -17.73
CA LYS C 268 -10.32 37.36 -16.47
C LYS C 268 -9.20 37.73 -15.46
N PRO C 269 -9.18 38.99 -14.93
CA PRO C 269 -8.09 39.41 -14.02
C PRO C 269 -8.03 38.64 -12.70
N ASN C 270 -9.16 38.01 -12.36
CA ASN C 270 -9.43 37.16 -11.20
C ASN C 270 -8.49 35.94 -11.18
N ALA C 271 -8.17 35.37 -12.37
CA ALA C 271 -7.28 34.21 -12.58
C ALA C 271 -5.86 34.70 -12.93
N ARG C 272 -5.04 34.98 -11.89
CA ARG C 272 -3.63 35.41 -12.02
C ARG C 272 -2.67 34.25 -12.42
N VAL C 273 -3.04 32.99 -12.05
CA VAL C 273 -2.30 31.76 -12.33
C VAL C 273 -2.76 31.16 -13.66
N VAL C 274 -1.80 31.01 -14.61
CA VAL C 274 -2.06 30.44 -15.94
C VAL C 274 -1.31 29.12 -16.11
N VAL C 275 -2.05 28.01 -16.27
CA VAL C 275 -1.48 26.68 -16.46
C VAL C 275 -1.17 26.47 -17.95
N LEU C 276 0.08 26.09 -18.26
CA LEU C 276 0.57 25.88 -19.61
C LEU C 276 1.09 24.46 -19.91
N PHE C 277 0.49 23.82 -20.93
CA PHE C 277 0.90 22.51 -21.47
C PHE C 277 1.18 22.81 -22.96
N MET C 278 2.32 23.44 -23.25
CA MET C 278 2.66 23.88 -24.61
C MET C 278 4.02 23.39 -25.07
N ARG C 279 4.16 23.14 -26.39
CA ARG C 279 5.47 22.80 -26.95
C ARG C 279 6.36 24.06 -26.84
N SER C 280 7.68 23.85 -26.69
CA SER C 280 8.74 24.84 -26.53
C SER C 280 8.56 26.08 -27.45
N ASP C 281 8.32 25.84 -28.75
CA ASP C 281 8.13 26.91 -29.73
C ASP C 281 6.87 27.78 -29.51
N ASP C 282 5.74 27.19 -29.02
CA ASP C 282 4.52 27.94 -28.76
C ASP C 282 4.63 28.78 -27.49
N SER C 283 5.42 28.29 -26.52
CA SER C 283 5.68 28.94 -25.24
C SER C 283 6.49 30.21 -25.43
N ARG C 284 7.51 30.13 -26.29
CA ARG C 284 8.37 31.25 -26.66
C ARG C 284 7.50 32.38 -27.30
N GLU C 285 6.50 32.03 -28.15
CA GLU C 285 5.54 32.94 -28.80
C GLU C 285 4.55 33.54 -27.81
N LEU C 286 4.05 32.73 -26.87
CA LEU C 286 3.08 33.14 -25.86
C LEU C 286 3.71 34.12 -24.87
N ILE C 287 4.93 33.79 -24.39
CA ILE C 287 5.71 34.61 -23.49
C ILE C 287 6.08 35.96 -24.13
N ALA C 288 6.47 35.93 -25.42
CA ALA C 288 6.80 37.12 -26.20
C ALA C 288 5.56 38.02 -26.29
N ALA C 289 4.36 37.41 -26.47
CA ALA C 289 3.07 38.11 -26.56
C ALA C 289 2.71 38.74 -25.22
N ALA C 290 2.95 38.01 -24.11
CA ALA C 290 2.71 38.47 -22.75
C ALA C 290 3.62 39.67 -22.45
N SER C 291 4.88 39.60 -22.89
CA SER C 291 5.87 40.66 -22.73
C SER C 291 5.46 41.95 -23.50
N ARG C 292 4.92 41.81 -24.72
CA ARG C 292 4.43 42.92 -25.55
C ARG C 292 3.32 43.73 -24.87
N ALA C 293 2.39 43.07 -24.18
CA ALA C 293 1.29 43.73 -23.50
C ALA C 293 1.53 43.83 -21.98
N ASN C 294 2.80 43.60 -21.55
CA ASN C 294 3.26 43.64 -20.15
C ASN C 294 2.34 42.86 -19.20
N ALA C 295 1.82 41.72 -19.67
CA ALA C 295 0.91 40.90 -18.90
C ALA C 295 1.61 40.06 -17.86
N SER C 296 1.56 40.50 -16.60
CA SER C 296 2.17 39.69 -15.56
C SER C 296 1.12 38.66 -15.04
N PHE C 297 1.51 37.37 -15.14
CA PHE C 297 0.78 36.21 -14.69
C PHE C 297 1.75 35.30 -13.96
N THR C 298 1.20 34.43 -13.13
CA THR C 298 2.00 33.41 -12.47
C THR C 298 1.86 32.18 -13.36
N TRP C 299 2.88 31.92 -14.17
CA TRP C 299 2.87 30.81 -15.10
C TRP C 299 3.19 29.51 -14.39
N VAL C 300 2.36 28.48 -14.60
CA VAL C 300 2.59 27.13 -14.11
C VAL C 300 2.68 26.31 -15.39
N ALA C 301 3.89 25.93 -15.81
CA ALA C 301 4.14 25.25 -17.09
C ALA C 301 4.69 23.84 -17.00
N SER C 302 4.31 22.98 -17.96
CA SER C 302 4.74 21.58 -18.09
C SER C 302 6.24 21.42 -18.56
N ASP C 303 6.65 20.20 -18.98
CA ASP C 303 8.02 19.92 -19.43
C ASP C 303 8.39 20.53 -20.80
N GLY C 304 7.38 21.04 -21.52
CA GLY C 304 7.55 21.68 -22.81
C GLY C 304 8.36 22.94 -22.67
N TRP C 305 8.12 23.69 -21.57
CA TRP C 305 8.85 24.89 -21.20
C TRP C 305 10.08 24.40 -20.40
N GLY C 306 9.82 23.63 -19.33
CA GLY C 306 10.85 23.05 -18.47
C GLY C 306 11.79 24.09 -17.92
N ALA C 307 13.08 23.78 -17.91
CA ALA C 307 14.12 24.68 -17.40
C ALA C 307 14.95 25.31 -18.56
N GLN C 308 14.25 25.69 -19.64
CA GLN C 308 14.87 26.27 -20.82
C GLN C 308 15.05 27.75 -20.70
N GLU C 309 16.29 28.19 -20.84
CA GLU C 309 16.63 29.61 -20.78
C GLU C 309 16.45 30.32 -22.16
N SER C 310 16.12 29.56 -23.22
CA SER C 310 15.91 30.11 -24.57
C SER C 310 14.57 30.82 -24.66
N ILE C 311 13.55 30.27 -24.00
CA ILE C 311 12.16 30.76 -23.97
C ILE C 311 12.16 32.16 -23.39
N ILE C 312 12.70 32.28 -22.18
CA ILE C 312 12.75 33.49 -21.36
C ILE C 312 13.69 34.57 -21.93
N LYS C 313 14.59 34.20 -22.87
CA LYS C 313 15.59 35.12 -23.42
C LYS C 313 14.96 36.29 -24.11
N GLY C 314 15.15 37.46 -23.49
CA GLY C 314 14.61 38.73 -23.95
C GLY C 314 13.35 39.14 -23.21
N SER C 315 12.67 38.17 -22.59
CA SER C 315 11.43 38.42 -21.84
C SER C 315 11.49 37.82 -20.41
N GLU C 316 12.63 38.05 -19.73
CA GLU C 316 12.93 37.56 -18.39
C GLU C 316 11.99 38.10 -17.31
N HIS C 317 11.53 39.34 -17.50
CA HIS C 317 10.66 40.05 -16.56
C HIS C 317 9.26 39.55 -16.51
N VAL C 318 8.65 39.26 -17.68
CA VAL C 318 7.26 38.77 -17.78
C VAL C 318 7.09 37.32 -17.24
N ALA C 319 8.18 36.55 -17.20
CA ALA C 319 8.21 35.16 -16.77
C ALA C 319 8.83 35.00 -15.38
N TYR C 320 8.98 36.11 -14.65
CA TYR C 320 9.57 35.99 -13.32
C TYR C 320 8.69 35.15 -12.42
N GLY C 321 9.34 34.29 -11.65
CA GLY C 321 8.67 33.42 -10.70
C GLY C 321 7.72 32.40 -11.31
N ALA C 322 7.98 32.02 -12.59
CA ALA C 322 7.19 31.01 -13.28
C ALA C 322 7.59 29.65 -12.74
N ILE C 323 6.57 28.84 -12.32
CA ILE C 323 6.73 27.48 -11.78
C ILE C 323 6.70 26.55 -12.97
N THR C 324 7.75 25.76 -13.17
CA THR C 324 7.79 24.84 -14.30
C THR C 324 8.11 23.43 -13.84
N LEU C 325 7.71 22.45 -14.62
CA LEU C 325 8.01 21.05 -14.34
C LEU C 325 8.96 20.57 -15.40
N GLU C 326 9.78 19.60 -15.04
CA GLU C 326 10.72 18.99 -15.94
C GLU C 326 11.02 17.63 -15.35
N LEU C 327 11.15 16.58 -16.21
CA LEU C 327 11.41 15.21 -15.76
C LEU C 327 12.60 15.14 -14.83
N ALA C 328 12.46 14.40 -13.73
CA ALA C 328 13.54 14.25 -12.78
C ALA C 328 14.72 13.52 -13.43
N SER C 329 15.85 14.21 -13.50
CA SER C 329 17.08 13.70 -14.10
C SER C 329 18.32 14.30 -13.42
N GLN C 330 19.48 13.64 -13.64
CA GLN C 330 20.77 14.05 -13.13
C GLN C 330 21.75 14.19 -14.28
N PRO C 331 22.61 15.25 -14.29
CA PRO C 331 23.52 15.43 -15.44
C PRO C 331 24.56 14.32 -15.60
N VAL C 332 24.84 13.97 -16.87
CA VAL C 332 25.84 12.99 -17.25
C VAL C 332 27.15 13.81 -17.32
N ARG C 333 27.95 13.72 -16.25
CA ARG C 333 29.20 14.47 -16.12
C ARG C 333 30.15 14.15 -17.27
N GLN C 334 30.20 12.86 -17.68
CA GLN C 334 31.02 12.38 -18.80
C GLN C 334 30.62 13.11 -20.07
N PHE C 335 29.32 13.38 -20.27
CA PHE C 335 28.83 14.10 -21.44
C PHE C 335 29.37 15.54 -21.48
N ASP C 336 29.30 16.26 -20.34
CA ASP C 336 29.80 17.64 -20.23
C ASP C 336 31.22 17.78 -20.78
N ARG C 337 32.11 16.83 -20.42
CA ARG C 337 33.52 16.71 -20.87
C ARG C 337 33.59 16.62 -22.40
N TYR C 338 32.83 15.68 -22.98
CA TYR C 338 32.71 15.40 -24.42
C TYR C 338 32.19 16.61 -25.19
N PHE C 339 31.04 17.15 -24.77
CA PHE C 339 30.39 18.29 -25.42
C PHE C 339 31.23 19.55 -25.37
N GLN C 340 31.91 19.77 -24.26
CA GLN C 340 32.78 20.94 -24.09
C GLN C 340 34.05 20.80 -24.95
N SER C 341 34.44 19.55 -25.25
CA SER C 341 35.59 19.22 -26.09
C SER C 341 35.36 19.43 -27.61
N LEU C 342 34.10 19.70 -28.01
CA LEU C 342 33.71 19.88 -29.42
C LEU C 342 33.93 21.32 -29.90
N ASN C 343 34.38 21.45 -31.17
CA ASN C 343 34.63 22.72 -31.87
C ASN C 343 34.55 22.50 -33.39
N PRO C 344 34.61 23.55 -34.26
CA PRO C 344 34.51 23.29 -35.71
C PRO C 344 35.71 22.55 -36.31
N TYR C 345 36.86 22.67 -35.64
CA TYR C 345 38.17 22.15 -36.01
C TYR C 345 38.35 20.64 -35.75
N ASN C 346 37.34 19.98 -35.13
CA ASN C 346 37.41 18.55 -34.82
C ASN C 346 36.11 17.79 -35.09
N ASN C 347 34.97 18.51 -35.06
CA ASN C 347 33.67 17.89 -35.26
C ASN C 347 33.18 17.96 -36.72
N HIS C 348 33.62 17.02 -37.56
CA HIS C 348 33.16 17.05 -38.93
C HIS C 348 32.18 15.93 -39.24
N ARG C 349 31.88 15.05 -38.26
CA ARG C 349 30.86 14.02 -38.45
C ARG C 349 29.46 14.61 -38.34
N ASN C 350 29.31 15.77 -37.65
CA ASN C 350 28.03 16.49 -37.47
C ASN C 350 27.94 17.63 -38.51
N PRO C 351 27.14 17.44 -39.61
CA PRO C 351 27.03 18.50 -40.62
C PRO C 351 26.34 19.78 -40.17
N TRP C 352 25.62 19.77 -39.03
CA TRP C 352 24.92 20.93 -38.51
C TRP C 352 25.73 21.72 -37.49
N PHE C 353 26.90 21.17 -37.04
CA PHE C 353 27.74 21.81 -36.01
C PHE C 353 28.26 23.21 -36.38
N ARG C 354 28.61 23.46 -37.67
CA ARG C 354 29.12 24.77 -38.09
C ARG C 354 28.03 25.84 -37.97
N ASP C 355 26.79 25.48 -38.34
CA ASP C 355 25.64 26.39 -38.25
C ASP C 355 25.31 26.70 -36.80
N PHE C 356 25.45 25.67 -35.92
CA PHE C 356 25.24 25.76 -34.48
C PHE C 356 26.24 26.75 -33.88
N TRP C 357 27.53 26.56 -34.19
CA TRP C 357 28.64 27.38 -33.71
C TRP C 357 28.44 28.87 -34.06
N GLU C 358 28.11 29.16 -35.34
CA GLU C 358 27.84 30.49 -35.85
C GLU C 358 26.66 31.18 -35.14
N GLN C 359 25.60 30.42 -34.83
CA GLN C 359 24.41 30.95 -34.15
C GLN C 359 24.71 31.23 -32.68
N LYS C 360 25.26 30.21 -31.98
CA LYS C 360 25.63 30.25 -30.56
C LYS C 360 26.55 31.43 -30.22
N PHE C 361 27.57 31.65 -31.07
CA PHE C 361 28.56 32.67 -30.83
C PHE C 361 28.42 33.94 -31.68
N GLN C 362 27.36 34.04 -32.52
CA GLN C 362 27.11 35.22 -33.39
C GLN C 362 28.32 35.45 -34.33
N CYS C 363 28.52 34.44 -35.23
CA CYS C 363 29.60 34.33 -36.21
C CYS C 363 29.17 34.61 -37.63
N SER C 364 30.20 34.67 -38.47
CA SER C 364 30.20 34.81 -39.91
C SER C 364 31.57 34.18 -40.28
N LEU C 365 31.75 33.80 -41.56
CA LEU C 365 33.00 33.22 -42.05
C LEU C 365 33.37 33.79 -43.45
N GLN C 366 32.83 33.20 -44.56
CA GLN C 366 33.01 33.63 -45.96
C GLN C 366 32.06 32.88 -46.91
N ARG C 373 30.04 38.73 -37.60
CA ARG C 373 31.20 39.06 -36.77
C ARG C 373 32.18 37.89 -36.77
N VAL C 374 33.47 38.15 -37.10
CA VAL C 374 34.52 37.12 -37.13
C VAL C 374 34.69 36.44 -35.76
N CYS C 375 34.72 35.11 -35.77
CA CYS C 375 34.82 34.37 -34.53
C CYS C 375 36.22 33.81 -34.27
N ASP C 376 36.78 34.08 -33.07
CA ASP C 376 38.13 33.65 -32.74
C ASP C 376 38.23 32.15 -32.46
N LYS C 377 39.42 31.56 -32.73
CA LYS C 377 39.70 30.13 -32.54
C LYS C 377 40.06 29.81 -31.08
N HIS C 378 39.55 30.64 -30.17
CA HIS C 378 39.66 30.51 -28.72
C HIS C 378 38.25 30.41 -28.16
N LEU C 379 37.28 30.37 -29.03
CA LEU C 379 35.95 30.22 -28.55
C LEU C 379 35.79 28.76 -28.24
N ALA C 380 35.17 28.50 -27.10
CA ALA C 380 34.99 27.16 -26.55
C ALA C 380 33.72 27.03 -25.77
N ILE C 381 33.13 25.82 -25.87
CA ILE C 381 31.93 25.50 -25.09
C ILE C 381 32.45 25.16 -23.69
N ASP C 382 31.95 25.92 -22.68
CA ASP C 382 32.37 25.77 -21.30
C ASP C 382 31.25 26.16 -20.36
N SER C 383 31.46 25.92 -19.05
CA SER C 383 30.50 26.21 -17.96
C SER C 383 29.99 27.66 -17.93
N SER C 384 30.69 28.59 -18.62
CA SER C 384 30.30 29.99 -18.70
C SER C 384 29.24 30.26 -19.78
N ASN C 385 29.14 29.38 -20.79
CA ASN C 385 28.20 29.53 -21.89
C ASN C 385 27.41 28.25 -22.18
N TYR C 386 27.48 27.27 -21.29
CA TYR C 386 26.79 26.01 -21.52
C TYR C 386 26.28 25.35 -20.25
N GLU C 387 25.05 24.80 -20.37
CA GLU C 387 24.35 24.06 -19.33
C GLU C 387 23.75 22.83 -19.99
N GLN C 388 23.97 21.66 -19.36
CA GLN C 388 23.48 20.37 -19.86
C GLN C 388 21.96 20.37 -19.91
N GLU C 389 21.41 20.02 -21.07
CA GLU C 389 19.97 19.90 -21.29
C GLU C 389 19.43 18.79 -20.36
N SER C 390 18.29 19.05 -19.72
CA SER C 390 17.66 18.14 -18.76
C SER C 390 17.42 16.69 -19.24
N LYS C 391 17.07 16.48 -20.52
CA LYS C 391 16.74 15.13 -21.01
C LYS C 391 17.93 14.34 -21.61
N ILE C 392 19.18 14.84 -21.43
CA ILE C 392 20.38 14.17 -21.94
C ILE C 392 20.50 12.74 -21.38
N MET C 393 20.28 12.56 -20.06
CA MET C 393 20.25 11.28 -19.35
C MET C 393 19.32 10.27 -20.09
N PHE C 394 18.11 10.72 -20.50
CA PHE C 394 17.12 9.92 -21.23
C PHE C 394 17.58 9.53 -22.64
N VAL C 395 18.38 10.38 -23.33
CA VAL C 395 18.92 10.09 -24.67
C VAL C 395 19.93 8.94 -24.53
N VAL C 396 20.87 9.09 -23.57
CA VAL C 396 21.95 8.19 -23.18
C VAL C 396 21.38 6.82 -22.77
N ASN C 397 20.28 6.81 -22.00
CA ASN C 397 19.58 5.62 -21.59
C ASN C 397 18.85 4.95 -22.75
N ALA C 398 18.24 5.73 -23.68
CA ALA C 398 17.53 5.17 -24.84
C ALA C 398 18.48 4.40 -25.78
N VAL C 399 19.68 4.96 -26.05
CA VAL C 399 20.68 4.32 -26.90
C VAL C 399 21.13 3.01 -26.23
N TYR C 400 21.45 3.10 -24.91
CA TYR C 400 21.89 1.98 -24.11
C TYR C 400 20.85 0.87 -23.98
N ALA C 401 19.55 1.26 -23.88
CA ALA C 401 18.41 0.34 -23.80
C ALA C 401 18.41 -0.52 -25.06
N MET C 402 18.48 0.12 -26.24
CA MET C 402 18.52 -0.54 -27.54
C MET C 402 19.75 -1.47 -27.62
N ALA C 403 20.94 -1.00 -27.14
CA ALA C 403 22.22 -1.75 -27.14
C ALA C 403 22.13 -3.01 -26.27
N HIS C 404 21.59 -2.88 -25.04
CA HIS C 404 21.42 -3.97 -24.10
C HIS C 404 20.47 -5.04 -24.59
N ALA C 405 19.40 -4.61 -25.28
CA ALA C 405 18.42 -5.51 -25.87
C ALA C 405 19.15 -6.33 -26.93
N LEU C 406 19.84 -5.65 -27.87
CA LEU C 406 20.57 -6.28 -28.98
C LEU C 406 21.67 -7.21 -28.51
N HIS C 407 22.35 -6.81 -27.45
CA HIS C 407 23.42 -7.59 -26.83
C HIS C 407 22.84 -8.84 -26.17
N LYS C 408 21.65 -8.74 -25.54
CA LYS C 408 21.03 -9.90 -24.91
C LYS C 408 20.53 -10.88 -25.97
N MET C 409 19.91 -10.38 -27.08
CA MET C 409 19.44 -11.18 -28.22
C MET C 409 20.63 -11.88 -28.84
N GLN C 410 21.78 -11.17 -28.91
CA GLN C 410 23.06 -11.67 -29.41
C GLN C 410 23.54 -12.88 -28.58
N ARG C 411 23.56 -12.81 -27.27
CA ARG C 411 23.99 -13.95 -26.49
C ARG C 411 23.00 -15.11 -26.52
N THR C 412 21.73 -14.79 -26.71
CA THR C 412 20.69 -15.81 -26.78
C THR C 412 20.76 -16.57 -28.11
N LEU C 413 20.88 -15.86 -29.24
CA LEU C 413 20.91 -16.48 -30.56
C LEU C 413 22.32 -16.87 -31.07
N CYS C 414 23.39 -16.21 -30.57
CA CYS C 414 24.78 -16.51 -30.96
C CYS C 414 25.62 -16.73 -29.68
N PRO C 415 25.39 -17.82 -28.90
CA PRO C 415 26.18 -18.00 -27.65
C PRO C 415 27.65 -18.38 -27.89
N ASN C 416 27.93 -18.91 -29.09
CA ASN C 416 29.20 -19.42 -29.59
C ASN C 416 30.20 -18.34 -30.06
N THR C 417 29.72 -17.11 -30.34
CA THR C 417 30.51 -16.00 -30.88
C THR C 417 30.13 -14.66 -30.28
N THR C 418 30.95 -13.62 -30.56
CA THR C 418 30.72 -12.23 -30.17
C THR C 418 30.12 -11.51 -31.38
N LYS C 419 30.23 -12.17 -32.55
CA LYS C 419 29.78 -11.68 -33.85
C LYS C 419 28.30 -11.91 -34.15
N LEU C 420 27.81 -11.25 -35.21
CA LEU C 420 26.45 -11.30 -35.74
C LEU C 420 26.31 -12.63 -36.49
N CYS C 421 25.79 -13.65 -35.80
CA CYS C 421 25.63 -14.99 -36.38
C CYS C 421 24.61 -15.06 -37.50
N ASP C 422 24.48 -16.25 -38.10
CA ASP C 422 23.54 -16.55 -39.17
C ASP C 422 22.10 -16.47 -38.66
N ALA C 423 21.89 -16.89 -37.38
CA ALA C 423 20.61 -16.89 -36.67
C ALA C 423 20.16 -15.45 -36.28
N MET C 424 21.05 -14.46 -36.46
CA MET C 424 20.81 -13.06 -36.11
C MET C 424 20.97 -12.09 -37.28
N LYS C 425 21.51 -12.55 -38.44
CA LYS C 425 21.69 -11.72 -39.64
C LYS C 425 20.33 -11.16 -40.14
N ILE C 426 19.30 -12.04 -40.15
CA ILE C 426 17.93 -11.71 -40.50
C ILE C 426 17.24 -11.38 -39.16
N LEU C 427 17.27 -10.08 -38.79
CA LEU C 427 16.73 -9.57 -37.52
C LEU C 427 15.21 -9.64 -37.43
N ASP C 428 14.68 -10.12 -36.28
CA ASP C 428 13.25 -10.24 -36.01
C ASP C 428 12.88 -9.14 -35.00
N GLY C 429 12.43 -8.01 -35.53
CA GLY C 429 12.04 -6.84 -34.75
C GLY C 429 10.96 -7.09 -33.71
N LYS C 430 9.99 -7.98 -34.04
CA LYS C 430 8.88 -8.37 -33.16
C LYS C 430 9.47 -9.00 -31.91
N LYS C 431 10.31 -10.03 -32.06
CA LYS C 431 10.96 -10.75 -30.97
C LYS C 431 11.90 -9.86 -30.17
N LEU C 432 12.72 -9.05 -30.84
CA LEU C 432 13.63 -8.10 -30.19
C LEU C 432 12.88 -7.07 -29.33
N TYR C 433 11.76 -6.53 -29.84
CA TYR C 433 10.94 -5.57 -29.08
C TYR C 433 10.27 -6.28 -27.89
N LYS C 434 9.38 -7.26 -28.20
CA LYS C 434 8.55 -8.01 -27.25
C LYS C 434 9.33 -8.76 -26.20
N ASP C 435 10.14 -9.76 -26.61
CA ASP C 435 10.93 -10.61 -25.74
C ASP C 435 12.14 -9.95 -25.08
N TYR C 436 12.93 -9.15 -25.82
CA TYR C 436 14.15 -8.61 -25.26
C TYR C 436 14.06 -7.18 -24.68
N LEU C 437 13.79 -6.13 -25.51
CA LEU C 437 13.73 -4.70 -25.13
C LEU C 437 13.10 -4.40 -23.74
N LEU C 438 12.19 -5.24 -23.25
CA LEU C 438 11.67 -5.06 -21.90
C LEU C 438 12.51 -5.94 -20.89
N LYS C 439 13.50 -5.27 -20.22
CA LYS C 439 14.51 -5.76 -19.26
C LYS C 439 14.97 -4.61 -18.31
N ILE C 440 16.04 -4.85 -17.47
CA ILE C 440 16.62 -3.86 -16.51
C ILE C 440 18.16 -3.74 -16.60
N ASN C 441 18.68 -2.49 -16.70
CA ASN C 441 20.13 -2.14 -16.74
C ASN C 441 20.42 -0.90 -15.89
N PHE C 442 21.57 -0.85 -15.17
CA PHE C 442 21.92 0.33 -14.36
C PHE C 442 22.52 1.44 -15.25
N THR C 443 21.92 2.65 -15.15
CA THR C 443 22.24 3.87 -15.92
C THR C 443 23.74 3.97 -16.11
N ALA C 444 24.13 3.88 -17.39
CA ALA C 444 25.48 3.92 -17.93
C ALA C 444 26.57 4.62 -17.04
N PRO C 445 27.72 3.94 -16.83
CA PRO C 445 28.79 4.49 -15.99
C PRO C 445 29.45 5.76 -16.57
N ASN C 449 24.97 6.71 -7.96
CA ASN C 449 24.42 5.78 -6.98
C ASN C 449 23.25 4.96 -7.51
N LYS C 450 23.24 3.65 -7.20
CA LYS C 450 22.16 2.73 -7.57
C LYS C 450 20.95 2.92 -6.64
N ASP C 451 21.22 3.55 -5.46
CA ASP C 451 20.35 3.84 -4.31
C ASP C 451 18.92 4.34 -4.65
N ALA C 452 18.74 5.63 -5.03
CA ALA C 452 17.44 6.23 -5.31
C ALA C 452 16.84 5.79 -6.68
N ASP C 453 16.84 4.46 -6.96
CA ASP C 453 16.39 3.80 -8.19
C ASP C 453 17.05 4.40 -9.47
N SER C 454 18.15 3.78 -9.92
CA SER C 454 18.93 4.24 -11.08
C SER C 454 18.70 3.41 -12.35
N ILE C 455 18.07 2.24 -12.22
CA ILE C 455 17.83 1.26 -13.29
C ILE C 455 16.95 1.77 -14.44
N VAL C 456 17.31 1.38 -15.66
CA VAL C 456 16.62 1.69 -16.91
C VAL C 456 15.75 0.46 -17.23
N LYS C 457 14.44 0.64 -17.21
CA LYS C 457 13.46 -0.41 -17.45
C LYS C 457 12.17 0.18 -18.03
N PHE C 458 11.33 -0.68 -18.59
CA PHE C 458 10.06 -0.24 -19.16
C PHE C 458 8.89 -0.89 -18.48
N ASP C 459 7.75 -0.16 -18.50
CA ASP C 459 6.43 -0.55 -18.00
C ASP C 459 5.88 -1.63 -18.90
N THR C 460 4.78 -2.25 -18.50
CA THR C 460 4.05 -3.19 -19.37
C THR C 460 3.68 -2.42 -20.67
N PHE C 461 3.59 -1.07 -20.56
CA PHE C 461 3.23 -0.16 -21.63
C PHE C 461 4.43 0.50 -22.28
N GLY C 462 5.64 0.06 -21.93
CA GLY C 462 6.87 0.58 -22.49
C GLY C 462 7.21 2.01 -22.09
N ASP C 463 6.68 2.47 -20.95
CA ASP C 463 6.90 3.83 -20.43
C ASP C 463 7.92 3.88 -19.28
N GLY C 464 8.44 5.09 -19.03
CA GLY C 464 9.34 5.39 -17.93
C GLY C 464 8.60 5.75 -16.65
N MET C 465 9.38 6.02 -15.56
CA MET C 465 8.83 6.34 -14.23
C MET C 465 8.43 7.80 -14.06
N GLY C 466 7.22 8.01 -13.54
CA GLY C 466 6.60 9.33 -13.32
C GLY C 466 7.16 10.14 -12.17
N ARG C 467 8.37 10.72 -12.39
CA ARG C 467 9.17 11.53 -11.45
C ARG C 467 9.49 12.90 -12.07
N TYR C 468 9.13 13.99 -11.40
CA TYR C 468 9.33 15.35 -11.93
C TYR C 468 9.98 16.25 -10.91
N ASN C 469 10.73 17.26 -11.40
CA ASN C 469 11.36 18.29 -10.58
C ASN C 469 10.61 19.57 -10.84
N VAL C 470 10.37 20.34 -9.78
CA VAL C 470 9.68 21.63 -9.84
C VAL C 470 10.72 22.75 -9.82
N PHE C 471 10.60 23.69 -10.74
CA PHE C 471 11.56 24.78 -10.91
C PHE C 471 10.95 26.17 -10.74
N ASN C 472 11.83 27.15 -10.47
CA ASN C 472 11.43 28.53 -10.30
C ASN C 472 12.39 29.46 -11.01
N PHE C 473 11.82 30.36 -11.81
CA PHE C 473 12.60 31.36 -12.52
C PHE C 473 12.84 32.55 -11.56
N GLN C 474 14.11 32.74 -11.13
CA GLN C 474 14.48 33.78 -10.17
C GLN C 474 15.53 34.77 -10.63
N ASN C 475 15.98 35.66 -9.71
CA ASN C 475 16.99 36.71 -9.96
C ASN C 475 18.44 36.28 -9.71
N VAL C 476 18.67 35.44 -8.65
CA VAL C 476 19.99 34.88 -8.24
C VAL C 476 21.14 35.96 -8.21
N GLY C 477 22.32 35.64 -8.75
CA GLY C 477 23.42 36.59 -8.77
C GLY C 477 23.29 37.56 -9.92
N GLY C 478 22.14 38.24 -9.96
CA GLY C 478 21.76 39.11 -11.07
C GLY C 478 21.32 38.26 -12.25
N LYS C 479 21.93 37.05 -12.33
CA LYS C 479 21.81 35.95 -13.27
C LYS C 479 20.45 35.25 -13.14
N TYR C 480 19.54 35.56 -14.09
CA TYR C 480 18.21 34.95 -14.18
C TYR C 480 18.38 33.46 -14.48
N SER C 481 17.92 32.59 -13.56
CA SER C 481 18.04 31.13 -13.71
C SER C 481 16.83 30.38 -13.16
N TYR C 482 16.82 29.03 -13.36
CA TYR C 482 15.77 28.17 -12.84
C TYR C 482 16.32 27.45 -11.62
N LEU C 483 15.74 27.71 -10.44
CA LEU C 483 16.16 27.02 -9.21
C LEU C 483 15.17 25.90 -8.91
N LYS C 484 15.69 24.69 -8.63
CA LYS C 484 14.86 23.54 -8.26
C LYS C 484 14.23 23.87 -6.90
N VAL C 485 12.90 23.83 -6.83
CA VAL C 485 12.15 24.19 -5.63
C VAL C 485 11.17 23.09 -5.16
N GLY C 486 11.24 21.91 -5.77
CA GLY C 486 10.36 20.80 -5.44
C GLY C 486 10.53 19.57 -6.29
N HIS C 487 9.78 18.52 -5.96
CA HIS C 487 9.80 17.22 -6.61
C HIS C 487 8.42 16.54 -6.53
N TRP C 488 8.14 15.61 -7.46
CA TRP C 488 6.90 14.84 -7.50
C TRP C 488 7.24 13.41 -7.92
N ALA C 489 6.80 12.42 -7.12
CA ALA C 489 7.00 11.00 -7.40
C ALA C 489 5.64 10.31 -7.43
N GLU C 490 4.85 10.55 -6.40
CA GLU C 490 3.49 10.03 -6.21
C GLU C 490 2.79 11.07 -5.35
N THR C 491 3.60 11.86 -4.64
CA THR C 491 3.19 12.97 -3.78
C THR C 491 4.08 14.18 -4.11
N LEU C 492 3.68 15.33 -3.61
CA LEU C 492 4.40 16.57 -3.87
C LEU C 492 5.22 17.07 -2.69
N SER C 493 6.47 17.34 -2.94
CA SER C 493 7.37 17.89 -1.95
C SER C 493 7.95 19.19 -2.52
N LEU C 494 7.91 20.27 -1.74
CA LEU C 494 8.41 21.56 -2.19
C LEU C 494 8.88 22.44 -1.05
N ASP C 495 9.93 23.25 -1.29
CA ASP C 495 10.42 24.24 -0.32
C ASP C 495 9.85 25.58 -0.75
N VAL C 496 8.76 25.96 -0.09
CA VAL C 496 8.00 27.18 -0.35
C VAL C 496 8.83 28.42 -0.03
N ASN C 497 9.69 28.37 1.00
CA ASN C 497 10.56 29.49 1.42
C ASN C 497 11.57 29.90 0.33
N SER C 498 12.07 28.93 -0.43
CA SER C 498 13.02 29.16 -1.53
C SER C 498 12.36 29.72 -2.82
N ILE C 499 11.02 29.71 -2.90
CA ILE C 499 10.27 30.19 -4.06
C ILE C 499 10.17 31.70 -4.04
N HIS C 500 10.40 32.34 -5.20
CA HIS C 500 10.30 33.79 -5.35
C HIS C 500 9.29 34.14 -6.44
N TRP C 501 8.34 35.01 -6.11
CA TRP C 501 7.29 35.46 -7.03
C TRP C 501 7.23 37.01 -6.99
N SER C 502 8.20 37.73 -7.66
CA SER C 502 8.22 39.20 -7.62
C SER C 502 7.26 39.79 -8.64
N SER C 505 5.08 37.51 -0.95
CA SER C 505 3.66 37.14 -1.01
C SER C 505 3.41 36.03 -2.04
N VAL C 506 2.59 35.02 -1.66
CA VAL C 506 2.19 33.92 -2.55
C VAL C 506 0.92 34.41 -3.30
N PRO C 507 0.95 34.39 -4.66
CA PRO C 507 -0.19 34.89 -5.45
C PRO C 507 -1.60 34.38 -5.12
N THR C 508 -2.62 35.18 -5.49
CA THR C 508 -4.06 34.92 -5.29
C THR C 508 -4.81 34.76 -6.64
N SER C 509 -5.57 33.66 -6.78
CA SER C 509 -6.34 33.28 -7.95
C SER C 509 -7.59 32.50 -7.47
N GLU C 510 -8.65 33.24 -7.07
CA GLU C 510 -9.91 32.67 -6.55
C GLU C 510 -11.13 33.53 -6.85
N GLU D . -9.86 -28.22 -3.84
CA GLU D . -10.22 -27.30 -2.76
C GLU D . -11.32 -27.79 -1.83
O GLU D . -11.61 -29.11 -2.02
CB GLU D . -10.65 -25.91 -3.24
CG GLU D . -9.74 -25.49 -4.38
CD GLU D . -9.47 -24.02 -4.43
OE1 GLU D . -10.09 -23.10 -3.86
OE2 GLU D . -8.44 -23.68 -5.23
OXT GLU D . -11.88 -27.14 -0.98
I IOD E . -5.37 -10.40 -9.08
I IOD F . -13.51 -27.22 3.33
I IOD G . -16.74 -21.10 -1.84
I IOD H . -2.05 -18.75 16.70
I IOD I . -9.98 -3.99 28.66
I IOD J . 4.91 3.48 33.45
I IOD K . 4.46 7.67 41.10
I IOD L . 24.48 24.73 -25.98
I IOD M . 3.31 18.05 -30.27
I IOD N . 11.50 15.77 -33.02
#